data_1UK5
#
_entry.id   1UK5
#
_entity_poly.entity_id   1
_entity_poly.type   'polypeptide(L)'
_entity_poly.pdbx_seq_one_letter_code
;GSSGSSGAPAEPAAPKSGEAETPPKHPGVLKVEAILEKVQGLEQAVDSFEGKKTDKKYLMIEEYLTKELLALDSVDPEGR
ADVRQARRDGVRKVQTILEKLEQKASGPSSG
;
_entity_poly.pdbx_strand_id   A
#
# COMPACT_ATOMS: atom_id res chain seq x y z
N GLY A 1 -9.40 7.69 14.21
CA GLY A 1 -8.75 8.39 13.13
C GLY A 1 -9.56 9.63 12.72
N SER A 2 -8.91 10.49 11.94
CA SER A 2 -9.55 11.70 11.48
C SER A 2 -9.17 11.97 10.03
N SER A 3 -10.07 11.58 9.12
CA SER A 3 -9.85 11.77 7.71
C SER A 3 -8.56 11.06 7.28
N GLY A 4 -8.38 10.97 5.97
CA GLY A 4 -7.20 10.32 5.42
C GLY A 4 -7.34 10.12 3.91
N SER A 5 -6.70 11.02 3.17
CA SER A 5 -6.76 10.95 1.72
C SER A 5 -5.83 12.00 1.12
N SER A 6 -4.81 11.53 0.41
CA SER A 6 -3.85 12.42 -0.21
C SER A 6 -2.95 11.63 -1.16
N GLY A 7 -2.33 12.36 -2.08
CA GLY A 7 -1.43 11.74 -3.05
C GLY A 7 -0.91 12.77 -4.06
N ALA A 8 -0.28 12.27 -5.10
CA ALA A 8 0.27 13.14 -6.13
C ALA A 8 0.87 12.27 -7.24
N PRO A 9 -0.03 11.79 -8.15
CA PRO A 9 0.39 10.95 -9.26
C PRO A 9 1.07 11.79 -10.33
N ALA A 10 2.40 11.86 -10.24
CA ALA A 10 3.18 12.62 -11.20
C ALA A 10 4.63 12.14 -11.16
N GLU A 11 4.89 11.09 -11.93
CA GLU A 11 6.22 10.52 -12.00
C GLU A 11 6.52 10.03 -13.42
N PRO A 12 7.58 10.64 -14.02
CA PRO A 12 7.97 10.28 -15.37
C PRO A 12 8.69 8.93 -15.38
N ALA A 13 8.84 8.38 -16.58
CA ALA A 13 9.51 7.11 -16.74
C ALA A 13 9.97 6.95 -18.20
N ALA A 14 11.28 6.95 -18.37
CA ALA A 14 11.85 6.81 -19.70
C ALA A 14 13.28 6.26 -19.58
N PRO A 15 13.35 4.97 -19.17
CA PRO A 15 14.63 4.31 -19.01
C PRO A 15 15.24 3.94 -20.37
N LYS A 16 16.49 4.31 -20.54
CA LYS A 16 17.19 4.01 -21.79
C LYS A 16 18.65 4.42 -21.64
N SER A 17 19.47 3.92 -22.58
CA SER A 17 20.89 4.22 -22.57
C SER A 17 21.21 5.25 -23.65
N GLY A 18 20.92 6.51 -23.33
CA GLY A 18 21.17 7.59 -24.26
C GLY A 18 22.11 8.63 -23.64
N GLU A 19 23.39 8.46 -23.91
CA GLU A 19 24.40 9.37 -23.39
C GLU A 19 23.89 10.81 -23.45
N ALA A 20 24.44 11.63 -22.57
CA ALA A 20 24.05 13.04 -22.51
C ALA A 20 22.57 13.13 -22.11
N GLU A 21 22.15 14.36 -21.87
CA GLU A 21 20.76 14.59 -21.47
C GLU A 21 20.50 14.03 -20.08
N THR A 22 19.29 14.26 -19.59
CA THR A 22 18.90 13.78 -18.28
C THR A 22 19.31 12.32 -18.11
N PRO A 23 19.73 11.98 -16.86
CA PRO A 23 20.16 10.63 -16.55
C PRO A 23 18.95 9.70 -16.42
N PRO A 24 19.25 8.37 -16.42
CA PRO A 24 18.21 7.36 -16.32
C PRO A 24 17.68 7.27 -14.89
N LYS A 25 16.61 6.51 -14.73
CA LYS A 25 16.00 6.33 -13.43
C LYS A 25 16.81 5.32 -12.62
N HIS A 26 16.65 5.39 -11.31
CA HIS A 26 17.36 4.48 -10.42
C HIS A 26 16.60 3.16 -10.32
N PRO A 27 17.38 2.04 -10.31
CA PRO A 27 16.80 0.72 -10.22
C PRO A 27 16.31 0.42 -8.81
N GLY A 28 17.07 0.91 -7.85
CA GLY A 28 16.72 0.72 -6.44
C GLY A 28 15.35 1.32 -6.13
N VAL A 29 14.99 2.33 -6.91
CA VAL A 29 13.72 3.01 -6.71
C VAL A 29 12.64 2.27 -7.50
N LEU A 30 12.86 2.17 -8.80
CA LEU A 30 11.91 1.50 -9.67
C LEU A 30 11.45 0.20 -9.00
N LYS A 31 12.37 -0.43 -8.28
CA LYS A 31 12.08 -1.67 -7.61
C LYS A 31 10.85 -1.47 -6.72
N VAL A 32 10.81 -0.33 -6.05
CA VAL A 32 9.70 0.00 -5.16
C VAL A 32 8.52 0.48 -5.99
N GLU A 33 8.83 1.38 -6.92
CA GLU A 33 7.81 1.94 -7.79
C GLU A 33 7.04 0.82 -8.50
N ALA A 34 7.75 -0.26 -8.76
CA ALA A 34 7.15 -1.40 -9.43
C ALA A 34 6.10 -2.03 -8.52
N ILE A 35 6.46 -2.15 -7.25
CA ILE A 35 5.55 -2.73 -6.26
C ILE A 35 4.39 -1.76 -6.01
N LEU A 36 4.76 -0.54 -5.63
CA LEU A 36 3.76 0.49 -5.35
C LEU A 36 2.69 0.45 -6.44
N GLU A 37 3.14 0.46 -7.69
CA GLU A 37 2.23 0.44 -8.81
C GLU A 37 1.12 -0.60 -8.59
N LYS A 38 1.53 -1.72 -8.00
CA LYS A 38 0.59 -2.79 -7.72
C LYS A 38 -0.29 -2.40 -6.52
N VAL A 39 0.37 -1.93 -5.48
CA VAL A 39 -0.32 -1.51 -4.27
C VAL A 39 -1.58 -0.73 -4.66
N GLN A 40 -1.37 0.29 -5.49
CA GLN A 40 -2.48 1.11 -5.94
C GLN A 40 -3.71 0.26 -6.22
N GLY A 41 -3.47 -0.90 -6.82
CA GLY A 41 -4.55 -1.82 -7.15
C GLY A 41 -5.20 -2.36 -5.87
N LEU A 42 -4.36 -2.74 -4.93
CA LEU A 42 -4.84 -3.29 -3.67
C LEU A 42 -5.59 -2.18 -2.91
N GLU A 43 -5.21 -0.95 -3.18
CA GLU A 43 -5.83 0.19 -2.54
C GLU A 43 -7.25 0.40 -3.08
N GLN A 44 -7.33 0.46 -4.40
CA GLN A 44 -8.62 0.65 -5.06
C GLN A 44 -9.67 -0.29 -4.46
N ALA A 45 -9.22 -1.47 -4.11
CA ALA A 45 -10.10 -2.47 -3.52
C ALA A 45 -10.58 -1.98 -2.16
N VAL A 46 -9.63 -1.50 -1.37
CA VAL A 46 -9.95 -1.00 -0.04
C VAL A 46 -10.96 0.14 -0.15
N ASP A 47 -10.54 1.20 -0.83
CA ASP A 47 -11.39 2.36 -1.02
C ASP A 47 -12.79 1.89 -1.46
N SER A 48 -12.81 0.73 -2.10
CA SER A 48 -14.07 0.16 -2.57
C SER A 48 -14.25 -1.24 -2.01
N PHE A 49 -13.90 -1.38 -0.73
CA PHE A 49 -14.02 -2.66 -0.07
C PHE A 49 -15.22 -2.67 0.88
N GLU A 50 -15.51 -3.85 1.42
CA GLU A 50 -16.63 -4.01 2.33
C GLU A 50 -16.60 -5.39 2.97
N GLY A 51 -16.75 -5.40 4.29
CA GLY A 51 -16.75 -6.65 5.04
C GLY A 51 -16.29 -6.42 6.48
N LYS A 52 -15.31 -7.22 6.89
CA LYS A 52 -14.78 -7.11 8.24
C LYS A 52 -13.30 -7.50 8.23
N LYS A 53 -12.75 -7.61 9.43
CA LYS A 53 -11.34 -7.97 9.57
C LYS A 53 -11.21 -9.49 9.58
N THR A 54 -12.34 -10.15 9.70
CA THR A 54 -12.37 -11.60 9.71
C THR A 54 -12.71 -12.15 8.32
N ASP A 55 -13.65 -11.48 7.68
CA ASP A 55 -14.07 -11.89 6.34
C ASP A 55 -12.85 -12.31 5.53
N LYS A 56 -13.07 -13.28 4.65
CA LYS A 56 -11.99 -13.79 3.80
C LYS A 56 -11.54 -12.68 2.84
N LYS A 57 -12.52 -12.08 2.19
CA LYS A 57 -12.25 -11.01 1.24
C LYS A 57 -11.16 -10.10 1.81
N TYR A 58 -11.32 -9.77 3.08
CA TYR A 58 -10.36 -8.91 3.75
C TYR A 58 -8.98 -9.57 3.83
N LEU A 59 -9.00 -10.86 4.15
CA LEU A 59 -7.77 -11.62 4.26
C LEU A 59 -6.99 -11.51 2.94
N MET A 60 -7.73 -11.59 1.85
CA MET A 60 -7.12 -11.51 0.53
C MET A 60 -6.37 -10.19 0.36
N ILE A 61 -7.07 -9.10 0.64
CA ILE A 61 -6.49 -7.77 0.52
C ILE A 61 -5.42 -7.59 1.59
N GLU A 62 -5.73 -8.06 2.79
CA GLU A 62 -4.82 -7.96 3.90
C GLU A 62 -3.47 -8.58 3.53
N GLU A 63 -3.53 -9.84 3.13
CA GLU A 63 -2.32 -10.57 2.74
C GLU A 63 -1.68 -9.91 1.51
N TYR A 64 -2.53 -9.56 0.56
CA TYR A 64 -2.05 -8.94 -0.66
C TYR A 64 -1.27 -7.65 -0.36
N LEU A 65 -1.81 -6.88 0.59
CA LEU A 65 -1.17 -5.64 0.99
C LEU A 65 0.24 -5.94 1.51
N THR A 66 0.28 -6.78 2.53
CA THR A 66 1.56 -7.15 3.13
C THR A 66 2.51 -7.71 2.07
N LYS A 67 1.96 -8.58 1.23
CA LYS A 67 2.74 -9.19 0.17
C LYS A 67 3.66 -8.14 -0.46
N GLU A 68 3.08 -6.96 -0.67
CA GLU A 68 3.82 -5.86 -1.26
C GLU A 68 4.87 -5.33 -0.27
N LEU A 69 4.44 -5.21 0.97
CA LEU A 69 5.32 -4.73 2.02
C LEU A 69 6.65 -5.49 1.97
N LEU A 70 6.55 -6.80 2.14
CA LEU A 70 7.73 -7.64 2.11
C LEU A 70 8.54 -7.33 0.87
N ALA A 71 7.83 -7.05 -0.22
CA ALA A 71 8.48 -6.73 -1.48
C ALA A 71 9.13 -5.35 -1.38
N LEU A 72 8.54 -4.51 -0.54
CA LEU A 72 9.04 -3.16 -0.34
C LEU A 72 10.28 -3.22 0.55
N ASP A 73 10.26 -4.14 1.50
CA ASP A 73 11.37 -4.31 2.42
C ASP A 73 12.49 -5.07 1.72
N SER A 74 12.10 -6.06 0.93
CA SER A 74 13.06 -6.87 0.21
C SER A 74 14.09 -5.97 -0.49
N VAL A 75 13.66 -4.74 -0.75
CA VAL A 75 14.53 -3.78 -1.41
C VAL A 75 15.64 -3.36 -0.45
N ASP A 76 16.87 -3.42 -0.95
CA ASP A 76 18.03 -3.05 -0.15
C ASP A 76 18.59 -1.72 -0.66
N PRO A 77 18.29 -0.64 0.13
CA PRO A 77 18.76 0.69 -0.23
C PRO A 77 20.25 0.84 0.06
N GLU A 78 20.71 0.09 1.05
CA GLU A 78 22.11 0.13 1.43
C GLU A 78 22.44 1.48 2.08
N GLY A 79 22.22 2.54 1.32
CA GLY A 79 22.50 3.88 1.80
C GLY A 79 22.11 4.93 0.75
N ARG A 80 20.98 4.68 0.10
CA ARG A 80 20.50 5.59 -0.92
C ARG A 80 19.15 6.18 -0.51
N ALA A 81 19.14 7.49 -0.31
CA ALA A 81 17.92 8.18 0.09
C ALA A 81 16.86 7.96 -0.98
N ASP A 82 17.22 8.31 -2.21
CA ASP A 82 16.30 8.16 -3.33
C ASP A 82 15.54 6.84 -3.18
N VAL A 83 16.25 5.84 -2.70
CA VAL A 83 15.66 4.52 -2.51
C VAL A 83 14.94 4.48 -1.17
N ARG A 84 15.69 4.77 -0.11
CA ARG A 84 15.13 4.77 1.23
C ARG A 84 13.79 5.52 1.25
N GLN A 85 13.84 6.76 0.80
CA GLN A 85 12.65 7.59 0.76
C GLN A 85 11.50 6.84 0.09
N ALA A 86 11.81 6.28 -1.07
CA ALA A 86 10.81 5.53 -1.82
C ALA A 86 10.31 4.36 -0.98
N ARG A 87 11.27 3.65 -0.39
CA ARG A 87 10.94 2.51 0.45
C ARG A 87 10.02 2.93 1.59
N ARG A 88 10.53 3.84 2.42
CA ARG A 88 9.76 4.33 3.56
C ARG A 88 8.41 4.88 3.09
N ASP A 89 8.39 5.32 1.84
CA ASP A 89 7.17 5.86 1.26
C ASP A 89 6.23 4.71 0.90
N GLY A 90 6.72 3.85 0.02
CA GLY A 90 5.93 2.71 -0.42
C GLY A 90 5.40 1.92 0.77
N VAL A 91 6.28 1.69 1.74
CA VAL A 91 5.91 0.95 2.93
C VAL A 91 4.86 1.74 3.70
N ARG A 92 5.14 3.02 3.90
CA ARG A 92 4.23 3.89 4.63
C ARG A 92 2.88 3.95 3.92
N LYS A 93 2.93 3.87 2.59
CA LYS A 93 1.73 3.90 1.78
C LYS A 93 0.86 2.69 2.10
N VAL A 94 1.37 1.53 1.70
CA VAL A 94 0.66 0.28 1.94
C VAL A 94 0.09 0.28 3.36
N GLN A 95 0.96 0.56 4.31
CA GLN A 95 0.56 0.59 5.71
C GLN A 95 -0.76 1.36 5.86
N THR A 96 -0.76 2.58 5.35
CA THR A 96 -1.95 3.42 5.42
C THR A 96 -3.16 2.69 4.85
N ILE A 97 -2.89 1.88 3.82
CA ILE A 97 -3.94 1.12 3.17
C ILE A 97 -4.45 0.04 4.12
N LEU A 98 -3.51 -0.59 4.81
CA LEU A 98 -3.84 -1.65 5.75
C LEU A 98 -4.68 -1.06 6.88
N GLU A 99 -4.21 0.06 7.42
CA GLU A 99 -4.90 0.73 8.50
C GLU A 99 -6.30 1.16 8.05
N LYS A 100 -6.41 1.42 6.75
CA LYS A 100 -7.69 1.84 6.19
C LYS A 100 -8.59 0.61 6.00
N LEU A 101 -7.99 -0.43 5.45
CA LEU A 101 -8.72 -1.67 5.20
C LEU A 101 -9.47 -2.07 6.47
N GLU A 102 -8.70 -2.46 7.48
CA GLU A 102 -9.27 -2.87 8.75
C GLU A 102 -10.46 -1.97 9.11
N GLN A 103 -10.28 -0.68 8.84
CA GLN A 103 -11.33 0.29 9.13
C GLN A 103 -12.51 0.10 8.18
N LYS A 104 -12.19 -0.01 6.90
CA LYS A 104 -13.20 -0.19 5.88
C LYS A 104 -14.07 -1.41 6.23
N ALA A 105 -13.42 -2.40 6.83
CA ALA A 105 -14.12 -3.61 7.23
C ALA A 105 -14.95 -3.32 8.48
N SER A 106 -14.36 -2.56 9.38
CA SER A 106 -15.04 -2.20 10.61
C SER A 106 -16.07 -1.10 10.35
N GLY A 107 -16.15 -0.70 9.10
CA GLY A 107 -17.08 0.35 8.69
C GLY A 107 -16.34 1.59 8.20
N PRO A 108 -16.81 2.12 7.04
CA PRO A 108 -16.20 3.30 6.46
C PRO A 108 -16.60 4.56 7.23
N SER A 109 -16.06 5.69 6.77
CA SER A 109 -16.36 6.96 7.41
C SER A 109 -15.75 8.10 6.59
N SER A 110 -16.60 8.72 5.77
CA SER A 110 -16.17 9.82 4.94
C SER A 110 -17.38 10.49 4.30
N GLY A 111 -17.70 11.67 4.81
CA GLY A 111 -18.82 12.44 4.30
C GLY A 111 -19.41 13.34 5.38
N GLY A 1 -6.54 -15.99 13.02
CA GLY A 1 -6.81 -14.67 13.58
C GLY A 1 -6.28 -14.56 15.01
N SER A 2 -5.08 -13.99 15.12
CA SER A 2 -4.45 -13.82 16.41
C SER A 2 -3.37 -12.73 16.33
N SER A 3 -3.14 -12.09 17.47
CA SER A 3 -2.14 -11.04 17.53
C SER A 3 -2.57 -9.86 16.66
N GLY A 4 -2.55 -8.68 17.27
CA GLY A 4 -2.94 -7.47 16.56
C GLY A 4 -3.49 -6.41 17.53
N SER A 5 -2.74 -5.34 17.67
CA SER A 5 -3.14 -4.25 18.56
C SER A 5 -2.14 -3.11 18.47
N SER A 6 -2.67 -1.89 18.48
CA SER A 6 -1.82 -0.70 18.41
C SER A 6 -2.62 0.52 18.85
N GLY A 7 -1.92 1.65 18.91
CA GLY A 7 -2.55 2.89 19.31
C GLY A 7 -3.65 3.30 18.32
N ALA A 8 -3.88 4.60 18.24
CA ALA A 8 -4.89 5.13 17.35
C ALA A 8 -4.39 6.44 16.73
N PRO A 9 -3.35 6.31 15.87
CA PRO A 9 -2.77 7.47 15.20
C PRO A 9 -3.69 7.97 14.09
N ALA A 10 -3.25 9.05 13.46
CA ALA A 10 -4.02 9.64 12.37
C ALA A 10 -3.06 10.32 11.39
N GLU A 11 -2.97 9.73 10.21
CA GLU A 11 -2.09 10.25 9.17
C GLU A 11 -2.86 10.38 7.86
N PRO A 12 -3.00 11.65 7.39
CA PRO A 12 -3.69 11.93 6.15
C PRO A 12 -2.84 11.55 4.93
N ALA A 13 -3.48 11.54 3.78
CA ALA A 13 -2.79 11.19 2.55
C ALA A 13 -2.13 12.44 1.96
N ALA A 14 -1.75 12.34 0.70
CA ALA A 14 -1.11 13.45 0.01
C ALA A 14 -0.48 12.95 -1.29
N PRO A 15 0.38 11.90 -1.15
CA PRO A 15 1.04 11.32 -2.30
C PRO A 15 0.08 10.47 -3.12
N LYS A 16 0.19 10.60 -4.44
CA LYS A 16 -0.67 9.86 -5.34
C LYS A 16 0.03 9.74 -6.71
N SER A 17 -0.50 8.84 -7.53
CA SER A 17 0.06 8.62 -8.86
C SER A 17 -0.97 7.91 -9.73
N GLY A 18 -0.84 8.14 -11.03
CA GLY A 18 -1.75 7.54 -12.00
C GLY A 18 -0.98 6.69 -13.01
N GLU A 19 -0.29 7.37 -13.90
CA GLU A 19 0.49 6.69 -14.93
C GLU A 19 1.13 7.71 -15.88
N ALA A 20 2.31 7.37 -16.35
CA ALA A 20 3.04 8.24 -17.26
C ALA A 20 4.33 7.55 -17.70
N GLU A 21 4.94 8.11 -18.73
CA GLU A 21 6.18 7.57 -19.25
C GLU A 21 7.13 7.22 -18.11
N THR A 22 8.03 6.29 -18.38
CA THR A 22 8.99 5.86 -17.39
C THR A 22 10.41 5.88 -17.97
N PRO A 23 11.10 7.03 -17.74
CA PRO A 23 12.46 7.19 -18.23
C PRO A 23 13.45 6.39 -17.39
N PRO A 24 14.70 6.28 -17.92
CA PRO A 24 15.74 5.53 -17.23
C PRO A 24 16.29 6.34 -16.05
N LYS A 25 16.30 5.68 -14.90
CA LYS A 25 16.78 6.31 -13.68
C LYS A 25 17.54 5.28 -12.84
N HIS A 26 17.09 5.14 -11.60
CA HIS A 26 17.70 4.20 -10.69
C HIS A 26 16.76 3.01 -10.47
N PRO A 27 17.37 1.79 -10.46
CA PRO A 27 16.61 0.57 -10.26
C PRO A 27 16.20 0.41 -8.80
N GLY A 28 17.08 0.86 -7.91
CA GLY A 28 16.83 0.77 -6.49
C GLY A 28 15.45 1.36 -6.15
N VAL A 29 15.10 2.42 -6.85
CA VAL A 29 13.83 3.08 -6.63
C VAL A 29 12.72 2.29 -7.32
N LEU A 30 12.87 2.15 -8.63
CA LEU A 30 11.90 1.42 -9.44
C LEU A 30 11.53 0.13 -8.71
N LYS A 31 12.53 -0.46 -8.06
CA LYS A 31 12.33 -1.69 -7.33
C LYS A 31 11.08 -1.57 -6.45
N VAL A 32 10.79 -0.34 -6.05
CA VAL A 32 9.64 -0.06 -5.21
C VAL A 32 8.45 0.32 -6.10
N GLU A 33 8.72 1.22 -7.02
CA GLU A 33 7.69 1.69 -7.95
C GLU A 33 6.94 0.49 -8.54
N ALA A 34 7.69 -0.58 -8.77
CA ALA A 34 7.11 -1.78 -9.34
C ALA A 34 6.06 -2.35 -8.39
N ILE A 35 6.30 -2.13 -7.10
CA ILE A 35 5.40 -2.62 -6.07
C ILE A 35 4.25 -1.62 -5.92
N LEU A 36 4.62 -0.37 -5.65
CA LEU A 36 3.64 0.68 -5.47
C LEU A 36 2.54 0.53 -6.53
N GLU A 37 2.98 0.38 -7.77
CA GLU A 37 2.05 0.22 -8.88
C GLU A 37 0.98 -0.80 -8.54
N LYS A 38 1.42 -1.88 -7.88
CA LYS A 38 0.51 -2.94 -7.49
C LYS A 38 -0.31 -2.48 -6.28
N VAL A 39 0.40 -1.96 -5.29
CA VAL A 39 -0.25 -1.48 -4.07
C VAL A 39 -1.52 -0.71 -4.44
N GLN A 40 -1.36 0.21 -5.37
CA GLN A 40 -2.48 1.02 -5.83
C GLN A 40 -3.68 0.14 -6.13
N GLY A 41 -3.40 -1.02 -6.70
CA GLY A 41 -4.45 -1.97 -7.03
C GLY A 41 -5.11 -2.52 -5.77
N LEU A 42 -4.32 -2.60 -4.71
CA LEU A 42 -4.81 -3.11 -3.44
C LEU A 42 -5.53 -1.99 -2.69
N GLU A 43 -5.23 -0.77 -3.08
CA GLU A 43 -5.83 0.39 -2.45
C GLU A 43 -7.28 0.55 -2.91
N GLN A 44 -7.44 0.67 -4.22
CA GLN A 44 -8.76 0.81 -4.81
C GLN A 44 -9.74 -0.18 -4.17
N ALA A 45 -9.29 -1.41 -4.06
CA ALA A 45 -10.11 -2.46 -3.48
C ALA A 45 -10.58 -2.02 -2.10
N VAL A 46 -9.64 -1.48 -1.33
CA VAL A 46 -9.95 -1.02 0.01
C VAL A 46 -10.98 0.11 -0.07
N ASP A 47 -10.54 1.24 -0.62
CA ASP A 47 -11.42 2.39 -0.76
C ASP A 47 -12.79 1.93 -1.26
N SER A 48 -12.77 0.82 -1.99
CA SER A 48 -14.00 0.26 -2.53
C SER A 48 -14.16 -1.19 -2.08
N PHE A 49 -13.93 -1.41 -0.79
CA PHE A 49 -14.05 -2.73 -0.22
C PHE A 49 -15.39 -2.90 0.49
N GLU A 50 -15.80 -4.16 0.63
CA GLU A 50 -17.06 -4.47 1.29
C GLU A 50 -16.92 -5.74 2.13
N GLY A 51 -17.33 -5.64 3.38
CA GLY A 51 -17.27 -6.76 4.30
C GLY A 51 -16.69 -6.32 5.65
N LYS A 52 -16.23 -7.31 6.40
CA LYS A 52 -15.65 -7.05 7.71
C LYS A 52 -14.21 -7.58 7.74
N LYS A 53 -13.68 -7.69 8.95
CA LYS A 53 -12.32 -8.18 9.13
C LYS A 53 -12.32 -9.70 9.08
N THR A 54 -13.48 -10.25 8.79
CA THR A 54 -13.63 -11.70 8.71
C THR A 54 -13.73 -12.15 7.24
N ASP A 55 -14.56 -11.44 6.49
CA ASP A 55 -14.75 -11.75 5.09
C ASP A 55 -13.40 -12.09 4.46
N LYS A 56 -13.39 -13.17 3.69
CA LYS A 56 -12.18 -13.62 3.03
C LYS A 56 -11.58 -12.45 2.24
N LYS A 57 -12.46 -11.66 1.65
CA LYS A 57 -12.03 -10.52 0.87
C LYS A 57 -11.02 -9.70 1.67
N TYR A 58 -11.39 -9.43 2.92
CA TYR A 58 -10.53 -8.66 3.80
C TYR A 58 -9.15 -9.31 3.92
N LEU A 59 -9.16 -10.62 4.12
CA LEU A 59 -7.92 -11.36 4.24
C LEU A 59 -7.12 -11.24 2.94
N MET A 60 -7.79 -11.54 1.85
CA MET A 60 -7.17 -11.47 0.53
C MET A 60 -6.39 -10.17 0.37
N ILE A 61 -7.09 -9.06 0.60
CA ILE A 61 -6.48 -7.75 0.48
C ILE A 61 -5.41 -7.58 1.57
N GLU A 62 -5.74 -8.05 2.75
CA GLU A 62 -4.82 -7.97 3.87
C GLU A 62 -3.46 -8.55 3.48
N GLU A 63 -3.48 -9.83 3.12
CA GLU A 63 -2.27 -10.52 2.73
C GLU A 63 -1.65 -9.85 1.50
N TYR A 64 -2.50 -9.55 0.54
CA TYR A 64 -2.06 -8.90 -0.68
C TYR A 64 -1.25 -7.64 -0.38
N LEU A 65 -1.76 -6.87 0.57
CA LEU A 65 -1.10 -5.64 0.96
C LEU A 65 0.29 -5.96 1.50
N THR A 66 0.31 -6.71 2.60
CA THR A 66 1.56 -7.10 3.23
C THR A 66 2.54 -7.64 2.18
N LYS A 67 2.00 -8.45 1.28
CA LYS A 67 2.80 -9.04 0.22
C LYS A 67 3.68 -7.97 -0.41
N GLU A 68 3.12 -6.78 -0.53
CA GLU A 68 3.84 -5.66 -1.10
C GLU A 68 4.88 -5.12 -0.12
N LEU A 69 4.53 -5.22 1.16
CA LEU A 69 5.41 -4.75 2.21
C LEU A 69 6.72 -5.55 2.18
N LEU A 70 6.57 -6.87 2.24
CA LEU A 70 7.72 -7.75 2.21
C LEU A 70 8.54 -7.47 0.95
N ALA A 71 7.83 -7.14 -0.12
CA ALA A 71 8.48 -6.84 -1.38
C ALA A 71 9.21 -5.50 -1.29
N LEU A 72 8.72 -4.66 -0.37
CA LEU A 72 9.32 -3.36 -0.17
C LEU A 72 10.53 -3.49 0.76
N ASP A 73 10.43 -4.45 1.67
CA ASP A 73 11.51 -4.69 2.62
C ASP A 73 12.68 -5.35 1.89
N SER A 74 12.36 -6.10 0.85
CA SER A 74 13.38 -6.78 0.07
C SER A 74 14.27 -5.75 -0.63
N VAL A 75 13.76 -4.53 -0.71
CA VAL A 75 14.50 -3.45 -1.34
C VAL A 75 15.54 -2.91 -0.37
N ASP A 76 16.78 -2.93 -0.81
CA ASP A 76 17.88 -2.43 0.01
C ASP A 76 18.40 -1.12 -0.57
N PRO A 77 18.09 -0.01 0.14
CA PRO A 77 18.52 1.31 -0.29
C PRO A 77 20.01 1.51 -0.02
N GLU A 78 20.53 0.71 0.89
CA GLU A 78 21.93 0.79 1.25
C GLU A 78 22.22 2.10 2.00
N GLY A 79 21.98 3.20 1.30
CA GLY A 79 22.20 4.52 1.87
C GLY A 79 21.88 5.62 0.87
N ARG A 80 20.85 5.37 0.07
CA ARG A 80 20.42 6.33 -0.93
C ARG A 80 19.02 6.85 -0.60
N ALA A 81 18.97 8.15 -0.32
CA ALA A 81 17.71 8.78 0.01
C ALA A 81 16.70 8.53 -1.12
N ASP A 82 17.14 8.82 -2.34
CA ASP A 82 16.29 8.63 -3.50
C ASP A 82 15.56 7.29 -3.38
N VAL A 83 16.23 6.34 -2.76
CA VAL A 83 15.66 5.02 -2.58
C VAL A 83 14.98 4.95 -1.20
N ARG A 84 15.81 5.10 -0.17
CA ARG A 84 15.31 5.06 1.20
C ARG A 84 13.93 5.73 1.28
N GLN A 85 13.74 6.72 0.43
CA GLN A 85 12.48 7.44 0.39
C GLN A 85 11.40 6.60 -0.28
N ALA A 86 11.50 6.51 -1.59
CA ALA A 86 10.53 5.73 -2.36
C ALA A 86 10.21 4.43 -1.61
N ARG A 87 11.20 3.97 -0.85
CA ARG A 87 11.03 2.75 -0.09
C ARG A 87 10.15 3.00 1.14
N ARG A 88 10.66 3.85 2.02
CA ARG A 88 9.94 4.18 3.23
C ARG A 88 8.56 4.73 2.90
N ASP A 89 8.46 5.31 1.70
CA ASP A 89 7.21 5.89 1.25
C ASP A 89 6.26 4.76 0.84
N GLY A 90 6.82 3.77 0.17
CA GLY A 90 6.04 2.63 -0.29
C GLY A 90 5.52 1.82 0.90
N VAL A 91 6.42 1.52 1.82
CA VAL A 91 6.07 0.76 3.00
C VAL A 91 4.99 1.52 3.78
N ARG A 92 5.19 2.82 3.90
CA ARG A 92 4.25 3.66 4.62
C ARG A 92 2.90 3.68 3.91
N LYS A 93 2.97 3.60 2.59
CA LYS A 93 1.75 3.60 1.78
C LYS A 93 0.90 2.39 2.15
N VAL A 94 1.44 1.22 1.87
CA VAL A 94 0.72 -0.02 2.16
C VAL A 94 0.15 0.05 3.59
N GLN A 95 1.04 0.27 4.53
CA GLN A 95 0.64 0.36 5.93
C GLN A 95 -0.69 1.11 6.05
N THR A 96 -0.68 2.35 5.57
CA THR A 96 -1.87 3.18 5.62
C THR A 96 -3.05 2.44 5.00
N ILE A 97 -2.80 1.86 3.84
CA ILE A 97 -3.84 1.12 3.13
C ILE A 97 -4.39 0.02 4.04
N LEU A 98 -3.47 -0.68 4.69
CA LEU A 98 -3.85 -1.75 5.60
C LEU A 98 -4.63 -1.17 6.78
N GLU A 99 -4.28 0.06 7.13
CA GLU A 99 -4.93 0.73 8.24
C GLU A 99 -6.31 1.25 7.81
N LYS A 100 -6.48 1.34 6.50
CA LYS A 100 -7.75 1.81 5.95
C LYS A 100 -8.73 0.64 5.87
N LEU A 101 -8.28 -0.42 5.22
CA LEU A 101 -9.12 -1.60 5.07
C LEU A 101 -9.71 -1.98 6.43
N GLU A 102 -8.83 -2.06 7.42
CA GLU A 102 -9.25 -2.42 8.76
C GLU A 102 -10.61 -1.78 9.08
N GLN A 103 -10.65 -0.46 8.98
CA GLN A 103 -11.88 0.27 9.25
C GLN A 103 -12.94 -0.08 8.22
N LYS A 104 -12.50 -0.18 6.98
CA LYS A 104 -13.40 -0.51 5.88
C LYS A 104 -14.13 -1.81 6.20
N ALA A 105 -13.44 -2.68 6.93
CA ALA A 105 -14.01 -3.97 7.32
C ALA A 105 -14.58 -3.86 8.73
N SER A 106 -14.97 -2.65 9.09
CA SER A 106 -15.54 -2.40 10.41
C SER A 106 -16.77 -1.52 10.30
N GLY A 107 -17.20 -1.31 9.06
CA GLY A 107 -18.37 -0.48 8.81
C GLY A 107 -19.46 -1.28 8.08
N PRO A 108 -20.54 -0.56 7.68
CA PRO A 108 -21.64 -1.18 6.98
C PRO A 108 -21.27 -1.48 5.53
N SER A 109 -21.74 -2.63 5.06
CA SER A 109 -21.45 -3.05 3.69
C SER A 109 -22.73 -2.97 2.86
N SER A 110 -22.58 -3.30 1.58
CA SER A 110 -23.71 -3.27 0.66
C SER A 110 -24.25 -1.84 0.54
N GLY A 111 -24.19 -1.32 -0.67
CA GLY A 111 -24.67 0.02 -0.93
C GLY A 111 -24.48 0.40 -2.40
N GLY A 1 -10.55 -7.00 15.10
CA GLY A 1 -9.69 -6.10 15.84
C GLY A 1 -10.43 -5.49 17.03
N SER A 2 -9.66 -5.17 18.06
CA SER A 2 -10.23 -4.59 19.28
C SER A 2 -9.30 -3.49 19.81
N SER A 3 -9.58 -2.27 19.37
CA SER A 3 -8.78 -1.12 19.79
C SER A 3 -9.44 0.17 19.32
N GLY A 4 -8.95 1.28 19.88
CA GLY A 4 -9.49 2.58 19.51
C GLY A 4 -8.36 3.61 19.42
N SER A 5 -7.69 3.61 18.27
CA SER A 5 -6.60 4.53 18.05
C SER A 5 -6.53 4.90 16.56
N SER A 6 -7.09 6.07 16.25
CA SER A 6 -7.10 6.55 14.88
C SER A 6 -7.61 7.99 14.83
N GLY A 7 -7.47 8.59 13.66
CA GLY A 7 -7.91 9.97 13.46
C GLY A 7 -8.25 10.23 12.00
N ALA A 8 -7.89 11.42 11.55
CA ALA A 8 -8.14 11.82 10.17
C ALA A 8 -6.90 12.48 9.60
N PRO A 9 -6.05 11.65 8.95
CA PRO A 9 -4.82 12.14 8.35
C PRO A 9 -5.10 12.89 7.06
N ALA A 10 -4.29 13.90 6.79
CA ALA A 10 -4.44 14.71 5.59
C ALA A 10 -3.12 14.73 4.83
N GLU A 11 -3.22 15.07 3.55
CA GLU A 11 -2.05 15.14 2.70
C GLU A 11 -2.32 16.02 1.48
N PRO A 12 -1.72 17.24 1.51
CA PRO A 12 -1.89 18.19 0.43
C PRO A 12 -1.08 17.77 -0.80
N ALA A 13 -1.42 18.37 -1.93
CA ALA A 13 -0.73 18.07 -3.18
C ALA A 13 -1.02 16.62 -3.58
N ALA A 14 -1.35 16.46 -4.86
CA ALA A 14 -1.66 15.14 -5.38
C ALA A 14 -1.74 15.20 -6.91
N PRO A 15 -0.77 14.52 -7.58
CA PRO A 15 -0.72 14.51 -9.03
C PRO A 15 -1.81 13.59 -9.60
N LYS A 16 -1.74 13.39 -10.90
CA LYS A 16 -2.71 12.55 -11.59
C LYS A 16 -2.39 12.50 -13.08
N SER A 17 -1.96 13.64 -13.59
CA SER A 17 -1.60 13.75 -15.00
C SER A 17 -0.09 13.81 -15.16
N GLY A 18 0.35 13.75 -16.41
CA GLY A 18 1.77 13.81 -16.71
C GLY A 18 2.04 13.44 -18.17
N GLU A 19 2.22 12.15 -18.40
CA GLU A 19 2.49 11.65 -19.73
C GLU A 19 3.59 12.47 -20.40
N ALA A 20 4.81 11.93 -20.32
CA ALA A 20 5.96 12.60 -20.90
C ALA A 20 7.17 11.68 -20.83
N GLU A 21 8.16 11.98 -21.66
CA GLU A 21 9.37 11.19 -21.69
C GLU A 21 9.77 10.77 -20.28
N THR A 22 10.52 9.67 -20.21
CA THR A 22 10.97 9.15 -18.93
C THR A 22 12.32 8.45 -19.10
N PRO A 23 13.40 9.17 -18.69
CA PRO A 23 14.74 8.63 -18.78
C PRO A 23 14.99 7.58 -17.69
N PRO A 24 16.12 6.84 -17.85
CA PRO A 24 16.48 5.81 -16.89
C PRO A 24 17.02 6.42 -15.60
N LYS A 25 16.43 6.00 -14.49
CA LYS A 25 16.85 6.51 -13.19
C LYS A 25 17.52 5.38 -12.40
N HIS A 26 17.12 5.25 -11.15
CA HIS A 26 17.68 4.22 -10.28
C HIS A 26 16.70 3.05 -10.19
N PRO A 27 17.26 1.82 -10.29
CA PRO A 27 16.46 0.61 -10.22
C PRO A 27 16.04 0.33 -8.77
N GLY A 28 16.92 0.66 -7.86
CA GLY A 28 16.66 0.45 -6.45
C GLY A 28 15.36 1.13 -6.02
N VAL A 29 15.08 2.25 -6.68
CA VAL A 29 13.87 3.00 -6.38
C VAL A 29 12.68 2.37 -7.11
N LEU A 30 12.80 2.30 -8.42
CA LEU A 30 11.76 1.73 -9.24
C LEU A 30 11.25 0.44 -8.59
N LYS A 31 12.19 -0.28 -7.97
CA LYS A 31 11.85 -1.53 -7.31
C LYS A 31 10.63 -1.32 -6.42
N VAL A 32 10.53 -0.11 -5.88
CA VAL A 32 9.41 0.23 -5.02
C VAL A 32 8.25 0.75 -5.87
N GLU A 33 8.58 1.64 -6.79
CA GLU A 33 7.58 2.22 -7.66
C GLU A 33 6.83 1.11 -8.41
N ALA A 34 7.58 0.12 -8.85
CA ALA A 34 7.00 -1.00 -9.57
C ALA A 34 5.95 -1.68 -8.69
N ILE A 35 6.21 -1.64 -7.40
CA ILE A 35 5.30 -2.25 -6.44
C ILE A 35 4.15 -1.29 -6.15
N LEU A 36 4.51 -0.08 -5.75
CA LEU A 36 3.53 0.94 -5.44
C LEU A 36 2.44 0.93 -6.51
N GLU A 37 2.87 0.73 -7.75
CA GLU A 37 1.96 0.70 -8.88
C GLU A 37 0.88 -0.37 -8.65
N LYS A 38 1.35 -1.55 -8.26
CA LYS A 38 0.45 -2.67 -8.01
C LYS A 38 -0.43 -2.34 -6.80
N VAL A 39 0.18 -1.73 -5.80
CA VAL A 39 -0.53 -1.37 -4.59
C VAL A 39 -1.80 -0.60 -4.96
N GLN A 40 -1.64 0.33 -5.89
CA GLN A 40 -2.76 1.13 -6.34
C GLN A 40 -3.98 0.25 -6.64
N GLY A 41 -3.68 -0.94 -7.17
CA GLY A 41 -4.72 -1.89 -7.50
C GLY A 41 -5.31 -2.53 -6.24
N LEU A 42 -4.46 -2.63 -5.23
CA LEU A 42 -4.86 -3.23 -3.97
C LEU A 42 -5.51 -2.15 -3.10
N GLU A 43 -5.13 -0.91 -3.36
CA GLU A 43 -5.67 0.22 -2.60
C GLU A 43 -7.14 0.42 -2.94
N GLN A 44 -7.42 0.41 -4.24
CA GLN A 44 -8.79 0.60 -4.71
C GLN A 44 -9.72 -0.44 -4.06
N ALA A 45 -9.23 -1.67 -4.01
CA ALA A 45 -10.00 -2.75 -3.41
C ALA A 45 -10.39 -2.39 -1.98
N VAL A 46 -9.47 -1.71 -1.32
CA VAL A 46 -9.68 -1.30 0.06
C VAL A 46 -10.77 -0.21 0.09
N ASP A 47 -10.42 0.94 -0.47
CA ASP A 47 -11.34 2.06 -0.52
C ASP A 47 -12.69 1.59 -1.05
N SER A 48 -12.64 0.48 -1.77
CA SER A 48 -13.86 -0.10 -2.34
C SER A 48 -14.08 -1.50 -1.78
N PHE A 49 -13.76 -1.66 -0.51
CA PHE A 49 -13.92 -2.95 0.14
C PHE A 49 -15.23 -3.00 0.94
N GLU A 50 -15.53 -4.19 1.44
CA GLU A 50 -16.74 -4.37 2.21
C GLU A 50 -16.69 -5.71 2.97
N GLY A 51 -16.88 -5.62 4.27
CA GLY A 51 -16.85 -6.80 5.12
C GLY A 51 -16.30 -6.47 6.51
N LYS A 52 -15.49 -7.38 7.03
CA LYS A 52 -14.89 -7.19 8.33
C LYS A 52 -13.47 -7.75 8.33
N LYS A 53 -12.87 -7.78 9.50
CA LYS A 53 -11.51 -8.28 9.65
C LYS A 53 -11.55 -9.81 9.75
N THR A 54 -12.75 -10.34 9.63
CA THR A 54 -12.93 -11.80 9.71
C THR A 54 -13.28 -12.36 8.34
N ASP A 55 -13.96 -11.55 7.54
CA ASP A 55 -14.36 -11.95 6.22
C ASP A 55 -13.12 -12.38 5.42
N LYS A 56 -13.23 -13.53 4.77
CA LYS A 56 -12.14 -14.06 3.98
C LYS A 56 -11.66 -12.98 3.00
N LYS A 57 -12.63 -12.26 2.45
CA LYS A 57 -12.32 -11.20 1.50
C LYS A 57 -11.19 -10.34 2.05
N TYR A 58 -11.42 -9.81 3.24
CA TYR A 58 -10.43 -8.97 3.90
C TYR A 58 -9.05 -9.63 3.89
N LEU A 59 -9.04 -10.89 4.31
CA LEU A 59 -7.79 -11.64 4.36
C LEU A 59 -7.15 -11.65 2.97
N MET A 60 -7.95 -12.06 1.99
CA MET A 60 -7.47 -12.12 0.62
C MET A 60 -6.73 -10.83 0.24
N ILE A 61 -7.18 -9.73 0.84
CA ILE A 61 -6.56 -8.44 0.58
C ILE A 61 -5.38 -8.24 1.52
N GLU A 62 -5.66 -8.36 2.80
CA GLU A 62 -4.64 -8.19 3.82
C GLU A 62 -3.32 -8.81 3.35
N GLU A 63 -3.45 -9.97 2.71
CA GLU A 63 -2.29 -10.67 2.20
C GLU A 63 -1.70 -9.93 1.00
N TYR A 64 -2.58 -9.51 0.12
CA TYR A 64 -2.16 -8.79 -1.08
C TYR A 64 -1.37 -7.53 -0.71
N LEU A 65 -1.84 -6.86 0.32
CA LEU A 65 -1.20 -5.64 0.78
C LEU A 65 0.19 -5.98 1.32
N THR A 66 0.21 -6.50 2.53
CA THR A 66 1.47 -6.87 3.17
C THR A 66 2.44 -7.44 2.13
N LYS A 67 1.89 -8.24 1.23
CA LYS A 67 2.70 -8.86 0.19
C LYS A 67 3.76 -7.86 -0.29
N GLU A 68 3.31 -6.63 -0.51
CA GLU A 68 4.21 -5.59 -0.97
C GLU A 68 5.20 -5.22 0.14
N LEU A 69 4.65 -4.97 1.32
CA LEU A 69 5.46 -4.61 2.46
C LEU A 69 6.70 -5.50 2.50
N LEU A 70 6.47 -6.79 2.32
CA LEU A 70 7.56 -7.76 2.34
C LEU A 70 8.50 -7.47 1.16
N ALA A 71 7.91 -7.16 0.03
CA ALA A 71 8.68 -6.85 -1.16
C ALA A 71 9.43 -5.54 -0.96
N LEU A 72 8.81 -4.65 -0.21
CA LEU A 72 9.40 -3.35 0.06
C LEU A 72 10.64 -3.54 0.94
N ASP A 73 10.55 -4.53 1.83
CA ASP A 73 11.65 -4.82 2.73
C ASP A 73 12.74 -5.56 1.96
N SER A 74 12.31 -6.42 1.05
CA SER A 74 13.23 -7.21 0.26
C SER A 74 14.21 -6.28 -0.46
N VAL A 75 13.83 -5.01 -0.56
CA VAL A 75 14.66 -4.02 -1.21
C VAL A 75 15.72 -3.52 -0.22
N ASP A 76 16.93 -3.37 -0.73
CA ASP A 76 18.03 -2.90 0.09
C ASP A 76 18.71 -1.71 -0.59
N PRO A 77 18.56 -0.53 0.05
CA PRO A 77 19.14 0.70 -0.49
C PRO A 77 20.66 0.72 -0.27
N GLU A 78 21.07 0.13 0.84
CA GLU A 78 22.48 0.08 1.19
C GLU A 78 23.00 1.49 1.49
N GLY A 79 22.08 2.37 1.83
CA GLY A 79 22.43 3.75 2.15
C GLY A 79 21.76 4.71 1.17
N ARG A 80 21.54 4.23 -0.04
CA ARG A 80 20.91 5.04 -1.07
C ARG A 80 19.70 5.77 -0.50
N ALA A 81 19.81 7.09 -0.44
CA ALA A 81 18.73 7.91 0.08
C ALA A 81 17.53 7.84 -0.87
N ASP A 82 17.80 8.10 -2.14
CA ASP A 82 16.76 8.06 -3.15
C ASP A 82 15.96 6.76 -3.02
N VAL A 83 16.67 5.70 -2.65
CA VAL A 83 16.05 4.40 -2.48
C VAL A 83 15.44 4.31 -1.08
N ARG A 84 16.26 4.64 -0.09
CA ARG A 84 15.81 4.61 1.29
C ARG A 84 14.50 5.38 1.44
N GLN A 85 14.45 6.54 0.81
CA GLN A 85 13.26 7.38 0.86
C GLN A 85 12.08 6.67 0.21
N ALA A 86 12.24 6.36 -1.07
CA ALA A 86 11.20 5.69 -1.82
C ALA A 86 10.59 4.59 -0.96
N ARG A 87 11.43 3.62 -0.59
CA ARG A 87 10.98 2.51 0.23
C ARG A 87 9.98 3.00 1.28
N ARG A 88 10.41 4.02 2.03
CA ARG A 88 9.56 4.59 3.06
C ARG A 88 8.16 4.86 2.53
N ASP A 89 8.09 5.77 1.58
CA ASP A 89 6.82 6.13 0.97
C ASP A 89 6.07 4.86 0.59
N GLY A 90 6.73 4.03 -0.22
CA GLY A 90 6.13 2.78 -0.66
C GLY A 90 5.57 2.00 0.53
N VAL A 91 6.40 1.85 1.55
CA VAL A 91 6.00 1.13 2.74
C VAL A 91 4.84 1.86 3.43
N ARG A 92 5.09 3.13 3.74
CA ARG A 92 4.09 3.96 4.39
C ARG A 92 2.76 3.87 3.64
N LYS A 93 2.87 3.81 2.32
CA LYS A 93 1.69 3.73 1.47
C LYS A 93 0.86 2.51 1.88
N VAL A 94 1.35 1.34 1.49
CA VAL A 94 0.67 0.10 1.81
C VAL A 94 0.17 0.16 3.26
N GLN A 95 1.04 0.61 4.14
CA GLN A 95 0.71 0.72 5.55
C GLN A 95 -0.64 1.43 5.72
N THR A 96 -0.70 2.65 5.21
CA THR A 96 -1.91 3.44 5.31
C THR A 96 -3.11 2.63 4.82
N ILE A 97 -2.88 1.84 3.78
CA ILE A 97 -3.93 1.01 3.22
C ILE A 97 -4.37 -0.02 4.25
N LEU A 98 -3.39 -0.65 4.88
CA LEU A 98 -3.66 -1.65 5.90
C LEU A 98 -4.59 -1.05 6.96
N GLU A 99 -4.24 0.15 7.39
CA GLU A 99 -5.03 0.83 8.41
C GLU A 99 -6.40 1.20 7.84
N LYS A 100 -6.44 1.33 6.53
CA LYS A 100 -7.69 1.68 5.86
C LYS A 100 -8.60 0.46 5.82
N LEU A 101 -8.11 -0.60 5.20
CA LEU A 101 -8.86 -1.83 5.09
C LEU A 101 -9.61 -2.09 6.40
N GLU A 102 -8.87 -1.97 7.49
CA GLU A 102 -9.45 -2.18 8.81
C GLU A 102 -10.77 -1.42 8.94
N GLN A 103 -10.64 -0.12 9.17
CA GLN A 103 -11.81 0.74 9.32
C GLN A 103 -12.85 0.39 8.26
N LYS A 104 -12.36 0.09 7.06
CA LYS A 104 -13.25 -0.25 5.96
C LYS A 104 -14.10 -1.45 6.35
N ALA A 105 -13.44 -2.42 6.98
CA ALA A 105 -14.13 -3.63 7.41
C ALA A 105 -14.98 -3.31 8.64
N SER A 106 -14.38 -2.57 9.57
CA SER A 106 -15.07 -2.20 10.80
C SER A 106 -16.10 -1.12 10.49
N GLY A 107 -16.15 -0.72 9.23
CA GLY A 107 -17.09 0.30 8.81
C GLY A 107 -17.99 -0.20 7.67
N PRO A 108 -19.23 0.34 7.64
CA PRO A 108 -20.19 -0.05 6.61
C PRO A 108 -19.83 0.58 5.26
N SER A 109 -20.19 -0.14 4.20
CA SER A 109 -19.92 0.33 2.85
C SER A 109 -20.57 -0.61 1.83
N SER A 110 -20.64 -0.12 0.60
CA SER A 110 -21.22 -0.91 -0.48
C SER A 110 -22.64 -1.35 -0.09
N GLY A 111 -23.61 -0.63 -0.63
CA GLY A 111 -25.00 -0.93 -0.36
C GLY A 111 -25.56 -1.90 -1.40
N GLY A 1 -43.37 11.04 12.37
CA GLY A 1 -42.70 10.74 13.62
C GLY A 1 -41.69 9.60 13.45
N SER A 2 -40.90 9.40 14.49
CA SER A 2 -39.89 8.35 14.47
C SER A 2 -38.72 8.76 13.56
N SER A 3 -39.01 8.80 12.27
CA SER A 3 -38.00 9.17 11.30
C SER A 3 -36.91 8.10 11.23
N GLY A 4 -36.10 8.19 10.19
CA GLY A 4 -35.02 7.23 10.00
C GLY A 4 -34.58 7.19 8.53
N SER A 5 -35.55 6.92 7.66
CA SER A 5 -35.27 6.85 6.24
C SER A 5 -34.30 7.97 5.84
N SER A 6 -33.31 7.59 5.03
CA SER A 6 -32.33 8.54 4.57
C SER A 6 -31.34 7.86 3.63
N GLY A 7 -30.62 8.68 2.88
CA GLY A 7 -29.64 8.17 1.93
C GLY A 7 -28.75 9.30 1.41
N ALA A 8 -28.97 9.62 0.14
CA ALA A 8 -28.19 10.68 -0.51
C ALA A 8 -26.75 10.20 -0.69
N PRO A 9 -26.57 9.31 -1.71
CA PRO A 9 -25.26 8.78 -2.01
C PRO A 9 -24.39 9.82 -2.72
N ALA A 10 -23.19 9.39 -3.09
CA ALA A 10 -22.26 10.28 -3.77
C ALA A 10 -21.07 9.45 -4.29
N GLU A 11 -20.27 10.10 -5.12
CA GLU A 11 -19.10 9.44 -5.69
C GLU A 11 -18.38 10.39 -6.64
N PRO A 12 -17.40 11.15 -6.08
CA PRO A 12 -16.63 12.08 -6.87
C PRO A 12 -15.60 11.36 -7.75
N ALA A 13 -14.91 12.14 -8.56
CA ALA A 13 -13.90 11.58 -9.45
C ALA A 13 -13.17 12.72 -10.17
N ALA A 14 -12.05 12.38 -10.79
CA ALA A 14 -11.27 13.36 -11.51
C ALA A 14 -10.19 12.64 -12.31
N PRO A 15 -9.76 13.29 -13.43
CA PRO A 15 -8.73 12.73 -14.29
C PRO A 15 -7.35 12.86 -13.65
N LYS A 16 -6.63 11.76 -13.65
CA LYS A 16 -5.30 11.73 -13.07
C LYS A 16 -4.29 12.24 -14.11
N SER A 17 -3.72 11.30 -14.84
CA SER A 17 -2.74 11.64 -15.87
C SER A 17 -2.58 10.47 -16.84
N GLY A 18 -1.85 10.75 -17.92
CA GLY A 18 -1.61 9.73 -18.94
C GLY A 18 -0.11 9.50 -19.13
N GLU A 19 0.57 9.28 -18.02
CA GLU A 19 2.00 9.03 -18.06
C GLU A 19 2.69 10.09 -18.92
N ALA A 20 3.99 9.90 -19.10
CA ALA A 20 4.77 10.83 -19.90
C ALA A 20 6.22 10.33 -19.98
N GLU A 21 6.89 10.75 -21.05
CA GLU A 21 8.28 10.35 -21.25
C GLU A 21 9.10 10.62 -20.00
N THR A 22 10.01 9.70 -19.72
CA THR A 22 10.86 9.82 -18.55
C THR A 22 12.19 9.09 -18.79
N PRO A 23 13.30 9.77 -18.39
CA PRO A 23 14.63 9.19 -18.55
C PRO A 23 14.88 8.11 -17.51
N PRO A 24 16.03 7.40 -17.68
CA PRO A 24 16.40 6.33 -16.77
C PRO A 24 16.92 6.90 -15.45
N LYS A 25 16.32 6.43 -14.36
CA LYS A 25 16.71 6.88 -13.04
C LYS A 25 17.41 5.73 -12.30
N HIS A 26 17.01 5.55 -11.05
CA HIS A 26 17.59 4.51 -10.22
C HIS A 26 16.64 3.30 -10.18
N PRO A 27 17.23 2.09 -10.35
CA PRO A 27 16.45 0.87 -10.32
C PRO A 27 16.03 0.51 -8.90
N GLY A 28 16.91 0.83 -7.96
CA GLY A 28 16.65 0.54 -6.56
C GLY A 28 15.34 1.18 -6.11
N VAL A 29 15.01 2.30 -6.73
CA VAL A 29 13.79 3.02 -6.41
C VAL A 29 12.62 2.38 -7.16
N LEU A 30 12.75 2.36 -8.47
CA LEU A 30 11.71 1.78 -9.32
C LEU A 30 11.22 0.47 -8.70
N LYS A 31 12.15 -0.24 -8.08
CA LYS A 31 11.84 -1.51 -7.45
C LYS A 31 10.63 -1.32 -6.53
N VAL A 32 10.57 -0.17 -5.90
CA VAL A 32 9.48 0.15 -5.00
C VAL A 32 8.26 0.59 -5.81
N GLU A 33 8.51 1.49 -6.75
CA GLU A 33 7.45 2.00 -7.60
C GLU A 33 6.75 0.85 -8.32
N ALA A 34 7.54 -0.16 -8.65
CA ALA A 34 7.01 -1.33 -9.35
C ALA A 34 5.96 -2.01 -8.45
N ILE A 35 6.21 -1.96 -7.16
CA ILE A 35 5.32 -2.57 -6.19
C ILE A 35 4.15 -1.61 -5.92
N LEU A 36 4.51 -0.40 -5.53
CA LEU A 36 3.51 0.62 -5.24
C LEU A 36 2.38 0.52 -6.27
N GLU A 37 2.77 0.51 -7.53
CA GLU A 37 1.81 0.43 -8.61
C GLU A 37 0.78 -0.66 -8.32
N LYS A 38 1.27 -1.80 -7.87
CA LYS A 38 0.40 -2.92 -7.55
C LYS A 38 -0.44 -2.58 -6.33
N VAL A 39 0.24 -2.11 -5.30
CA VAL A 39 -0.43 -1.74 -4.07
C VAL A 39 -1.69 -0.94 -4.39
N GLN A 40 -1.51 0.10 -5.19
CA GLN A 40 -2.62 0.95 -5.60
C GLN A 40 -3.84 0.10 -5.93
N GLY A 41 -3.63 -0.87 -6.81
CA GLY A 41 -4.70 -1.76 -7.22
C GLY A 41 -5.36 -2.41 -6.01
N LEU A 42 -4.53 -2.77 -5.04
CA LEU A 42 -5.03 -3.40 -3.83
C LEU A 42 -5.74 -2.37 -2.97
N GLU A 43 -5.19 -1.16 -2.98
CA GLU A 43 -5.77 -0.07 -2.20
C GLU A 43 -7.12 0.33 -2.79
N GLN A 44 -7.22 0.25 -4.10
CA GLN A 44 -8.46 0.59 -4.78
C GLN A 44 -9.57 -0.40 -4.41
N ALA A 45 -9.15 -1.62 -4.13
CA ALA A 45 -10.11 -2.66 -3.76
C ALA A 45 -10.65 -2.38 -2.37
N VAL A 46 -9.83 -1.71 -1.56
CA VAL A 46 -10.22 -1.37 -0.21
C VAL A 46 -11.26 -0.24 -0.25
N ASP A 47 -10.83 0.88 -0.80
CA ASP A 47 -11.71 2.04 -0.91
C ASP A 47 -13.11 1.58 -1.30
N SER A 48 -13.15 0.49 -2.07
CA SER A 48 -14.41 -0.06 -2.52
C SER A 48 -14.55 -1.51 -2.05
N PHE A 49 -14.32 -1.70 -0.76
CA PHE A 49 -14.42 -3.03 -0.17
C PHE A 49 -15.64 -3.14 0.75
N GLU A 50 -16.00 -4.38 1.05
CA GLU A 50 -17.14 -4.63 1.92
C GLU A 50 -16.91 -5.90 2.73
N GLY A 51 -17.21 -5.80 4.02
CA GLY A 51 -17.05 -6.93 4.92
C GLY A 51 -16.43 -6.49 6.25
N LYS A 52 -15.85 -7.46 6.94
CA LYS A 52 -15.21 -7.18 8.23
C LYS A 52 -13.75 -7.62 8.17
N LYS A 53 -13.24 -7.98 9.34
CA LYS A 53 -11.86 -8.42 9.44
C LYS A 53 -11.82 -9.95 9.51
N THR A 54 -12.93 -10.55 9.14
CA THR A 54 -13.04 -12.01 9.16
C THR A 54 -13.28 -12.54 7.74
N ASP A 55 -14.09 -11.81 7.00
CA ASP A 55 -14.41 -12.20 5.63
C ASP A 55 -13.11 -12.53 4.89
N LYS A 56 -13.17 -13.61 4.12
CA LYS A 56 -12.01 -14.05 3.37
C LYS A 56 -11.47 -12.87 2.55
N LYS A 57 -12.39 -12.04 2.09
CA LYS A 57 -12.02 -10.88 1.30
C LYS A 57 -10.93 -10.09 2.04
N TYR A 58 -11.28 -9.64 3.24
CA TYR A 58 -10.34 -8.88 4.05
C TYR A 58 -8.95 -9.52 4.01
N LEU A 59 -8.91 -10.81 4.33
CA LEU A 59 -7.66 -11.54 4.33
C LEU A 59 -7.10 -11.62 2.90
N MET A 60 -8.02 -11.57 1.95
CA MET A 60 -7.65 -11.65 0.55
C MET A 60 -6.85 -10.41 0.13
N ILE A 61 -7.32 -9.26 0.60
CA ILE A 61 -6.65 -8.00 0.29
C ILE A 61 -5.40 -7.86 1.16
N GLU A 62 -5.61 -7.89 2.46
CA GLU A 62 -4.51 -7.78 3.41
C GLU A 62 -3.27 -8.49 2.87
N GLU A 63 -3.43 -9.80 2.68
CA GLU A 63 -2.34 -10.62 2.18
C GLU A 63 -1.58 -9.86 1.07
N TYR A 64 -2.28 -9.61 -0.02
CA TYR A 64 -1.69 -8.91 -1.14
C TYR A 64 -0.95 -7.65 -0.68
N LEU A 65 -1.62 -6.89 0.17
CA LEU A 65 -1.04 -5.67 0.70
C LEU A 65 0.32 -5.98 1.32
N THR A 66 0.26 -6.57 2.51
CA THR A 66 1.48 -6.93 3.22
C THR A 66 2.46 -7.62 2.28
N LYS A 67 1.94 -8.55 1.49
CA LYS A 67 2.76 -9.28 0.55
C LYS A 67 3.71 -8.31 -0.16
N GLU A 68 3.18 -7.14 -0.48
CA GLU A 68 3.96 -6.12 -1.15
C GLU A 68 5.02 -5.54 -0.21
N LEU A 69 4.60 -5.36 1.04
CA LEU A 69 5.49 -4.82 2.06
C LEU A 69 6.83 -5.56 2.01
N LEU A 70 6.75 -6.87 2.16
CA LEU A 70 7.94 -7.71 2.13
C LEU A 70 8.73 -7.41 0.86
N ALA A 71 8.00 -7.10 -0.20
CA ALA A 71 8.63 -6.80 -1.48
C ALA A 71 9.25 -5.41 -1.41
N LEU A 72 8.70 -4.58 -0.54
CA LEU A 72 9.19 -3.22 -0.36
C LEU A 72 10.45 -3.25 0.50
N ASP A 73 10.48 -4.21 1.41
CA ASP A 73 11.62 -4.35 2.30
C ASP A 73 12.70 -5.18 1.61
N SER A 74 12.25 -6.16 0.84
CA SER A 74 13.16 -7.02 0.12
C SER A 74 14.20 -6.19 -0.63
N VAL A 75 13.83 -4.95 -0.90
CA VAL A 75 14.73 -4.04 -1.60
C VAL A 75 15.88 -3.66 -0.68
N ASP A 76 17.08 -3.66 -1.25
CA ASP A 76 18.27 -3.32 -0.51
C ASP A 76 18.88 -2.03 -1.08
N PRO A 77 18.64 -0.91 -0.35
CA PRO A 77 19.14 0.38 -0.78
C PRO A 77 20.65 0.49 -0.51
N GLU A 78 21.11 -0.33 0.42
CA GLU A 78 22.52 -0.34 0.77
C GLU A 78 22.88 0.93 1.55
N GLY A 79 22.70 2.07 0.88
CA GLY A 79 22.99 3.35 1.49
C GLY A 79 22.57 4.50 0.57
N ARG A 80 21.45 4.29 -0.11
CA ARG A 80 20.93 5.29 -1.02
C ARG A 80 19.76 6.04 -0.37
N ALA A 81 19.69 7.33 -0.66
CA ALA A 81 18.63 8.16 -0.11
C ALA A 81 17.38 8.04 -0.99
N ASP A 82 17.57 8.38 -2.27
CA ASP A 82 16.47 8.31 -3.22
C ASP A 82 15.72 6.99 -3.04
N VAL A 83 16.48 5.97 -2.66
CA VAL A 83 15.89 4.65 -2.45
C VAL A 83 15.32 4.57 -1.04
N ARG A 84 16.20 4.82 -0.06
CA ARG A 84 15.79 4.78 1.33
C ARG A 84 14.41 5.42 1.51
N GLN A 85 14.21 6.53 0.81
CA GLN A 85 12.95 7.24 0.87
C GLN A 85 11.84 6.42 0.20
N ALA A 86 12.04 6.18 -1.09
CA ALA A 86 11.07 5.41 -1.86
C ALA A 86 10.59 4.22 -1.03
N ARG A 87 11.54 3.42 -0.59
CA ARG A 87 11.23 2.25 0.21
C ARG A 87 10.26 2.63 1.33
N ARG A 88 10.66 3.61 2.12
CA ARG A 88 9.83 4.07 3.23
C ARG A 88 8.44 4.43 2.73
N ASP A 89 8.39 5.41 1.84
CA ASP A 89 7.12 5.86 1.28
C ASP A 89 6.32 4.65 0.80
N GLY A 90 6.95 3.87 -0.06
CA GLY A 90 6.31 2.68 -0.59
C GLY A 90 5.65 1.86 0.52
N VAL A 91 6.34 1.80 1.65
CA VAL A 91 5.83 1.06 2.80
C VAL A 91 4.82 1.93 3.55
N ARG A 92 5.08 3.23 3.53
CA ARG A 92 4.20 4.17 4.22
C ARG A 92 2.83 4.20 3.54
N LYS A 93 2.85 4.00 2.23
CA LYS A 93 1.62 4.00 1.46
C LYS A 93 0.76 2.80 1.86
N VAL A 94 1.38 1.63 1.83
CA VAL A 94 0.70 0.40 2.19
C VAL A 94 0.19 0.51 3.62
N GLN A 95 1.12 0.78 4.53
CA GLN A 95 0.78 0.91 5.93
C GLN A 95 -0.56 1.63 6.10
N THR A 96 -0.62 2.83 5.53
CA THR A 96 -1.84 3.63 5.60
C THR A 96 -3.04 2.81 5.13
N ILE A 97 -2.87 2.19 3.97
CA ILE A 97 -3.94 1.38 3.40
C ILE A 97 -4.33 0.28 4.40
N LEU A 98 -3.31 -0.33 4.98
CA LEU A 98 -3.54 -1.39 5.95
C LEU A 98 -4.44 -0.86 7.07
N GLU A 99 -4.32 0.43 7.34
CA GLU A 99 -5.11 1.06 8.37
C GLU A 99 -6.49 1.45 7.83
N LYS A 100 -6.53 1.69 6.53
CA LYS A 100 -7.77 2.06 5.88
C LYS A 100 -8.68 0.83 5.77
N LEU A 101 -8.07 -0.27 5.35
CA LEU A 101 -8.80 -1.51 5.21
C LEU A 101 -9.63 -1.77 6.47
N GLU A 102 -8.94 -1.83 7.59
CA GLU A 102 -9.60 -2.08 8.86
C GLU A 102 -10.95 -1.36 8.90
N GLN A 103 -10.86 -0.03 8.90
CA GLN A 103 -12.08 0.78 8.94
C GLN A 103 -13.11 0.25 7.96
N LYS A 104 -12.63 -0.08 6.76
CA LYS A 104 -13.51 -0.61 5.73
C LYS A 104 -14.07 -1.96 6.17
N ALA A 105 -13.24 -2.70 6.90
CA ALA A 105 -13.64 -4.00 7.39
C ALA A 105 -14.05 -3.87 8.87
N SER A 106 -14.57 -2.70 9.21
CA SER A 106 -14.99 -2.44 10.58
C SER A 106 -16.35 -1.74 10.57
N GLY A 107 -16.94 -1.68 9.38
CA GLY A 107 -18.23 -1.03 9.22
C GLY A 107 -18.20 0.03 8.12
N PRO A 108 -19.23 -0.02 7.24
CA PRO A 108 -19.32 0.94 6.15
C PRO A 108 -19.76 2.32 6.65
N SER A 109 -19.63 3.30 5.78
CA SER A 109 -20.00 4.67 6.12
C SER A 109 -20.44 5.42 4.85
N SER A 110 -19.53 5.48 3.90
CA SER A 110 -19.81 6.17 2.65
C SER A 110 -21.13 5.67 2.07
N GLY A 111 -21.19 4.35 1.86
CA GLY A 111 -22.39 3.74 1.31
C GLY A 111 -22.04 2.84 0.13
N GLY A 1 -4.68 -9.72 14.87
CA GLY A 1 -4.88 -8.65 15.84
C GLY A 1 -3.80 -7.57 15.68
N SER A 2 -3.24 -7.16 16.81
CA SER A 2 -2.21 -6.15 16.82
C SER A 2 -2.78 -4.82 16.31
N SER A 3 -2.04 -3.75 16.58
CA SER A 3 -2.46 -2.43 16.16
C SER A 3 -1.24 -1.63 15.68
N GLY A 4 -1.44 -0.32 15.56
CA GLY A 4 -0.38 0.56 15.12
C GLY A 4 -0.34 1.83 15.96
N SER A 5 -1.17 2.79 15.56
CA SER A 5 -1.25 4.06 16.27
C SER A 5 0.15 4.69 16.35
N SER A 6 0.42 5.58 15.41
CA SER A 6 1.70 6.25 15.37
C SER A 6 1.75 7.21 14.17
N GLY A 7 1.83 8.49 14.48
CA GLY A 7 1.89 9.51 13.44
C GLY A 7 2.70 10.72 13.90
N ALA A 8 3.09 11.53 12.94
CA ALA A 8 3.86 12.73 13.23
C ALA A 8 3.25 13.93 12.49
N PRO A 9 3.50 15.14 13.06
CA PRO A 9 2.99 16.36 12.46
C PRO A 9 3.78 16.74 11.22
N ALA A 10 3.07 16.80 10.10
CA ALA A 10 3.70 17.16 8.83
C ALA A 10 2.63 17.26 7.75
N GLU A 11 2.97 17.98 6.69
CA GLU A 11 2.05 18.15 5.58
C GLU A 11 2.78 18.72 4.37
N PRO A 12 3.60 17.85 3.73
CA PRO A 12 4.37 18.25 2.55
C PRO A 12 3.47 18.37 1.32
N ALA A 13 4.05 18.88 0.25
CA ALA A 13 3.31 19.04 -0.99
C ALA A 13 4.25 19.58 -2.08
N ALA A 14 4.08 19.04 -3.28
CA ALA A 14 4.91 19.45 -4.39
C ALA A 14 4.75 18.44 -5.54
N PRO A 15 4.97 17.15 -5.20
CA PRO A 15 4.86 16.09 -6.18
C PRO A 15 3.39 15.79 -6.48
N LYS A 16 3.17 15.21 -7.66
CA LYS A 16 1.82 14.86 -8.08
C LYS A 16 1.89 13.78 -9.16
N SER A 17 2.12 14.23 -10.39
CA SER A 17 2.21 13.31 -11.51
C SER A 17 2.91 14.01 -12.69
N GLY A 18 3.29 13.20 -13.67
CA GLY A 18 3.95 13.71 -14.85
C GLY A 18 4.62 12.59 -15.64
N GLU A 19 3.79 11.70 -16.16
CA GLU A 19 4.30 10.57 -16.93
C GLU A 19 4.37 10.94 -18.42
N ALA A 20 5.49 10.61 -19.03
CA ALA A 20 5.70 10.89 -20.44
C ALA A 20 7.09 10.39 -20.86
N GLU A 21 7.29 10.36 -22.17
CA GLU A 21 8.56 9.90 -22.71
C GLU A 21 9.72 10.40 -21.84
N THR A 22 10.54 9.46 -21.43
CA THR A 22 11.69 9.79 -20.60
C THR A 22 12.51 8.53 -20.29
N PRO A 23 13.84 8.74 -20.09
CA PRO A 23 14.73 7.63 -19.78
C PRO A 23 14.55 7.17 -18.33
N PRO A 24 15.20 6.01 -18.02
CA PRO A 24 15.12 5.45 -16.69
C PRO A 24 15.98 6.25 -15.70
N LYS A 25 15.83 5.92 -14.42
CA LYS A 25 16.58 6.59 -13.38
C LYS A 25 17.34 5.56 -12.56
N HIS A 26 16.92 5.41 -11.31
CA HIS A 26 17.55 4.46 -10.41
C HIS A 26 16.69 3.20 -10.31
N PRO A 27 17.38 2.03 -10.36
CA PRO A 27 16.70 0.75 -10.27
C PRO A 27 16.24 0.47 -8.83
N GLY A 28 17.10 0.83 -7.89
CA GLY A 28 16.81 0.63 -6.49
C GLY A 28 15.47 1.26 -6.11
N VAL A 29 15.11 2.30 -6.85
CA VAL A 29 13.87 3.01 -6.60
C VAL A 29 12.73 2.31 -7.35
N LEU A 30 12.89 2.23 -8.66
CA LEU A 30 11.88 1.58 -9.50
C LEU A 30 11.41 0.30 -8.82
N LYS A 31 12.34 -0.34 -8.12
CA LYS A 31 12.03 -1.57 -7.42
C LYS A 31 10.77 -1.37 -6.56
N VAL A 32 10.67 -0.18 -5.99
CA VAL A 32 9.53 0.15 -5.16
C VAL A 32 8.38 0.64 -6.04
N GLU A 33 8.71 1.55 -6.93
CA GLU A 33 7.72 2.10 -7.84
C GLU A 33 6.97 0.97 -8.57
N ALA A 34 7.70 -0.10 -8.81
CA ALA A 34 7.12 -1.25 -9.49
C ALA A 34 6.06 -1.89 -8.59
N ILE A 35 6.35 -1.92 -7.30
CA ILE A 35 5.43 -2.49 -6.34
C ILE A 35 4.29 -1.51 -6.08
N LEU A 36 4.66 -0.33 -5.61
CA LEU A 36 3.68 0.71 -5.32
C LEU A 36 2.62 0.72 -6.42
N GLU A 37 3.09 0.61 -7.65
CA GLU A 37 2.18 0.60 -8.80
C GLU A 37 1.06 -0.40 -8.58
N LYS A 38 1.44 -1.60 -8.14
CA LYS A 38 0.48 -2.65 -7.89
C LYS A 38 -0.36 -2.29 -6.66
N VAL A 39 0.35 -1.87 -5.62
CA VAL A 39 -0.31 -1.49 -4.38
C VAL A 39 -1.59 -0.71 -4.71
N GLN A 40 -1.42 0.34 -5.48
CA GLN A 40 -2.55 1.18 -5.87
C GLN A 40 -3.78 0.31 -6.15
N GLY A 41 -3.55 -0.73 -6.95
CA GLY A 41 -4.62 -1.64 -7.32
C GLY A 41 -5.25 -2.26 -6.07
N LEU A 42 -4.38 -2.73 -5.18
CA LEU A 42 -4.83 -3.36 -3.95
C LEU A 42 -5.56 -2.32 -3.09
N GLU A 43 -5.21 -1.06 -3.32
CA GLU A 43 -5.82 0.03 -2.58
C GLU A 43 -7.27 0.22 -3.01
N GLN A 44 -7.46 0.37 -4.32
CA GLN A 44 -8.79 0.56 -4.87
C GLN A 44 -9.78 -0.40 -4.21
N ALA A 45 -9.33 -1.62 -4.02
CA ALA A 45 -10.16 -2.64 -3.40
C ALA A 45 -10.54 -2.19 -1.99
N VAL A 46 -9.56 -1.63 -1.29
CA VAL A 46 -9.78 -1.16 0.06
C VAL A 46 -10.74 0.02 0.04
N ASP A 47 -10.43 0.98 -0.82
CA ASP A 47 -11.26 2.17 -0.95
C ASP A 47 -12.66 1.76 -1.40
N SER A 48 -12.76 0.53 -1.87
CA SER A 48 -14.03 0.00 -2.34
C SER A 48 -14.26 -1.40 -1.76
N PHE A 49 -13.94 -1.54 -0.49
CA PHE A 49 -14.10 -2.82 0.18
C PHE A 49 -15.34 -2.81 1.08
N GLU A 50 -15.72 -4.00 1.52
CA GLU A 50 -16.88 -4.15 2.38
C GLU A 50 -16.90 -5.53 3.02
N GLY A 51 -17.04 -5.54 4.34
CA GLY A 51 -17.07 -6.79 5.09
C GLY A 51 -16.57 -6.59 6.52
N LYS A 52 -15.72 -7.51 6.95
CA LYS A 52 -15.17 -7.44 8.29
C LYS A 52 -13.72 -7.92 8.26
N LYS A 53 -13.13 -7.99 9.45
CA LYS A 53 -11.75 -8.42 9.57
C LYS A 53 -11.70 -9.95 9.47
N THR A 54 -12.87 -10.56 9.53
CA THR A 54 -12.97 -12.01 9.45
C THR A 54 -13.20 -12.44 8.01
N ASP A 55 -14.06 -11.70 7.32
CA ASP A 55 -14.36 -12.00 5.94
C ASP A 55 -13.07 -12.36 5.19
N LYS A 56 -13.17 -13.40 4.38
CA LYS A 56 -12.03 -13.86 3.61
C LYS A 56 -11.46 -12.69 2.80
N LYS A 57 -12.36 -12.00 2.11
CA LYS A 57 -11.96 -10.87 1.30
C LYS A 57 -10.89 -10.06 2.05
N TYR A 58 -11.29 -9.55 3.19
CA TYR A 58 -10.40 -8.75 4.02
C TYR A 58 -9.00 -9.38 4.06
N LEU A 59 -8.98 -10.67 4.37
CA LEU A 59 -7.73 -11.40 4.46
C LEU A 59 -6.99 -11.29 3.13
N MET A 60 -7.68 -11.69 2.07
CA MET A 60 -7.10 -11.64 0.73
C MET A 60 -6.35 -10.34 0.51
N ILE A 61 -7.02 -9.24 0.84
CA ILE A 61 -6.42 -7.92 0.68
C ILE A 61 -5.28 -7.76 1.69
N GLU A 62 -5.55 -8.19 2.91
CA GLU A 62 -4.56 -8.09 3.97
C GLU A 62 -3.26 -8.77 3.54
N GLU A 63 -3.37 -10.01 3.12
CA GLU A 63 -2.22 -10.77 2.68
C GLU A 63 -1.60 -10.13 1.44
N TYR A 64 -2.48 -9.74 0.51
CA TYR A 64 -2.04 -9.12 -0.72
C TYR A 64 -1.24 -7.84 -0.43
N LEU A 65 -1.80 -7.01 0.42
CA LEU A 65 -1.13 -5.76 0.79
C LEU A 65 0.28 -6.07 1.28
N THR A 66 0.35 -6.65 2.48
CA THR A 66 1.63 -6.99 3.07
C THR A 66 2.56 -7.62 2.02
N LYS A 67 1.97 -8.50 1.22
CA LYS A 67 2.73 -9.18 0.18
C LYS A 67 3.70 -8.19 -0.46
N GLU A 68 3.19 -7.00 -0.75
CA GLU A 68 4.01 -5.97 -1.36
C GLU A 68 5.06 -5.47 -0.36
N LEU A 69 4.61 -5.21 0.84
CA LEU A 69 5.50 -4.72 1.90
C LEU A 69 6.81 -5.50 1.83
N LEU A 70 6.68 -6.82 1.88
CA LEU A 70 7.84 -7.69 1.84
C LEU A 70 8.69 -7.34 0.61
N ALA A 71 8.00 -7.14 -0.50
CA ALA A 71 8.68 -6.80 -1.75
C ALA A 71 9.32 -5.41 -1.61
N LEU A 72 8.79 -4.63 -0.68
CA LEU A 72 9.29 -3.29 -0.45
C LEU A 72 10.47 -3.37 0.53
N ASP A 73 10.23 -4.04 1.65
CA ASP A 73 11.26 -4.20 2.67
C ASP A 73 12.42 -5.02 2.09
N SER A 74 12.11 -5.78 1.05
CA SER A 74 13.11 -6.60 0.40
C SER A 74 14.10 -5.73 -0.37
N VAL A 75 13.80 -4.44 -0.39
CA VAL A 75 14.66 -3.49 -1.08
C VAL A 75 15.80 -3.06 -0.15
N ASP A 76 17.02 -3.13 -0.69
CA ASP A 76 18.20 -2.76 0.08
C ASP A 76 18.78 -1.46 -0.49
N PRO A 77 18.45 -0.33 0.19
CA PRO A 77 18.94 0.97 -0.24
C PRO A 77 20.42 1.14 0.11
N GLU A 78 20.82 0.46 1.18
CA GLU A 78 22.20 0.53 1.63
C GLU A 78 22.51 1.91 2.19
N GLY A 79 22.33 2.91 1.34
CA GLY A 79 22.58 4.29 1.74
C GLY A 79 22.21 5.27 0.62
N ARG A 80 21.06 5.01 0.01
CA ARG A 80 20.59 5.85 -1.08
C ARG A 80 19.26 6.50 -0.70
N ALA A 81 19.36 7.75 -0.24
CA ALA A 81 18.18 8.49 0.16
C ALA A 81 17.05 8.22 -0.83
N ASP A 82 17.32 8.50 -2.09
CA ASP A 82 16.33 8.29 -3.14
C ASP A 82 15.59 6.98 -2.87
N VAL A 83 16.37 5.93 -2.63
CA VAL A 83 15.79 4.62 -2.35
C VAL A 83 15.25 4.60 -0.92
N ARG A 84 16.15 4.79 0.03
CA ARG A 84 15.76 4.78 1.44
C ARG A 84 14.40 5.45 1.61
N GLN A 85 14.21 6.55 0.89
CA GLN A 85 12.96 7.28 0.96
C GLN A 85 11.85 6.49 0.29
N ALA A 86 11.98 6.34 -1.02
CA ALA A 86 10.99 5.62 -1.80
C ALA A 86 10.62 4.32 -1.07
N ARG A 87 11.64 3.50 -0.85
CA ARG A 87 11.44 2.24 -0.16
C ARG A 87 10.62 2.44 1.11
N ARG A 88 10.71 3.65 1.64
CA ARG A 88 9.97 4.00 2.85
C ARG A 88 8.53 4.37 2.52
N ASP A 89 8.40 5.43 1.73
CA ASP A 89 7.08 5.89 1.33
C ASP A 89 6.27 4.73 0.77
N GLY A 90 7.00 3.70 0.32
CA GLY A 90 6.37 2.53 -0.24
C GLY A 90 5.61 1.74 0.84
N VAL A 91 6.37 1.18 1.76
CA VAL A 91 5.78 0.41 2.85
C VAL A 91 4.77 1.28 3.60
N ARG A 92 5.09 2.56 3.68
CA ARG A 92 4.23 3.51 4.37
C ARG A 92 2.85 3.55 3.70
N LYS A 93 2.87 3.59 2.37
CA LYS A 93 1.63 3.63 1.61
C LYS A 93 0.73 2.46 2.04
N VAL A 94 1.25 1.26 1.85
CA VAL A 94 0.51 0.06 2.21
C VAL A 94 -0.06 0.23 3.62
N GLN A 95 0.82 0.53 4.56
CA GLN A 95 0.42 0.72 5.93
C GLN A 95 -0.88 1.53 6.01
N THR A 96 -0.86 2.67 5.33
CA THR A 96 -2.02 3.55 5.30
C THR A 96 -3.24 2.80 4.76
N ILE A 97 -3.00 2.01 3.72
CA ILE A 97 -4.06 1.24 3.10
C ILE A 97 -4.63 0.26 4.11
N LEU A 98 -3.74 -0.35 4.88
CA LEU A 98 -4.14 -1.32 5.89
C LEU A 98 -5.11 -0.65 6.86
N GLU A 99 -4.70 0.50 7.37
CA GLU A 99 -5.52 1.25 8.30
C GLU A 99 -6.91 1.50 7.70
N LYS A 100 -6.92 1.76 6.41
CA LYS A 100 -8.17 2.01 5.70
C LYS A 100 -9.07 0.78 5.80
N LEU A 101 -8.68 -0.26 5.09
CA LEU A 101 -9.44 -1.50 5.09
C LEU A 101 -9.92 -1.80 6.51
N GLU A 102 -8.97 -1.80 7.44
CA GLU A 102 -9.28 -2.06 8.83
C GLU A 102 -10.61 -1.42 9.21
N GLN A 103 -10.67 -0.11 9.02
CA GLN A 103 -11.88 0.64 9.34
C GLN A 103 -13.03 0.20 8.43
N LYS A 104 -12.68 -0.14 7.20
CA LYS A 104 -13.67 -0.57 6.23
C LYS A 104 -14.36 -1.84 6.75
N ALA A 105 -13.55 -2.85 7.02
CA ALA A 105 -14.07 -4.11 7.52
C ALA A 105 -14.24 -4.02 9.04
N SER A 106 -14.87 -2.93 9.46
CA SER A 106 -15.09 -2.71 10.89
C SER A 106 -16.54 -2.28 11.13
N GLY A 107 -17.31 -2.32 10.05
CA GLY A 107 -18.71 -1.93 10.12
C GLY A 107 -19.29 -1.65 8.74
N PRO A 108 -20.64 -1.62 8.67
CA PRO A 108 -21.32 -1.35 7.42
C PRO A 108 -21.22 0.12 7.03
N SER A 109 -20.79 0.35 5.80
CA SER A 109 -20.66 1.72 5.30
C SER A 109 -20.88 1.75 3.79
N SER A 110 -20.20 0.85 3.10
CA SER A 110 -20.32 0.76 1.66
C SER A 110 -20.85 -0.62 1.26
N GLY A 111 -21.48 -0.66 0.09
CA GLY A 111 -22.04 -1.90 -0.42
C GLY A 111 -21.30 -2.37 -1.67
N GLY A 1 -2.34 -18.07 4.76
CA GLY A 1 -2.79 -17.19 5.83
C GLY A 1 -1.61 -16.51 6.52
N SER A 2 -1.91 -15.36 7.11
CA SER A 2 -0.89 -14.59 7.81
C SER A 2 -1.54 -13.56 8.73
N SER A 3 -0.71 -12.94 9.55
CA SER A 3 -1.20 -11.93 10.48
C SER A 3 -0.05 -10.98 10.86
N GLY A 4 -0.42 -9.92 11.55
CA GLY A 4 0.55 -8.93 11.98
C GLY A 4 -0.05 -7.51 11.96
N SER A 5 0.51 -6.66 12.81
CA SER A 5 0.04 -5.29 12.90
C SER A 5 0.87 -4.52 13.92
N SER A 6 1.43 -3.41 13.47
CA SER A 6 2.25 -2.57 14.33
C SER A 6 2.81 -1.38 13.53
N GLY A 7 3.10 -0.31 14.26
CA GLY A 7 3.63 0.89 13.63
C GLY A 7 3.14 2.14 14.35
N ALA A 8 3.91 3.21 14.18
CA ALA A 8 3.56 4.48 14.80
C ALA A 8 3.87 5.63 13.84
N PRO A 9 3.08 5.67 12.74
CA PRO A 9 3.26 6.71 11.73
C PRO A 9 2.71 8.05 12.22
N ALA A 10 2.79 9.04 11.34
CA ALA A 10 2.31 10.37 11.67
C ALA A 10 2.57 11.30 10.49
N GLU A 11 1.96 10.97 9.36
CA GLU A 11 2.10 11.77 8.16
C GLU A 11 1.14 11.28 7.08
N PRO A 12 0.19 12.18 6.70
CA PRO A 12 -0.80 11.85 5.69
C PRO A 12 -0.17 11.89 4.29
N ALA A 13 1.12 12.17 4.26
CA ALA A 13 1.85 12.24 3.01
C ALA A 13 1.42 11.08 2.11
N ALA A 14 1.28 11.37 0.82
CA ALA A 14 0.87 10.36 -0.14
C ALA A 14 0.82 10.99 -1.53
N PRO A 15 2.03 11.29 -2.07
CA PRO A 15 2.13 11.89 -3.39
C PRO A 15 1.87 10.86 -4.49
N LYS A 16 2.01 11.31 -5.72
CA LYS A 16 1.79 10.44 -6.87
C LYS A 16 2.85 10.72 -7.93
N SER A 17 2.70 10.05 -9.06
CA SER A 17 3.64 10.22 -10.17
C SER A 17 2.99 9.76 -11.47
N GLY A 18 3.67 10.08 -12.56
CA GLY A 18 3.17 9.71 -13.89
C GLY A 18 3.39 10.84 -14.89
N GLU A 19 2.35 11.64 -15.06
CA GLU A 19 2.41 12.76 -15.99
C GLU A 19 2.79 12.27 -17.38
N ALA A 20 2.96 13.23 -18.28
CA ALA A 20 3.32 12.91 -19.65
C ALA A 20 4.63 12.10 -19.65
N GLU A 21 5.16 11.89 -20.85
CA GLU A 21 6.39 11.14 -21.00
C GLU A 21 7.38 11.51 -19.89
N THR A 22 8.02 10.49 -19.35
CA THR A 22 8.99 10.70 -18.28
C THR A 22 10.31 10.00 -18.62
N PRO A 23 11.43 10.71 -18.32
CA PRO A 23 12.75 10.17 -18.59
C PRO A 23 13.12 9.09 -17.56
N PRO A 24 14.28 8.43 -17.82
CA PRO A 24 14.75 7.38 -16.93
C PRO A 24 15.33 7.98 -15.65
N LYS A 25 14.83 7.48 -14.52
CA LYS A 25 15.29 7.96 -13.23
C LYS A 25 16.24 6.91 -12.63
N HIS A 26 16.00 6.61 -11.36
CA HIS A 26 16.83 5.64 -10.65
C HIS A 26 16.09 4.31 -10.57
N PRO A 27 16.85 3.22 -10.80
CA PRO A 27 16.27 1.88 -10.76
C PRO A 27 16.02 1.43 -9.32
N GLY A 28 16.92 1.85 -8.44
CA GLY A 28 16.81 1.50 -7.03
C GLY A 28 15.45 1.92 -6.47
N VAL A 29 14.98 3.07 -6.96
CA VAL A 29 13.69 3.60 -6.52
C VAL A 29 12.57 2.79 -7.16
N LEU A 30 12.57 2.79 -8.48
CA LEU A 30 11.55 2.06 -9.22
C LEU A 30 11.28 0.72 -8.53
N LYS A 31 12.33 0.15 -7.99
CA LYS A 31 12.23 -1.13 -7.30
C LYS A 31 10.97 -1.12 -6.43
N VAL A 32 10.66 0.05 -5.89
CA VAL A 32 9.48 0.19 -5.05
C VAL A 32 8.25 0.44 -5.92
N GLU A 33 8.44 1.30 -6.92
CA GLU A 33 7.35 1.63 -7.83
C GLU A 33 6.77 0.35 -8.43
N ALA A 34 7.64 -0.63 -8.65
CA ALA A 34 7.22 -1.89 -9.22
C ALA A 34 6.28 -2.60 -8.24
N ILE A 35 6.56 -2.40 -6.96
CA ILE A 35 5.75 -3.01 -5.92
C ILE A 35 4.48 -2.17 -5.70
N LEU A 36 4.68 -0.90 -5.44
CA LEU A 36 3.57 0.01 -5.22
C LEU A 36 2.48 -0.27 -6.25
N GLU A 37 2.92 -0.57 -7.47
CA GLU A 37 2.00 -0.86 -8.54
C GLU A 37 0.89 -1.81 -8.06
N LYS A 38 1.31 -2.80 -7.29
CA LYS A 38 0.37 -3.78 -6.76
C LYS A 38 -0.52 -3.11 -5.71
N VAL A 39 0.12 -2.40 -4.80
CA VAL A 39 -0.59 -1.71 -3.74
C VAL A 39 -1.79 -0.96 -4.35
N GLN A 40 -1.57 -0.42 -5.54
CA GLN A 40 -2.61 0.31 -6.23
C GLN A 40 -3.85 -0.57 -6.39
N GLY A 41 -3.61 -1.87 -6.53
CA GLY A 41 -4.70 -2.82 -6.71
C GLY A 41 -5.42 -3.05 -5.38
N LEU A 42 -4.69 -2.88 -4.30
CA LEU A 42 -5.25 -3.07 -2.97
C LEU A 42 -5.80 -1.74 -2.46
N GLU A 43 -5.17 -0.67 -2.90
CA GLU A 43 -5.59 0.67 -2.49
C GLU A 43 -6.98 0.98 -3.06
N GLN A 44 -7.16 0.63 -4.32
CA GLN A 44 -8.43 0.86 -4.99
C GLN A 44 -9.50 -0.08 -4.45
N ALA A 45 -9.05 -1.25 -4.00
CA ALA A 45 -9.95 -2.24 -3.46
C ALA A 45 -10.44 -1.78 -2.08
N VAL A 46 -9.50 -1.37 -1.26
CA VAL A 46 -9.83 -0.91 0.08
C VAL A 46 -10.84 0.24 -0.02
N ASP A 47 -10.42 1.29 -0.70
CA ASP A 47 -11.28 2.45 -0.88
C ASP A 47 -12.68 2.00 -1.26
N SER A 48 -12.73 0.92 -2.04
CA SER A 48 -14.00 0.37 -2.48
C SER A 48 -14.14 -1.07 -2.01
N PHE A 49 -13.87 -1.27 -0.73
CA PHE A 49 -13.96 -2.60 -0.14
C PHE A 49 -15.18 -2.71 0.78
N GLU A 50 -15.55 -3.95 1.08
CA GLU A 50 -16.69 -4.21 1.93
C GLU A 50 -16.56 -5.59 2.58
N GLY A 51 -16.79 -5.61 3.89
CA GLY A 51 -16.71 -6.86 4.64
C GLY A 51 -16.34 -6.59 6.11
N LYS A 52 -15.35 -7.32 6.57
CA LYS A 52 -14.90 -7.18 7.95
C LYS A 52 -13.44 -7.64 8.05
N LYS A 53 -12.96 -7.71 9.29
CA LYS A 53 -11.59 -8.13 9.54
C LYS A 53 -11.56 -9.65 9.71
N THR A 54 -12.72 -10.27 9.55
CA THR A 54 -12.82 -11.71 9.68
C THR A 54 -13.17 -12.35 8.34
N ASP A 55 -13.70 -11.51 7.45
CA ASP A 55 -14.08 -11.99 6.13
C ASP A 55 -12.85 -12.48 5.38
N LYS A 56 -13.09 -13.30 4.37
CA LYS A 56 -12.01 -13.84 3.57
C LYS A 56 -11.47 -12.75 2.63
N LYS A 57 -12.38 -12.17 1.87
CA LYS A 57 -12.02 -11.11 0.94
C LYS A 57 -10.99 -10.19 1.59
N TYR A 58 -11.28 -9.81 2.82
CA TYR A 58 -10.40 -8.93 3.57
C TYR A 58 -8.98 -9.51 3.63
N LEU A 59 -8.91 -10.79 3.96
CA LEU A 59 -7.64 -11.48 4.06
C LEU A 59 -6.93 -11.42 2.70
N MET A 60 -7.72 -11.47 1.65
CA MET A 60 -7.18 -11.43 0.30
C MET A 60 -6.42 -10.13 0.06
N ILE A 61 -7.06 -9.03 0.43
CA ILE A 61 -6.45 -7.72 0.26
C ILE A 61 -5.24 -7.60 1.17
N GLU A 62 -5.42 -8.05 2.41
CA GLU A 62 -4.35 -7.99 3.39
C GLU A 62 -3.07 -8.62 2.82
N GLU A 63 -3.14 -9.92 2.57
CA GLU A 63 -2.01 -10.65 2.03
C GLU A 63 -1.27 -9.79 1.00
N TYR A 64 -2.02 -9.41 -0.03
CA TYR A 64 -1.46 -8.59 -1.09
C TYR A 64 -0.76 -7.35 -0.52
N LEU A 65 -1.54 -6.53 0.16
CA LEU A 65 -1.01 -5.31 0.76
C LEU A 65 0.37 -5.61 1.35
N THR A 66 0.38 -6.48 2.34
CA THR A 66 1.62 -6.86 3.00
C THR A 66 2.61 -7.43 1.98
N LYS A 67 2.11 -8.35 1.18
CA LYS A 67 2.94 -8.99 0.16
C LYS A 67 3.85 -7.94 -0.48
N GLU A 68 3.24 -6.82 -0.86
CA GLU A 68 3.98 -5.74 -1.49
C GLU A 68 5.00 -5.17 -0.50
N LEU A 69 4.56 -5.00 0.74
CA LEU A 69 5.42 -4.46 1.78
C LEU A 69 6.72 -5.26 1.82
N LEU A 70 6.57 -6.56 2.04
CA LEU A 70 7.73 -7.44 2.10
C LEU A 70 8.65 -7.15 0.92
N ALA A 71 8.04 -6.89 -0.23
CA ALA A 71 8.79 -6.60 -1.43
C ALA A 71 9.39 -5.19 -1.32
N LEU A 72 8.65 -4.32 -0.66
CA LEU A 72 9.10 -2.95 -0.48
C LEU A 72 10.37 -2.94 0.38
N ASP A 73 10.45 -3.92 1.27
CA ASP A 73 11.61 -4.03 2.13
C ASP A 73 12.63 -4.98 1.52
N SER A 74 12.15 -5.78 0.56
CA SER A 74 13.01 -6.72 -0.12
C SER A 74 14.13 -5.99 -0.85
N VAL A 75 13.77 -4.87 -1.45
CA VAL A 75 14.73 -4.06 -2.18
C VAL A 75 15.82 -3.58 -1.22
N ASP A 76 17.05 -3.53 -1.74
CA ASP A 76 18.18 -3.10 -0.95
C ASP A 76 18.69 -1.76 -1.48
N PRO A 77 18.61 -0.72 -0.61
CA PRO A 77 19.06 0.61 -0.97
C PRO A 77 20.59 0.69 -1.00
N GLU A 78 21.21 -0.25 -0.32
CA GLU A 78 22.67 -0.30 -0.24
C GLU A 78 23.19 0.78 0.70
N GLY A 79 23.00 2.03 0.30
CA GLY A 79 23.44 3.15 1.09
C GLY A 79 22.98 4.48 0.49
N ARG A 80 21.80 4.43 -0.12
CA ARG A 80 21.23 5.61 -0.74
C ARG A 80 19.95 6.04 -0.01
N ALA A 81 19.61 7.31 -0.17
CA ALA A 81 18.42 7.85 0.47
C ALA A 81 17.25 7.79 -0.52
N ASP A 82 17.55 8.16 -1.75
CA ASP A 82 16.53 8.16 -2.79
C ASP A 82 15.82 6.81 -2.82
N VAL A 83 16.63 5.76 -2.69
CA VAL A 83 16.09 4.41 -2.68
C VAL A 83 15.29 4.18 -1.41
N ARG A 84 15.96 4.40 -0.28
CA ARG A 84 15.32 4.22 1.01
C ARG A 84 14.01 5.01 1.08
N GLN A 85 14.10 6.26 0.64
CA GLN A 85 12.93 7.13 0.65
C GLN A 85 11.71 6.39 0.11
N ALA A 86 11.81 5.97 -1.15
CA ALA A 86 10.73 5.24 -1.79
C ALA A 86 10.47 3.94 -1.03
N ARG A 87 11.55 3.22 -0.76
CA ARG A 87 11.45 1.97 -0.05
C ARG A 87 10.77 2.18 1.31
N ARG A 88 10.76 3.43 1.73
CA ARG A 88 10.15 3.78 3.00
C ARG A 88 8.76 4.37 2.78
N ASP A 89 8.64 5.12 1.69
CA ASP A 89 7.37 5.74 1.35
C ASP A 89 6.36 4.66 0.97
N GLY A 90 6.66 3.97 -0.12
CA GLY A 90 5.79 2.91 -0.60
C GLY A 90 5.30 2.03 0.56
N VAL A 91 6.16 1.91 1.56
CA VAL A 91 5.82 1.11 2.73
C VAL A 91 4.75 1.83 3.55
N ARG A 92 5.03 3.08 3.86
CA ARG A 92 4.10 3.88 4.63
C ARG A 92 2.74 3.96 3.93
N LYS A 93 2.79 3.77 2.61
CA LYS A 93 1.59 3.82 1.81
C LYS A 93 0.68 2.65 2.19
N VAL A 94 1.15 1.46 1.89
CA VAL A 94 0.40 0.25 2.20
C VAL A 94 -0.15 0.34 3.63
N GLN A 95 0.77 0.64 4.55
CA GLN A 95 0.40 0.76 5.95
C GLN A 95 -0.90 1.54 6.09
N THR A 96 -0.94 2.70 5.44
CA THR A 96 -2.10 3.56 5.49
C THR A 96 -3.34 2.81 4.96
N ILE A 97 -3.07 1.92 4.01
CA ILE A 97 -4.15 1.14 3.41
C ILE A 97 -4.65 0.11 4.42
N LEU A 98 -3.71 -0.47 5.16
CA LEU A 98 -4.05 -1.46 6.16
C LEU A 98 -4.91 -0.81 7.24
N GLU A 99 -4.45 0.34 7.72
CA GLU A 99 -5.17 1.06 8.75
C GLU A 99 -6.54 1.48 8.24
N LYS A 100 -6.67 1.54 6.92
CA LYS A 100 -7.92 1.93 6.29
C LYS A 100 -8.77 0.68 6.06
N LEU A 101 -8.14 -0.33 5.49
CA LEU A 101 -8.83 -1.58 5.19
C LEU A 101 -9.71 -1.95 6.39
N GLU A 102 -9.07 -2.04 7.55
CA GLU A 102 -9.79 -2.39 8.77
C GLU A 102 -11.08 -1.57 8.88
N GLN A 103 -10.89 -0.29 9.20
CA GLN A 103 -12.03 0.61 9.35
C GLN A 103 -13.07 0.32 8.27
N LYS A 104 -12.59 0.16 7.04
CA LYS A 104 -13.46 -0.11 5.92
C LYS A 104 -14.31 -1.35 6.23
N ALA A 105 -13.63 -2.38 6.69
CA ALA A 105 -14.30 -3.63 7.02
C ALA A 105 -15.23 -3.40 8.22
N SER A 106 -14.73 -2.60 9.16
CA SER A 106 -15.50 -2.29 10.36
C SER A 106 -16.50 -1.17 10.07
N GLY A 107 -16.55 -0.78 8.80
CA GLY A 107 -17.45 0.28 8.37
C GLY A 107 -18.85 -0.29 8.08
N PRO A 108 -19.54 0.37 7.11
CA PRO A 108 -20.88 -0.05 6.73
C PRO A 108 -20.83 -1.31 5.87
N SER A 109 -22.00 -1.74 5.45
CA SER A 109 -22.11 -2.94 4.62
C SER A 109 -23.51 -3.03 4.00
N SER A 110 -23.65 -2.39 2.85
CA SER A 110 -24.92 -2.39 2.16
C SER A 110 -24.71 -2.78 0.69
N GLY A 111 -24.59 -4.08 0.47
CA GLY A 111 -24.40 -4.59 -0.88
C GLY A 111 -25.59 -5.43 -1.34
N GLY A 1 -10.14 -23.84 5.73
CA GLY A 1 -9.12 -23.10 6.45
C GLY A 1 -9.62 -21.70 6.82
N SER A 2 -8.91 -21.09 7.76
CA SER A 2 -9.27 -19.75 8.21
C SER A 2 -8.18 -19.20 9.14
N SER A 3 -7.78 -17.98 8.85
CA SER A 3 -6.75 -17.33 9.65
C SER A 3 -6.42 -15.95 9.07
N GLY A 4 -5.74 -15.15 9.86
CA GLY A 4 -5.36 -13.80 9.43
C GLY A 4 -4.67 -13.05 10.57
N SER A 5 -4.27 -11.83 10.25
CA SER A 5 -3.60 -10.98 11.23
C SER A 5 -3.28 -9.62 10.62
N SER A 6 -2.80 -8.72 11.47
CA SER A 6 -2.45 -7.38 11.02
C SER A 6 -1.87 -6.58 12.19
N GLY A 7 -1.29 -5.44 11.85
CA GLY A 7 -0.70 -4.57 12.86
C GLY A 7 -1.69 -3.51 13.33
N ALA A 8 -1.15 -2.41 13.82
CA ALA A 8 -1.98 -1.32 14.30
C ALA A 8 -1.14 -0.04 14.36
N PRO A 9 -0.76 0.47 13.16
CA PRO A 9 0.04 1.67 13.06
C PRO A 9 -0.81 2.91 13.36
N ALA A 10 -0.26 4.07 12.99
CA ALA A 10 -0.95 5.32 13.20
C ALA A 10 -0.19 6.45 12.49
N GLU A 11 -0.30 6.45 11.17
CA GLU A 11 0.38 7.45 10.36
C GLU A 11 -0.41 7.72 9.08
N PRO A 12 -0.60 9.03 8.77
CA PRO A 12 -1.32 9.42 7.59
C PRO A 12 -0.48 9.22 6.33
N ALA A 13 -1.03 9.65 5.20
CA ALA A 13 -0.33 9.51 3.93
C ALA A 13 -1.14 10.21 2.84
N ALA A 14 -0.63 10.13 1.62
CA ALA A 14 -1.29 10.74 0.49
C ALA A 14 -0.94 9.96 -0.79
N PRO A 15 -1.89 9.99 -1.76
CA PRO A 15 -1.69 9.30 -3.02
C PRO A 15 -0.70 10.06 -3.92
N LYS A 16 -0.41 9.46 -5.06
CA LYS A 16 0.52 10.06 -6.01
C LYS A 16 0.39 9.35 -7.36
N SER A 17 0.49 10.14 -8.42
CA SER A 17 0.40 9.60 -9.76
C SER A 17 0.99 10.59 -10.76
N GLY A 18 1.23 10.09 -11.97
CA GLY A 18 1.79 10.92 -13.03
C GLY A 18 2.64 10.09 -13.98
N GLU A 19 1.99 9.11 -14.60
CA GLU A 19 2.68 8.24 -15.54
C GLU A 19 2.54 8.77 -16.96
N ALA A 20 3.65 8.76 -17.68
CA ALA A 20 3.66 9.24 -19.05
C ALA A 20 5.09 9.24 -19.58
N GLU A 21 5.25 9.75 -20.79
CA GLU A 21 6.56 9.82 -21.42
C GLU A 21 7.60 10.31 -20.41
N THR A 22 8.44 9.38 -19.97
CA THR A 22 9.48 9.70 -19.01
C THR A 22 10.56 8.62 -19.02
N PRO A 23 11.84 9.09 -19.03
CA PRO A 23 12.97 8.18 -19.05
C PRO A 23 13.18 7.55 -17.66
N PRO A 24 13.97 6.45 -17.65
CA PRO A 24 14.26 5.74 -16.40
C PRO A 24 15.26 6.52 -15.56
N LYS A 25 15.08 6.43 -14.25
CA LYS A 25 15.96 7.11 -13.32
C LYS A 25 16.84 6.09 -12.61
N HIS A 26 16.43 5.73 -11.40
CA HIS A 26 17.16 4.76 -10.61
C HIS A 26 16.36 3.47 -10.51
N PRO A 27 17.09 2.33 -10.62
CA PRO A 27 16.46 1.02 -10.54
C PRO A 27 16.08 0.68 -9.09
N GLY A 28 16.94 1.10 -8.18
CA GLY A 28 16.71 0.85 -6.76
C GLY A 28 15.38 1.45 -6.31
N VAL A 29 15.03 2.58 -6.92
CA VAL A 29 13.80 3.26 -6.58
C VAL A 29 12.62 2.51 -7.23
N LEU A 30 12.71 2.38 -8.55
CA LEU A 30 11.66 1.70 -9.30
C LEU A 30 11.26 0.43 -8.55
N LYS A 31 12.25 -0.20 -7.95
CA LYS A 31 12.01 -1.43 -7.21
C LYS A 31 10.78 -1.26 -6.33
N VAL A 32 10.56 -0.01 -5.91
CA VAL A 32 9.42 0.31 -5.07
C VAL A 32 8.20 0.59 -5.94
N GLU A 33 8.43 1.41 -6.97
CA GLU A 33 7.36 1.78 -7.88
C GLU A 33 6.74 0.52 -8.50
N ALA A 34 7.57 -0.49 -8.68
CA ALA A 34 7.11 -1.75 -9.25
C ALA A 34 6.18 -2.44 -8.26
N ILE A 35 6.46 -2.24 -6.99
CA ILE A 35 5.67 -2.83 -5.93
C ILE A 35 4.42 -1.98 -5.70
N LEU A 36 4.65 -0.70 -5.44
CA LEU A 36 3.55 0.22 -5.20
C LEU A 36 2.45 -0.02 -6.23
N GLU A 37 2.87 -0.35 -7.44
CA GLU A 37 1.92 -0.61 -8.52
C GLU A 37 0.87 -1.61 -8.06
N LYS A 38 1.32 -2.59 -7.28
CA LYS A 38 0.43 -3.62 -6.78
C LYS A 38 -0.45 -3.03 -5.69
N VAL A 39 0.19 -2.33 -4.76
CA VAL A 39 -0.53 -1.71 -3.67
C VAL A 39 -1.76 -0.97 -4.20
N GLN A 40 -1.58 -0.39 -5.38
CA GLN A 40 -2.66 0.35 -6.01
C GLN A 40 -3.87 -0.57 -6.21
N GLY A 41 -3.58 -1.84 -6.41
CA GLY A 41 -4.64 -2.83 -6.62
C GLY A 41 -5.35 -3.15 -5.31
N LEU A 42 -4.62 -2.96 -4.21
CA LEU A 42 -5.17 -3.23 -2.89
C LEU A 42 -5.74 -1.93 -2.31
N GLU A 43 -5.09 -0.83 -2.64
CA GLU A 43 -5.53 0.48 -2.16
C GLU A 43 -6.85 0.86 -2.82
N GLN A 44 -6.96 0.55 -4.10
CA GLN A 44 -8.15 0.87 -4.87
C GLN A 44 -9.31 -0.04 -4.43
N ALA A 45 -8.94 -1.20 -3.90
CA ALA A 45 -9.93 -2.16 -3.45
C ALA A 45 -10.43 -1.75 -2.05
N VAL A 46 -9.50 -1.28 -1.24
CA VAL A 46 -9.83 -0.85 0.11
C VAL A 46 -10.80 0.33 0.03
N ASP A 47 -10.41 1.34 -0.72
CA ASP A 47 -11.23 2.53 -0.88
C ASP A 47 -12.59 2.13 -1.44
N SER A 48 -12.62 0.94 -2.04
CA SER A 48 -13.85 0.43 -2.61
C SER A 48 -14.30 -0.84 -1.88
N PHE A 49 -13.73 -1.02 -0.70
CA PHE A 49 -14.04 -2.19 0.11
C PHE A 49 -15.16 -1.86 1.12
N GLU A 50 -16.07 -2.81 1.27
CA GLU A 50 -17.18 -2.65 2.18
C GLU A 50 -17.43 -3.95 2.96
N GLY A 51 -16.40 -4.79 3.00
CA GLY A 51 -16.50 -6.05 3.70
C GLY A 51 -16.27 -5.87 5.20
N LYS A 52 -15.59 -6.84 5.79
CA LYS A 52 -15.29 -6.81 7.21
C LYS A 52 -13.95 -7.49 7.46
N LYS A 53 -13.66 -7.69 8.74
CA LYS A 53 -12.41 -8.33 9.14
C LYS A 53 -12.59 -9.85 9.09
N THR A 54 -13.74 -10.26 8.58
CA THR A 54 -14.05 -11.68 8.48
C THR A 54 -14.13 -12.10 7.01
N ASP A 55 -14.60 -11.17 6.18
CA ASP A 55 -14.74 -11.42 4.76
C ASP A 55 -13.40 -11.91 4.20
N LYS A 56 -13.49 -12.64 3.10
CA LYS A 56 -12.30 -13.16 2.45
C LYS A 56 -11.54 -12.02 1.77
N LYS A 57 -12.30 -11.17 1.11
CA LYS A 57 -11.72 -10.03 0.41
C LYS A 57 -10.71 -9.33 1.33
N TYR A 58 -11.16 -9.08 2.55
CA TYR A 58 -10.31 -8.42 3.54
C TYR A 58 -9.00 -9.19 3.73
N LEU A 59 -9.12 -10.52 3.76
CA LEU A 59 -7.96 -11.37 3.94
C LEU A 59 -7.09 -11.30 2.69
N MET A 60 -7.75 -11.15 1.55
CA MET A 60 -7.06 -11.08 0.28
C MET A 60 -6.26 -9.78 0.16
N ILE A 61 -6.91 -8.68 0.54
CA ILE A 61 -6.27 -7.38 0.49
C ILE A 61 -5.15 -7.33 1.52
N GLU A 62 -5.35 -8.05 2.61
CA GLU A 62 -4.36 -8.10 3.67
C GLU A 62 -3.12 -8.87 3.21
N GLU A 63 -3.36 -10.08 2.73
CA GLU A 63 -2.28 -10.92 2.26
C GLU A 63 -1.47 -10.20 1.19
N TYR A 64 -2.17 -9.56 0.28
CA TYR A 64 -1.53 -8.83 -0.80
C TYR A 64 -0.78 -7.61 -0.26
N LEU A 65 -1.54 -6.72 0.37
CA LEU A 65 -0.96 -5.51 0.93
C LEU A 65 0.40 -5.85 1.54
N THR A 66 0.41 -6.88 2.37
CA THR A 66 1.63 -7.30 3.02
C THR A 66 2.63 -7.82 2.00
N LYS A 67 2.14 -8.64 1.10
CA LYS A 67 2.98 -9.22 0.06
C LYS A 67 3.85 -8.12 -0.56
N GLU A 68 3.23 -6.97 -0.76
CA GLU A 68 3.94 -5.83 -1.32
C GLU A 68 4.95 -5.28 -0.32
N LEU A 69 4.58 -5.36 0.95
CA LEU A 69 5.44 -4.88 2.01
C LEU A 69 6.76 -5.67 2.00
N LEU A 70 6.62 -6.98 2.16
CA LEU A 70 7.79 -7.85 2.17
C LEU A 70 8.64 -7.56 0.93
N ALA A 71 7.96 -7.24 -0.17
CA ALA A 71 8.66 -6.94 -1.40
C ALA A 71 9.34 -5.58 -1.29
N LEU A 72 8.78 -4.74 -0.43
CA LEU A 72 9.32 -3.41 -0.21
C LEU A 72 10.53 -3.50 0.72
N ASP A 73 10.50 -4.51 1.58
CA ASP A 73 11.58 -4.72 2.53
C ASP A 73 12.76 -5.37 1.81
N SER A 74 12.43 -6.27 0.89
CA SER A 74 13.46 -6.96 0.13
C SER A 74 14.35 -5.96 -0.60
N VAL A 75 13.84 -4.74 -0.70
CA VAL A 75 14.58 -3.69 -1.37
C VAL A 75 15.58 -3.06 -0.39
N ASP A 76 16.85 -3.13 -0.78
CA ASP A 76 17.91 -2.58 0.05
C ASP A 76 18.54 -1.39 -0.66
N PRO A 77 18.32 -0.18 -0.06
CA PRO A 77 18.87 1.03 -0.63
C PRO A 77 20.37 1.14 -0.36
N GLU A 78 20.80 0.45 0.69
CA GLU A 78 22.20 0.46 1.07
C GLU A 78 22.57 1.79 1.72
N GLY A 79 22.46 2.85 0.93
CA GLY A 79 22.77 4.18 1.42
C GLY A 79 22.23 5.25 0.47
N ARG A 80 21.13 4.93 -0.18
CA ARG A 80 20.50 5.85 -1.11
C ARG A 80 19.24 6.46 -0.49
N ALA A 81 19.16 7.78 -0.58
CA ALA A 81 18.01 8.49 -0.03
C ALA A 81 16.85 8.44 -1.03
N ASP A 82 17.19 8.64 -2.30
CA ASP A 82 16.20 8.62 -3.35
C ASP A 82 15.44 7.29 -3.30
N VAL A 83 16.15 6.26 -2.86
CA VAL A 83 15.56 4.94 -2.76
C VAL A 83 14.84 4.80 -1.41
N ARG A 84 15.55 5.19 -0.36
CA ARG A 84 15.00 5.12 0.98
C ARG A 84 13.65 5.84 1.04
N GLN A 85 13.63 7.04 0.48
CA GLN A 85 12.41 7.84 0.46
C GLN A 85 11.29 7.07 -0.23
N ALA A 86 11.61 6.53 -1.39
CA ALA A 86 10.63 5.77 -2.16
C ALA A 86 10.25 4.50 -1.38
N ARG A 87 11.27 3.85 -0.84
CA ARG A 87 11.05 2.65 -0.07
C ARG A 87 10.17 2.92 1.14
N ARG A 88 10.47 4.03 1.80
CA ARG A 88 9.71 4.43 2.98
C ARG A 88 8.23 4.63 2.61
N ASP A 89 8.02 5.39 1.55
CA ASP A 89 6.67 5.68 1.08
C ASP A 89 6.00 4.37 0.67
N GLY A 90 6.80 3.48 0.11
CA GLY A 90 6.29 2.19 -0.34
C GLY A 90 5.53 1.48 0.79
N VAL A 91 6.25 1.22 1.87
CA VAL A 91 5.66 0.55 3.01
C VAL A 91 4.64 1.48 3.67
N ARG A 92 5.08 2.72 3.90
CA ARG A 92 4.22 3.70 4.52
C ARG A 92 2.88 3.80 3.78
N LYS A 93 2.97 3.64 2.46
CA LYS A 93 1.78 3.70 1.63
C LYS A 93 0.83 2.56 2.01
N VAL A 94 1.40 1.37 2.10
CA VAL A 94 0.62 0.19 2.46
C VAL A 94 0.10 0.35 3.89
N GLN A 95 1.03 0.53 4.80
CA GLN A 95 0.68 0.68 6.21
C GLN A 95 -0.61 1.48 6.34
N THR A 96 -0.69 2.55 5.57
CA THR A 96 -1.87 3.40 5.59
C THR A 96 -3.08 2.67 5.02
N ILE A 97 -2.89 2.11 3.84
CA ILE A 97 -3.95 1.36 3.18
C ILE A 97 -4.41 0.23 4.09
N LEU A 98 -3.44 -0.42 4.72
CA LEU A 98 -3.74 -1.52 5.63
C LEU A 98 -4.66 -1.03 6.74
N GLU A 99 -4.30 0.12 7.30
CA GLU A 99 -5.09 0.71 8.38
C GLU A 99 -6.50 1.02 7.88
N LYS A 100 -6.59 1.36 6.60
CA LYS A 100 -7.88 1.69 6.00
C LYS A 100 -8.77 0.44 6.00
N LEU A 101 -8.29 -0.58 5.31
CA LEU A 101 -9.02 -1.83 5.21
C LEU A 101 -9.64 -2.15 6.57
N GLU A 102 -8.82 -2.07 7.60
CA GLU A 102 -9.26 -2.36 8.95
C GLU A 102 -10.64 -1.72 9.20
N GLN A 103 -10.63 -0.39 9.27
CA GLN A 103 -11.86 0.34 9.51
C GLN A 103 -12.87 0.07 8.38
N LYS A 104 -12.36 0.12 7.16
CA LYS A 104 -13.20 -0.12 6.00
C LYS A 104 -14.05 -1.37 6.23
N ALA A 105 -13.41 -2.37 6.82
CA ALA A 105 -14.09 -3.62 7.11
C ALA A 105 -15.22 -3.37 8.11
N SER A 106 -14.92 -2.53 9.10
CA SER A 106 -15.89 -2.20 10.12
C SER A 106 -16.88 -1.16 9.58
N GLY A 107 -16.69 -0.81 8.32
CA GLY A 107 -17.56 0.16 7.68
C GLY A 107 -16.79 1.46 7.36
N PRO A 108 -17.34 2.24 6.40
CA PRO A 108 -16.73 3.49 6.00
C PRO A 108 -16.97 4.57 7.05
N SER A 109 -18.17 4.55 7.62
CA SER A 109 -18.54 5.52 8.63
C SER A 109 -17.36 5.75 9.59
N SER A 110 -16.69 6.88 9.39
CA SER A 110 -15.56 7.24 10.22
C SER A 110 -16.03 7.63 11.62
N GLY A 111 -15.07 7.80 12.51
CA GLY A 111 -15.38 8.16 13.88
C GLY A 111 -16.38 7.18 14.51
N GLY A 1 -9.15 -21.30 11.19
CA GLY A 1 -8.57 -20.45 12.20
C GLY A 1 -8.84 -18.97 11.89
N SER A 2 -8.45 -18.13 12.83
CA SER A 2 -8.64 -16.69 12.68
C SER A 2 -7.69 -15.93 13.60
N SER A 3 -7.11 -14.87 13.05
CA SER A 3 -6.18 -14.04 13.81
C SER A 3 -6.16 -12.63 13.25
N GLY A 4 -6.00 -11.67 14.15
CA GLY A 4 -5.96 -10.26 13.76
C GLY A 4 -6.99 -9.45 14.55
N SER A 5 -6.48 -8.54 15.37
CA SER A 5 -7.33 -7.69 16.17
C SER A 5 -6.50 -6.66 16.92
N SER A 6 -7.17 -5.64 17.43
CA SER A 6 -6.50 -4.59 18.17
C SER A 6 -5.58 -3.80 17.24
N GLY A 7 -5.25 -2.59 17.66
CA GLY A 7 -4.38 -1.74 16.87
C GLY A 7 -3.88 -0.55 17.71
N ALA A 8 -3.21 0.36 17.03
CA ALA A 8 -2.67 1.54 17.69
C ALA A 8 -2.35 2.61 16.64
N PRO A 9 -3.36 3.49 16.38
CA PRO A 9 -3.19 4.56 15.42
C PRO A 9 -2.32 5.67 15.98
N ALA A 10 -1.50 6.24 15.09
CA ALA A 10 -0.62 7.32 15.48
C ALA A 10 0.11 7.85 14.25
N GLU A 11 -0.62 8.64 13.47
CA GLU A 11 -0.06 9.22 12.26
C GLU A 11 -1.08 10.15 11.60
N PRO A 12 -0.58 10.94 10.61
CA PRO A 12 -1.42 11.88 9.89
C PRO A 12 -2.34 11.14 8.90
N ALA A 13 -3.15 11.93 8.20
CA ALA A 13 -4.06 11.36 7.22
C ALA A 13 -4.03 12.23 5.96
N ALA A 14 -4.78 11.78 4.96
CA ALA A 14 -4.85 12.49 3.69
C ALA A 14 -3.47 12.47 3.02
N PRO A 15 -3.26 11.43 2.18
CA PRO A 15 -2.00 11.28 1.47
C PRO A 15 -1.89 12.28 0.32
N LYS A 16 -0.79 12.19 -0.41
CA LYS A 16 -0.56 13.08 -1.53
C LYS A 16 -0.56 12.26 -2.83
N SER A 17 -0.64 12.98 -3.94
CA SER A 17 -0.65 12.34 -5.24
C SER A 17 -0.14 13.32 -6.31
N GLY A 18 0.26 12.76 -7.45
CA GLY A 18 0.76 13.57 -8.53
C GLY A 18 1.35 12.68 -9.65
N GLU A 19 0.48 11.92 -10.27
CA GLU A 19 0.90 11.02 -11.34
C GLU A 19 1.29 11.83 -12.58
N ALA A 20 2.42 11.45 -13.16
CA ALA A 20 2.92 12.14 -14.34
C ALA A 20 3.98 11.26 -15.02
N GLU A 21 4.57 11.81 -16.07
CA GLU A 21 5.60 11.10 -16.81
C GLU A 21 6.59 10.46 -15.84
N THR A 22 7.35 9.51 -16.37
CA THR A 22 8.34 8.80 -15.58
C THR A 22 9.67 8.70 -16.34
N PRO A 23 10.55 9.71 -16.09
CA PRO A 23 11.84 9.75 -16.74
C PRO A 23 12.80 8.72 -16.12
N PRO A 24 13.99 8.58 -16.76
CA PRO A 24 14.99 7.65 -16.28
C PRO A 24 15.68 8.17 -15.03
N LYS A 25 15.67 7.34 -13.99
CA LYS A 25 16.28 7.71 -12.72
C LYS A 25 17.03 6.50 -12.16
N HIS A 26 16.76 6.22 -10.90
CA HIS A 26 17.40 5.10 -10.23
C HIS A 26 16.44 3.92 -10.17
N PRO A 27 16.99 2.70 -10.43
CA PRO A 27 16.20 1.49 -10.41
C PRO A 27 15.88 1.07 -8.97
N GLY A 28 16.85 1.29 -8.09
CA GLY A 28 16.67 0.95 -6.70
C GLY A 28 15.37 1.54 -6.13
N VAL A 29 15.04 2.72 -6.62
CA VAL A 29 13.84 3.40 -6.19
C VAL A 29 12.63 2.80 -6.90
N LEU A 30 12.70 2.80 -8.22
CA LEU A 30 11.63 2.26 -9.04
C LEU A 30 11.17 0.92 -8.45
N LYS A 31 12.14 0.17 -7.95
CA LYS A 31 11.87 -1.13 -7.37
C LYS A 31 10.61 -1.03 -6.49
N VAL A 32 10.46 0.13 -5.86
CA VAL A 32 9.31 0.37 -5.01
C VAL A 32 8.12 0.81 -5.86
N GLU A 33 8.39 1.75 -6.76
CA GLU A 33 7.37 2.27 -7.64
C GLU A 33 6.69 1.13 -8.39
N ALA A 34 7.49 0.12 -8.74
CA ALA A 34 6.97 -1.02 -9.46
C ALA A 34 5.93 -1.75 -8.60
N ILE A 35 6.16 -1.69 -7.29
CA ILE A 35 5.26 -2.33 -6.35
C ILE A 35 4.10 -1.38 -6.03
N LEU A 36 4.47 -0.13 -5.76
CA LEU A 36 3.49 0.89 -5.43
C LEU A 36 2.37 0.87 -6.48
N GLU A 37 2.78 0.62 -7.72
CA GLU A 37 1.83 0.57 -8.82
C GLU A 37 0.80 -0.53 -8.59
N LYS A 38 1.29 -1.66 -8.07
CA LYS A 38 0.43 -2.79 -7.80
C LYS A 38 -0.39 -2.51 -6.53
N VAL A 39 0.24 -1.81 -5.60
CA VAL A 39 -0.42 -1.47 -4.35
C VAL A 39 -1.78 -0.83 -4.66
N GLN A 40 -1.76 0.10 -5.60
CA GLN A 40 -2.99 0.80 -5.98
C GLN A 40 -4.12 -0.21 -6.18
N GLY A 41 -3.78 -1.31 -6.84
CA GLY A 41 -4.77 -2.35 -7.10
C GLY A 41 -5.26 -2.99 -5.80
N LEU A 42 -4.40 -2.95 -4.80
CA LEU A 42 -4.73 -3.51 -3.51
C LEU A 42 -5.45 -2.45 -2.66
N GLU A 43 -5.22 -1.20 -3.03
CA GLU A 43 -5.84 -0.09 -2.32
C GLU A 43 -7.23 0.19 -2.89
N GLN A 44 -7.35 0.02 -4.20
CA GLN A 44 -8.61 0.25 -4.87
C GLN A 44 -9.66 -0.75 -4.39
N ALA A 45 -9.24 -2.00 -4.29
CA ALA A 45 -10.13 -3.06 -3.85
C ALA A 45 -10.66 -2.71 -2.45
N VAL A 46 -9.83 -2.03 -1.68
CA VAL A 46 -10.21 -1.64 -0.34
C VAL A 46 -11.33 -0.62 -0.40
N ASP A 47 -11.04 0.50 -1.03
CA ASP A 47 -12.02 1.57 -1.17
C ASP A 47 -13.34 0.97 -1.66
N SER A 48 -13.22 -0.15 -2.35
CA SER A 48 -14.40 -0.83 -2.88
C SER A 48 -14.91 -1.87 -1.87
N PHE A 49 -13.98 -2.38 -1.08
CA PHE A 49 -14.31 -3.37 -0.09
C PHE A 49 -15.22 -2.78 0.99
N GLU A 50 -16.03 -3.65 1.59
CA GLU A 50 -16.95 -3.22 2.63
C GLU A 50 -17.29 -4.40 3.54
N GLY A 51 -16.40 -5.38 3.54
CA GLY A 51 -16.60 -6.57 4.37
C GLY A 51 -16.32 -6.26 5.83
N LYS A 52 -15.62 -7.18 6.48
CA LYS A 52 -15.28 -7.02 7.89
C LYS A 52 -13.89 -7.59 8.14
N LYS A 53 -13.53 -7.66 9.41
CA LYS A 53 -12.24 -8.19 9.81
C LYS A 53 -12.30 -9.71 9.85
N THR A 54 -13.44 -10.24 9.45
CA THR A 54 -13.63 -11.69 9.44
C THR A 54 -13.70 -12.20 7.99
N ASP A 55 -14.54 -11.55 7.21
CA ASP A 55 -14.71 -11.94 5.81
C ASP A 55 -13.34 -12.27 5.21
N LYS A 56 -13.31 -13.32 4.43
CA LYS A 56 -12.07 -13.75 3.77
C LYS A 56 -11.55 -12.61 2.91
N LYS A 57 -12.46 -11.97 2.19
CA LYS A 57 -12.10 -10.86 1.32
C LYS A 57 -11.06 -9.99 2.02
N TYR A 58 -11.44 -9.51 3.20
CA TYR A 58 -10.56 -8.65 3.98
C TYR A 58 -9.17 -9.28 4.12
N LEU A 59 -9.17 -10.56 4.47
CA LEU A 59 -7.92 -11.30 4.64
C LEU A 59 -7.18 -11.34 3.30
N MET A 60 -7.89 -11.80 2.28
CA MET A 60 -7.31 -11.90 0.95
C MET A 60 -6.54 -10.63 0.59
N ILE A 61 -7.15 -9.50 0.91
CA ILE A 61 -6.54 -8.22 0.63
C ILE A 61 -5.44 -7.94 1.65
N GLU A 62 -5.76 -8.23 2.91
CA GLU A 62 -4.82 -8.02 3.99
C GLU A 62 -3.46 -8.60 3.63
N GLU A 63 -3.49 -9.80 3.08
CA GLU A 63 -2.27 -10.49 2.68
C GLU A 63 -1.67 -9.82 1.44
N TYR A 64 -2.55 -9.48 0.51
CA TYR A 64 -2.12 -8.85 -0.72
C TYR A 64 -1.34 -7.56 -0.44
N LEU A 65 -1.82 -6.83 0.55
CA LEU A 65 -1.19 -5.58 0.94
C LEU A 65 0.23 -5.86 1.42
N THR A 66 0.33 -6.35 2.64
CA THR A 66 1.62 -6.68 3.23
C THR A 66 2.55 -7.26 2.17
N LYS A 67 1.99 -8.15 1.37
CA LYS A 67 2.77 -8.79 0.31
C LYS A 67 3.70 -7.76 -0.33
N GLU A 68 3.14 -6.59 -0.59
CA GLU A 68 3.91 -5.51 -1.20
C GLU A 68 4.99 -5.01 -0.23
N LEU A 69 4.57 -4.83 1.02
CA LEU A 69 5.48 -4.35 2.05
C LEU A 69 6.78 -5.15 1.97
N LEU A 70 6.63 -6.47 1.96
CA LEU A 70 7.78 -7.36 1.90
C LEU A 70 8.58 -7.05 0.64
N ALA A 71 7.85 -6.77 -0.43
CA ALA A 71 8.49 -6.46 -1.71
C ALA A 71 9.08 -5.05 -1.65
N LEU A 72 8.56 -4.27 -0.71
CA LEU A 72 9.03 -2.90 -0.54
C LEU A 72 10.20 -2.88 0.44
N ASP A 73 10.22 -3.89 1.32
CA ASP A 73 11.28 -4.00 2.30
C ASP A 73 12.32 -5.00 1.82
N SER A 74 11.93 -5.78 0.82
CA SER A 74 12.82 -6.78 0.27
C SER A 74 14.00 -6.10 -0.43
N VAL A 75 13.70 -4.99 -1.09
CA VAL A 75 14.73 -4.23 -1.79
C VAL A 75 15.71 -3.65 -0.78
N ASP A 76 16.98 -3.66 -1.16
CA ASP A 76 18.03 -3.13 -0.30
C ASP A 76 18.62 -1.88 -0.94
N PRO A 77 18.46 -0.74 -0.20
CA PRO A 77 18.97 0.53 -0.68
C PRO A 77 20.50 0.60 -0.53
N GLU A 78 21.01 -0.22 0.37
CA GLU A 78 22.44 -0.26 0.62
C GLU A 78 22.95 1.13 1.02
N GLY A 79 22.08 1.86 1.69
CA GLY A 79 22.43 3.21 2.13
C GLY A 79 21.83 4.27 1.21
N ARG A 80 21.51 3.83 -0.01
CA ARG A 80 20.93 4.73 -1.00
C ARG A 80 19.70 5.43 -0.42
N ALA A 81 19.92 6.64 0.06
CA ALA A 81 18.84 7.42 0.64
C ALA A 81 17.68 7.50 -0.36
N ASP A 82 18.04 7.82 -1.61
CA ASP A 82 17.04 7.93 -2.65
C ASP A 82 16.18 6.67 -2.69
N VAL A 83 16.86 5.53 -2.56
CA VAL A 83 16.17 4.25 -2.58
C VAL A 83 15.45 4.06 -1.24
N ARG A 84 16.20 4.24 -0.16
CA ARG A 84 15.64 4.09 1.16
C ARG A 84 14.33 4.87 1.29
N GLN A 85 14.39 6.12 0.85
CA GLN A 85 13.22 6.98 0.91
C GLN A 85 12.01 6.28 0.28
N ALA A 86 12.17 5.93 -0.99
CA ALA A 86 11.10 5.26 -1.72
C ALA A 86 10.76 3.95 -1.01
N ARG A 87 11.80 3.31 -0.48
CA ARG A 87 11.61 2.05 0.23
C ARG A 87 10.75 2.25 1.48
N ARG A 88 11.04 3.35 2.18
CA ARG A 88 10.29 3.67 3.38
C ARG A 88 8.97 4.35 3.04
N ASP A 89 8.94 4.94 1.85
CA ASP A 89 7.75 5.61 1.38
C ASP A 89 6.73 4.58 0.88
N GLY A 90 7.24 3.64 0.09
CA GLY A 90 6.39 2.60 -0.46
C GLY A 90 5.68 1.83 0.65
N VAL A 91 6.46 1.44 1.65
CA VAL A 91 5.91 0.70 2.77
C VAL A 91 4.83 1.54 3.46
N ARG A 92 5.16 2.82 3.65
CA ARG A 92 4.24 3.73 4.30
C ARG A 92 2.90 3.76 3.54
N LYS A 93 3.01 3.83 2.22
CA LYS A 93 1.82 3.86 1.38
C LYS A 93 0.95 2.64 1.69
N VAL A 94 1.59 1.49 1.73
CA VAL A 94 0.89 0.25 2.01
C VAL A 94 0.34 0.29 3.44
N GLN A 95 1.23 0.59 4.38
CA GLN A 95 0.84 0.66 5.78
C GLN A 95 -0.51 1.36 5.91
N THR A 96 -0.57 2.58 5.42
CA THR A 96 -1.79 3.36 5.48
C THR A 96 -2.97 2.55 4.95
N ILE A 97 -2.82 2.08 3.72
CA ILE A 97 -3.86 1.29 3.08
C ILE A 97 -4.34 0.21 4.05
N LEU A 98 -3.37 -0.51 4.62
CA LEU A 98 -3.66 -1.57 5.55
C LEU A 98 -4.51 -1.02 6.70
N GLU A 99 -4.32 0.27 6.96
CA GLU A 99 -5.04 0.94 8.02
C GLU A 99 -6.44 1.36 7.52
N LYS A 100 -6.51 1.61 6.23
CA LYS A 100 -7.77 2.02 5.61
C LYS A 100 -8.71 0.82 5.55
N LEU A 101 -8.15 -0.31 5.15
CA LEU A 101 -8.94 -1.53 5.05
C LEU A 101 -9.67 -1.78 6.36
N GLU A 102 -8.90 -1.86 7.43
CA GLU A 102 -9.46 -2.09 8.75
C GLU A 102 -10.78 -1.35 8.90
N GLN A 103 -10.72 -0.04 8.72
CA GLN A 103 -11.90 0.81 8.82
C GLN A 103 -13.01 0.27 7.92
N LYS A 104 -12.62 -0.14 6.72
CA LYS A 104 -13.58 -0.67 5.77
C LYS A 104 -14.23 -1.92 6.35
N ALA A 105 -13.42 -2.71 7.04
CA ALA A 105 -13.91 -3.94 7.65
C ALA A 105 -14.24 -3.67 9.12
N SER A 106 -14.75 -2.48 9.37
CA SER A 106 -15.12 -2.09 10.72
C SER A 106 -16.48 -1.39 10.72
N GLY A 107 -17.13 -1.44 9.57
CA GLY A 107 -18.43 -0.82 9.42
C GLY A 107 -19.21 -1.45 8.26
N PRO A 108 -20.56 -1.36 8.36
CA PRO A 108 -21.43 -1.91 7.34
C PRO A 108 -21.42 -1.04 6.08
N SER A 109 -22.38 -1.32 5.21
CA SER A 109 -22.49 -0.58 3.96
C SER A 109 -22.84 0.88 4.25
N SER A 110 -22.28 1.77 3.44
CA SER A 110 -22.53 3.19 3.60
C SER A 110 -22.82 3.83 2.24
N GLY A 111 -23.82 4.70 2.24
CA GLY A 111 -24.21 5.40 1.01
C GLY A 111 -24.76 4.41 -0.01
N GLY A 1 -3.38 -13.32 9.73
CA GLY A 1 -2.10 -12.63 9.75
C GLY A 1 -1.94 -11.82 11.04
N SER A 2 -2.44 -10.60 11.00
CA SER A 2 -2.36 -9.72 12.15
C SER A 2 -0.90 -9.41 12.47
N SER A 3 -0.54 -8.14 12.32
CA SER A 3 0.82 -7.71 12.59
C SER A 3 0.96 -6.21 12.31
N GLY A 4 1.48 -5.51 13.29
CA GLY A 4 1.68 -4.07 13.17
C GLY A 4 0.88 -3.31 14.23
N SER A 5 1.54 -2.35 14.84
CA SER A 5 0.91 -1.54 15.87
C SER A 5 1.85 -0.42 16.31
N SER A 6 1.28 0.52 17.06
CA SER A 6 2.05 1.65 17.56
C SER A 6 2.67 2.41 16.38
N GLY A 7 3.05 3.65 16.66
CA GLY A 7 3.66 4.49 15.64
C GLY A 7 3.14 5.93 15.75
N ALA A 8 4.04 6.87 15.45
CA ALA A 8 3.69 8.27 15.51
C ALA A 8 4.45 9.02 14.41
N PRO A 9 4.07 8.72 13.14
CA PRO A 9 4.71 9.36 11.99
C PRO A 9 4.22 10.80 11.84
N ALA A 10 2.91 10.93 11.66
CA ALA A 10 2.31 12.25 11.49
C ALA A 10 2.80 12.86 10.18
N GLU A 11 2.11 13.91 9.76
CA GLU A 11 2.46 14.59 8.53
C GLU A 11 2.17 13.70 7.32
N PRO A 12 0.92 13.85 6.78
CA PRO A 12 0.51 13.07 5.63
C PRO A 12 1.17 13.58 4.35
N ALA A 13 0.81 12.95 3.24
CA ALA A 13 1.35 13.33 1.95
C ALA A 13 0.42 12.83 0.84
N ALA A 14 0.71 13.28 -0.37
CA ALA A 14 -0.08 12.89 -1.52
C ALA A 14 0.50 13.54 -2.78
N PRO A 15 1.40 12.78 -3.46
CA PRO A 15 2.04 13.26 -4.66
C PRO A 15 1.07 13.21 -5.86
N LYS A 16 1.59 13.54 -7.03
CA LYS A 16 0.79 13.53 -8.23
C LYS A 16 1.71 13.33 -9.44
N SER A 17 1.29 12.42 -10.31
CA SER A 17 2.06 12.13 -11.52
C SER A 17 1.34 11.08 -12.35
N GLY A 18 1.29 11.35 -13.66
CA GLY A 18 0.63 10.43 -14.58
C GLY A 18 1.64 9.78 -15.52
N GLU A 19 2.00 10.52 -16.55
CA GLU A 19 2.96 10.02 -17.54
C GLU A 19 3.22 11.08 -18.61
N ALA A 20 4.47 11.19 -19.00
CA ALA A 20 4.87 12.15 -20.02
C ALA A 20 6.38 12.04 -20.26
N GLU A 21 6.80 12.61 -21.38
CA GLU A 21 8.21 12.59 -21.74
C GLU A 21 9.08 12.80 -20.51
N THR A 22 9.84 11.77 -20.17
CA THR A 22 10.72 11.83 -19.02
C THR A 22 11.84 10.79 -19.15
N PRO A 23 13.07 11.21 -18.74
CA PRO A 23 14.22 10.33 -18.80
C PRO A 23 14.17 9.28 -17.69
N PRO A 24 15.13 8.32 -17.76
CA PRO A 24 15.20 7.26 -16.77
C PRO A 24 15.78 7.79 -15.44
N LYS A 25 15.03 7.53 -14.38
CA LYS A 25 15.45 7.96 -13.06
C LYS A 25 16.33 6.88 -12.42
N HIS A 26 16.06 6.63 -11.14
CA HIS A 26 16.83 5.64 -10.40
C HIS A 26 16.03 4.33 -10.36
N PRO A 27 16.77 3.20 -10.58
CA PRO A 27 16.15 1.88 -10.56
C PRO A 27 15.82 1.45 -9.14
N GLY A 28 16.72 1.80 -8.22
CA GLY A 28 16.54 1.44 -6.82
C GLY A 28 15.18 1.94 -6.31
N VAL A 29 14.72 3.03 -6.90
CA VAL A 29 13.45 3.60 -6.51
C VAL A 29 12.31 2.86 -7.22
N LEU A 30 12.40 2.84 -8.54
CA LEU A 30 11.39 2.17 -9.35
C LEU A 30 11.05 0.82 -8.71
N LYS A 31 12.08 0.20 -8.14
CA LYS A 31 11.91 -1.10 -7.51
C LYS A 31 10.69 -1.04 -6.58
N VAL A 32 10.50 0.12 -5.97
CA VAL A 32 9.39 0.31 -5.06
C VAL A 32 8.13 0.66 -5.86
N GLU A 33 8.30 1.57 -6.81
CA GLU A 33 7.20 1.99 -7.64
C GLU A 33 6.50 0.77 -8.26
N ALA A 34 7.30 -0.23 -8.55
CA ALA A 34 6.78 -1.46 -9.14
C ALA A 34 5.81 -2.12 -8.16
N ILE A 35 6.17 -2.05 -6.90
CA ILE A 35 5.34 -2.64 -5.85
C ILE A 35 4.16 -1.71 -5.57
N LEU A 36 4.47 -0.44 -5.37
CA LEU A 36 3.45 0.55 -5.09
C LEU A 36 2.30 0.39 -6.10
N GLU A 37 2.69 0.04 -7.32
CA GLU A 37 1.71 -0.15 -8.38
C GLU A 37 0.72 -1.26 -8.01
N LYS A 38 1.28 -2.37 -7.57
CA LYS A 38 0.46 -3.51 -7.18
C LYS A 38 -0.45 -3.10 -6.02
N VAL A 39 0.09 -2.26 -5.15
CA VAL A 39 -0.66 -1.80 -3.99
C VAL A 39 -1.94 -1.13 -4.46
N GLN A 40 -1.85 -0.50 -5.62
CA GLN A 40 -3.00 0.19 -6.20
C GLN A 40 -4.18 -0.78 -6.34
N GLY A 41 -3.85 -2.05 -6.55
CA GLY A 41 -4.86 -3.07 -6.71
C GLY A 41 -5.50 -3.41 -5.36
N LEU A 42 -4.73 -3.20 -4.31
CA LEU A 42 -5.21 -3.48 -2.97
C LEU A 42 -5.86 -2.22 -2.38
N GLU A 43 -5.27 -1.08 -2.71
CA GLU A 43 -5.77 0.19 -2.24
C GLU A 43 -7.07 0.55 -2.96
N GLN A 44 -7.06 0.31 -4.27
CA GLN A 44 -8.23 0.61 -5.08
C GLN A 44 -9.41 -0.27 -4.67
N ALA A 45 -9.07 -1.47 -4.22
CA ALA A 45 -10.09 -2.42 -3.78
C ALA A 45 -10.65 -1.98 -2.43
N VAL A 46 -9.74 -1.52 -1.58
CA VAL A 46 -10.12 -1.07 -0.24
C VAL A 46 -11.16 0.05 -0.37
N ASP A 47 -10.72 1.16 -0.95
CA ASP A 47 -11.59 2.30 -1.14
C ASP A 47 -12.95 1.83 -1.64
N SER A 48 -12.92 0.69 -2.33
CA SER A 48 -14.15 0.11 -2.87
C SER A 48 -14.31 -1.32 -2.39
N PHE A 49 -14.11 -1.50 -1.09
CA PHE A 49 -14.23 -2.81 -0.49
C PHE A 49 -15.36 -2.85 0.54
N GLU A 50 -15.74 -4.06 0.91
CA GLU A 50 -16.81 -4.24 1.88
C GLU A 50 -16.73 -5.64 2.50
N GLY A 51 -16.87 -5.67 3.82
CA GLY A 51 -16.81 -6.92 4.55
C GLY A 51 -16.50 -6.70 6.02
N LYS A 52 -15.54 -7.46 6.52
CA LYS A 52 -15.13 -7.35 7.91
C LYS A 52 -13.69 -7.84 8.05
N LYS A 53 -13.26 -7.97 9.30
CA LYS A 53 -11.91 -8.42 9.59
C LYS A 53 -11.89 -9.95 9.67
N THR A 54 -13.04 -10.54 9.37
CA THR A 54 -13.17 -11.98 9.40
C THR A 54 -13.41 -12.53 8.00
N ASP A 55 -14.06 -11.71 7.17
CA ASP A 55 -14.35 -12.11 5.81
C ASP A 55 -13.06 -12.56 5.12
N LYS A 56 -13.24 -13.38 4.09
CA LYS A 56 -12.11 -13.90 3.34
C LYS A 56 -11.62 -12.83 2.36
N LYS A 57 -12.57 -12.05 1.86
CA LYS A 57 -12.26 -11.00 0.92
C LYS A 57 -11.25 -10.04 1.54
N TYR A 58 -11.46 -9.76 2.82
CA TYR A 58 -10.58 -8.86 3.54
C TYR A 58 -9.17 -9.44 3.65
N LEU A 59 -9.12 -10.73 3.95
CA LEU A 59 -7.85 -11.43 4.09
C LEU A 59 -7.07 -11.32 2.77
N MET A 60 -7.82 -11.36 1.68
CA MET A 60 -7.22 -11.27 0.36
C MET A 60 -6.43 -9.97 0.20
N ILE A 61 -7.09 -8.87 0.53
CA ILE A 61 -6.46 -7.57 0.43
C ILE A 61 -5.41 -7.43 1.54
N GLU A 62 -5.75 -7.98 2.69
CA GLU A 62 -4.85 -7.92 3.83
C GLU A 62 -3.56 -8.69 3.54
N GLU A 63 -3.72 -9.92 3.07
CA GLU A 63 -2.59 -10.76 2.74
C GLU A 63 -1.75 -10.12 1.63
N TYR A 64 -2.46 -9.62 0.62
CA TYR A 64 -1.80 -8.98 -0.50
C TYR A 64 -0.98 -7.77 -0.05
N LEU A 65 -1.69 -6.77 0.44
CA LEU A 65 -1.04 -5.56 0.92
C LEU A 65 0.31 -5.92 1.54
N THR A 66 0.26 -6.80 2.53
CA THR A 66 1.47 -7.23 3.21
C THR A 66 2.46 -7.82 2.22
N LYS A 67 1.96 -8.71 1.37
CA LYS A 67 2.79 -9.35 0.37
C LYS A 67 3.61 -8.28 -0.36
N GLU A 68 3.00 -7.12 -0.52
CA GLU A 68 3.66 -6.01 -1.19
C GLU A 68 4.73 -5.40 -0.27
N LEU A 69 4.44 -5.43 1.01
CA LEU A 69 5.37 -4.87 1.99
C LEU A 69 6.71 -5.60 1.89
N LEU A 70 6.65 -6.91 2.01
CA LEU A 70 7.86 -7.72 1.93
C LEU A 70 8.62 -7.36 0.65
N ALA A 71 7.87 -7.00 -0.37
CA ALA A 71 8.46 -6.64 -1.65
C ALA A 71 9.18 -5.30 -1.49
N LEU A 72 8.69 -4.50 -0.57
CA LEU A 72 9.28 -3.19 -0.31
C LEU A 72 10.50 -3.36 0.59
N ASP A 73 10.45 -4.38 1.43
CA ASP A 73 11.54 -4.67 2.34
C ASP A 73 12.67 -5.36 1.58
N SER A 74 12.28 -6.26 0.69
CA SER A 74 13.24 -7.00 -0.10
C SER A 74 14.19 -6.03 -0.81
N VAL A 75 13.75 -4.79 -0.92
CA VAL A 75 14.54 -3.77 -1.57
C VAL A 75 15.69 -3.36 -0.65
N ASP A 76 16.90 -3.41 -1.19
CA ASP A 76 18.08 -3.04 -0.43
C ASP A 76 18.65 -1.74 -0.97
N PRO A 77 18.58 -0.68 -0.11
CA PRO A 77 19.08 0.63 -0.51
C PRO A 77 20.61 0.65 -0.47
N GLU A 78 21.17 -0.11 0.46
CA GLU A 78 22.60 -0.18 0.61
C GLU A 78 23.16 1.18 1.04
N GLY A 79 22.25 2.07 1.42
CA GLY A 79 22.64 3.39 1.86
C GLY A 79 22.40 4.42 0.75
N ARG A 80 21.19 4.38 0.20
CA ARG A 80 20.82 5.30 -0.87
C ARG A 80 19.53 6.05 -0.50
N ALA A 81 19.71 7.29 -0.06
CA ALA A 81 18.58 8.11 0.33
C ALA A 81 17.44 7.89 -0.66
N ASP A 82 17.75 8.09 -1.94
CA ASP A 82 16.75 7.91 -2.98
C ASP A 82 15.93 6.65 -2.69
N VAL A 83 16.61 5.52 -2.71
CA VAL A 83 15.96 4.25 -2.46
C VAL A 83 15.38 4.25 -1.04
N ARG A 84 16.26 4.51 -0.07
CA ARG A 84 15.84 4.56 1.32
C ARG A 84 14.52 5.32 1.45
N GLN A 85 14.33 6.29 0.57
CA GLN A 85 13.13 7.10 0.58
C GLN A 85 11.96 6.31 -0.01
N ALA A 86 12.04 6.09 -1.31
CA ALA A 86 11.00 5.36 -2.01
C ALA A 86 10.52 4.20 -1.14
N ARG A 87 11.46 3.66 -0.37
CA ARG A 87 11.15 2.54 0.52
C ARG A 87 10.30 3.02 1.70
N ARG A 88 10.93 3.84 2.54
CA ARG A 88 10.25 4.37 3.71
C ARG A 88 8.89 4.94 3.32
N ASP A 89 8.84 5.51 2.12
CA ASP A 89 7.61 6.10 1.62
C ASP A 89 6.70 4.99 1.10
N GLY A 90 7.24 4.20 0.19
CA GLY A 90 6.48 3.10 -0.39
C GLY A 90 5.69 2.36 0.68
N VAL A 91 6.41 1.82 1.66
CA VAL A 91 5.78 1.10 2.74
C VAL A 91 4.69 1.97 3.38
N ARG A 92 5.06 3.21 3.62
CA ARG A 92 4.14 4.16 4.24
C ARG A 92 2.80 4.13 3.51
N LYS A 93 2.86 4.17 2.19
CA LYS A 93 1.67 4.14 1.37
C LYS A 93 0.85 2.90 1.72
N VAL A 94 1.52 1.76 1.74
CA VAL A 94 0.87 0.50 2.04
C VAL A 94 0.39 0.53 3.50
N GLN A 95 1.32 0.78 4.40
CA GLN A 95 1.00 0.84 5.81
C GLN A 95 -0.34 1.53 6.03
N THR A 96 -0.44 2.74 5.49
CA THR A 96 -1.66 3.51 5.60
C THR A 96 -2.86 2.71 5.10
N ILE A 97 -2.76 2.28 3.85
CA ILE A 97 -3.82 1.50 3.23
C ILE A 97 -4.24 0.38 4.18
N LEU A 98 -3.25 -0.40 4.61
CA LEU A 98 -3.51 -1.50 5.52
C LEU A 98 -4.36 -1.01 6.69
N GLU A 99 -4.11 0.23 7.09
CA GLU A 99 -4.85 0.83 8.18
C GLU A 99 -6.23 1.28 7.71
N LYS A 100 -6.30 1.63 6.44
CA LYS A 100 -7.55 2.08 5.86
C LYS A 100 -8.48 0.87 5.66
N LEU A 101 -7.88 -0.24 5.25
CA LEU A 101 -8.63 -1.46 5.02
C LEU A 101 -9.47 -1.78 6.26
N GLU A 102 -8.79 -1.86 7.40
CA GLU A 102 -9.45 -2.16 8.64
C GLU A 102 -10.81 -1.45 8.71
N GLN A 103 -10.74 -0.13 8.83
CA GLN A 103 -11.95 0.68 8.90
C GLN A 103 -12.97 0.18 7.88
N LYS A 104 -12.48 -0.16 6.70
CA LYS A 104 -13.35 -0.64 5.65
C LYS A 104 -13.96 -1.99 6.07
N ALA A 105 -13.12 -2.83 6.63
CA ALA A 105 -13.56 -4.14 7.09
C ALA A 105 -13.96 -4.06 8.56
N SER A 106 -14.49 -2.90 8.93
CA SER A 106 -14.92 -2.68 10.30
C SER A 106 -16.33 -2.09 10.32
N GLY A 107 -16.92 -2.02 9.13
CA GLY A 107 -18.27 -1.48 9.00
C GLY A 107 -18.47 -0.86 7.61
N PRO A 108 -19.75 -0.52 7.33
CA PRO A 108 -20.09 0.08 6.05
C PRO A 108 -19.66 1.54 5.99
N SER A 109 -19.62 2.07 4.77
CA SER A 109 -19.22 3.46 4.57
C SER A 109 -19.53 3.89 3.13
N SER A 110 -18.98 3.13 2.20
CA SER A 110 -19.19 3.42 0.79
C SER A 110 -20.37 2.61 0.25
N GLY A 111 -20.30 1.30 0.46
CA GLY A 111 -21.35 0.42 0.01
C GLY A 111 -22.68 0.72 0.72
N GLY A 1 -4.36 -16.27 7.89
CA GLY A 1 -4.58 -15.18 8.83
C GLY A 1 -3.28 -14.42 9.10
N SER A 2 -3.42 -13.12 9.35
CA SER A 2 -2.27 -12.28 9.63
C SER A 2 -2.72 -11.00 10.32
N SER A 3 -2.07 -10.71 11.44
CA SER A 3 -2.39 -9.51 12.20
C SER A 3 -1.38 -9.33 13.34
N GLY A 4 -1.32 -8.11 13.84
CA GLY A 4 -0.41 -7.79 14.93
C GLY A 4 0.05 -6.34 14.85
N SER A 5 0.50 -5.96 13.65
CA SER A 5 0.97 -4.60 13.43
C SER A 5 0.03 -3.60 14.10
N SER A 6 -1.20 -3.58 13.62
CA SER A 6 -2.20 -2.68 14.16
C SER A 6 -1.67 -1.24 14.18
N GLY A 7 -2.51 -0.32 14.61
CA GLY A 7 -2.14 1.07 14.69
C GLY A 7 -3.22 1.89 15.40
N ALA A 8 -2.94 3.17 15.55
CA ALA A 8 -3.87 4.08 16.21
C ALA A 8 -4.70 4.82 15.15
N PRO A 9 -5.77 5.49 15.64
CA PRO A 9 -6.65 6.24 14.75
C PRO A 9 -5.98 7.55 14.29
N ALA A 10 -6.41 8.00 13.11
CA ALA A 10 -5.87 9.23 12.56
C ALA A 10 -6.65 9.59 11.29
N GLU A 11 -6.34 10.77 10.77
CA GLU A 11 -7.01 11.24 9.56
C GLU A 11 -6.48 10.48 8.34
N PRO A 12 -7.39 10.31 7.34
CA PRO A 12 -7.03 9.60 6.12
C PRO A 12 -6.17 10.48 5.22
N ALA A 13 -5.80 9.92 4.08
CA ALA A 13 -4.97 10.63 3.12
C ALA A 13 -4.49 9.67 2.04
N ALA A 14 -4.26 10.21 0.86
CA ALA A 14 -3.80 9.41 -0.26
C ALA A 14 -3.42 10.33 -1.42
N PRO A 15 -2.48 9.82 -2.27
CA PRO A 15 -2.03 10.59 -3.42
C PRO A 15 -3.08 10.59 -4.53
N LYS A 16 -2.73 11.24 -5.63
CA LYS A 16 -3.64 11.32 -6.77
C LYS A 16 -2.85 11.15 -8.06
N SER A 17 -2.96 9.97 -8.64
CA SER A 17 -2.26 9.65 -9.87
C SER A 17 -2.68 8.28 -10.38
N GLY A 18 -2.22 7.97 -11.59
CA GLY A 18 -2.55 6.68 -12.20
C GLY A 18 -1.53 6.34 -13.29
N GLU A 19 -0.28 6.24 -12.87
CA GLU A 19 0.79 5.90 -13.81
C GLU A 19 0.86 6.93 -14.93
N ALA A 20 2.04 7.04 -15.52
CA ALA A 20 2.25 7.98 -16.62
C ALA A 20 3.68 7.86 -17.12
N GLU A 21 3.84 8.05 -18.42
CA GLU A 21 5.15 7.96 -19.04
C GLU A 21 6.19 8.69 -18.18
N THR A 22 7.40 8.14 -18.19
CA THR A 22 8.49 8.73 -17.41
C THR A 22 9.84 8.24 -17.94
N PRO A 23 10.86 9.12 -17.80
CA PRO A 23 12.20 8.78 -18.24
C PRO A 23 12.88 7.79 -17.29
N PRO A 24 14.03 7.24 -17.75
CA PRO A 24 14.77 6.28 -16.95
C PRO A 24 15.51 6.97 -15.81
N LYS A 25 15.26 6.49 -14.60
CA LYS A 25 15.90 7.06 -13.43
C LYS A 25 16.72 5.97 -12.73
N HIS A 26 16.53 5.89 -11.41
CA HIS A 26 17.25 4.90 -10.62
C HIS A 26 16.36 3.67 -10.41
N PRO A 27 17.00 2.48 -10.54
CA PRO A 27 16.28 1.23 -10.37
C PRO A 27 15.99 0.95 -8.89
N GLY A 28 16.94 1.35 -8.05
CA GLY A 28 16.79 1.17 -6.62
C GLY A 28 15.47 1.73 -6.12
N VAL A 29 15.05 2.81 -6.76
CA VAL A 29 13.80 3.47 -6.39
C VAL A 29 12.63 2.76 -7.09
N LEU A 30 12.72 2.73 -8.41
CA LEU A 30 11.68 2.08 -9.21
C LEU A 30 11.29 0.75 -8.56
N LYS A 31 12.29 0.08 -8.01
CA LYS A 31 12.07 -1.18 -7.35
C LYS A 31 10.85 -1.08 -6.43
N VAL A 32 10.68 0.10 -5.87
CA VAL A 32 9.56 0.36 -4.97
C VAL A 32 8.35 0.81 -5.79
N GLU A 33 8.59 1.74 -6.69
CA GLU A 33 7.54 2.27 -7.53
C GLU A 33 6.85 1.13 -8.28
N ALA A 34 7.63 0.10 -8.58
CA ALA A 34 7.11 -1.06 -9.30
C ALA A 34 6.06 -1.75 -8.44
N ILE A 35 6.34 -1.82 -7.14
CA ILE A 35 5.44 -2.46 -6.21
C ILE A 35 4.30 -1.49 -5.87
N LEU A 36 4.69 -0.26 -5.56
CA LEU A 36 3.72 0.76 -5.22
C LEU A 36 2.57 0.74 -6.24
N GLU A 37 2.96 0.61 -7.50
CA GLU A 37 1.98 0.56 -8.58
C GLU A 37 0.98 -0.56 -8.35
N LYS A 38 1.51 -1.75 -8.09
CA LYS A 38 0.68 -2.91 -7.85
C LYS A 38 -0.22 -2.65 -6.64
N VAL A 39 0.40 -2.09 -5.60
CA VAL A 39 -0.33 -1.78 -4.38
C VAL A 39 -1.63 -1.05 -4.74
N GLN A 40 -1.48 -0.04 -5.58
CA GLN A 40 -2.63 0.75 -6.01
C GLN A 40 -3.84 -0.16 -6.23
N GLY A 41 -3.61 -1.21 -7.01
CA GLY A 41 -4.67 -2.15 -7.31
C GLY A 41 -5.28 -2.73 -6.02
N LEU A 42 -4.41 -3.07 -5.09
CA LEU A 42 -4.84 -3.63 -3.83
C LEU A 42 -5.59 -2.55 -3.03
N GLU A 43 -5.19 -1.31 -3.27
CA GLU A 43 -5.82 -0.18 -2.59
C GLU A 43 -7.18 0.13 -3.22
N GLN A 44 -7.28 -0.19 -4.50
CA GLN A 44 -8.51 0.06 -5.23
C GLN A 44 -9.64 -0.81 -4.68
N ALA A 45 -9.27 -2.00 -4.23
CA ALA A 45 -10.24 -2.93 -3.68
C ALA A 45 -10.71 -2.41 -2.32
N VAL A 46 -9.77 -1.85 -1.58
CA VAL A 46 -10.08 -1.32 -0.26
C VAL A 46 -11.04 -0.13 -0.40
N ASP A 47 -10.74 0.70 -1.40
CA ASP A 47 -11.56 1.88 -1.65
C ASP A 47 -12.99 1.43 -2.02
N SER A 48 -13.09 0.18 -2.45
CA SER A 48 -14.37 -0.37 -2.83
C SER A 48 -14.45 -1.84 -2.41
N PHE A 49 -14.22 -2.08 -1.13
CA PHE A 49 -14.26 -3.43 -0.59
C PHE A 49 -15.56 -3.67 0.18
N GLU A 50 -15.88 -4.94 0.35
CA GLU A 50 -17.09 -5.32 1.06
C GLU A 50 -16.81 -6.48 2.02
N GLY A 51 -16.98 -6.19 3.30
CA GLY A 51 -16.75 -7.20 4.32
C GLY A 51 -16.24 -6.55 5.62
N LYS A 52 -15.99 -7.40 6.60
CA LYS A 52 -15.50 -6.94 7.89
C LYS A 52 -14.05 -7.35 8.07
N LYS A 53 -13.57 -7.21 9.30
CA LYS A 53 -12.20 -7.57 9.61
C LYS A 53 -12.11 -9.07 9.87
N THR A 54 -13.22 -9.75 9.62
CA THR A 54 -13.28 -11.19 9.83
C THR A 54 -13.49 -11.90 8.49
N ASP A 55 -14.21 -11.24 7.61
CA ASP A 55 -14.49 -11.80 6.29
C ASP A 55 -13.17 -12.25 5.65
N LYS A 56 -13.30 -13.24 4.77
CA LYS A 56 -12.14 -13.78 4.08
C LYS A 56 -11.59 -12.73 3.11
N LYS A 57 -12.50 -12.18 2.32
CA LYS A 57 -12.13 -11.16 1.35
C LYS A 57 -11.17 -10.16 1.99
N TYR A 58 -11.54 -9.73 3.19
CA TYR A 58 -10.73 -8.79 3.93
C TYR A 58 -9.33 -9.34 4.19
N LEU A 59 -9.29 -10.62 4.54
CA LEU A 59 -8.02 -11.27 4.82
C LEU A 59 -7.18 -11.30 3.54
N MET A 60 -7.86 -11.54 2.42
CA MET A 60 -7.19 -11.61 1.14
C MET A 60 -6.46 -10.30 0.84
N ILE A 61 -7.18 -9.20 0.99
CA ILE A 61 -6.61 -7.88 0.74
C ILE A 61 -5.49 -7.63 1.75
N GLU A 62 -5.72 -8.08 2.98
CA GLU A 62 -4.74 -7.90 4.04
C GLU A 62 -3.41 -8.52 3.63
N GLU A 63 -3.44 -9.82 3.38
CA GLU A 63 -2.24 -10.54 2.98
C GLU A 63 -1.70 -9.97 1.67
N TYR A 64 -2.60 -9.75 0.73
CA TYR A 64 -2.22 -9.21 -0.57
C TYR A 64 -1.43 -7.91 -0.42
N LEU A 65 -1.92 -7.05 0.47
CA LEU A 65 -1.27 -5.78 0.72
C LEU A 65 0.14 -6.03 1.22
N THR A 66 0.23 -6.65 2.39
CA THR A 66 1.52 -6.94 2.98
C THR A 66 2.44 -7.61 1.97
N LYS A 67 1.87 -8.55 1.23
CA LYS A 67 2.63 -9.27 0.21
C LYS A 67 3.54 -8.28 -0.51
N GLU A 68 2.98 -7.11 -0.83
CA GLU A 68 3.73 -6.08 -1.53
C GLU A 68 4.80 -5.50 -0.62
N LEU A 69 4.42 -5.25 0.62
CA LEU A 69 5.33 -4.69 1.59
C LEU A 69 6.65 -5.48 1.56
N LEU A 70 6.51 -6.80 1.63
CA LEU A 70 7.66 -7.68 1.60
C LEU A 70 8.49 -7.39 0.36
N ALA A 71 7.86 -6.71 -0.59
CA ALA A 71 8.52 -6.38 -1.85
C ALA A 71 9.36 -5.12 -1.64
N LEU A 72 9.04 -4.39 -0.58
CA LEU A 72 9.75 -3.17 -0.27
C LEU A 72 11.12 -3.52 0.32
N ASP A 73 11.08 -4.21 1.46
CA ASP A 73 12.31 -4.61 2.14
C ASP A 73 13.23 -5.31 1.14
N SER A 74 12.64 -6.19 0.35
CA SER A 74 13.38 -6.93 -0.64
C SER A 74 14.35 -5.99 -1.38
N VAL A 75 13.96 -4.73 -1.42
CA VAL A 75 14.78 -3.72 -2.10
C VAL A 75 16.00 -3.42 -1.23
N ASP A 76 17.16 -3.41 -1.88
CA ASP A 76 18.40 -3.14 -1.19
C ASP A 76 18.92 -1.76 -1.61
N PRO A 77 18.70 -0.77 -0.70
CA PRO A 77 19.14 0.59 -0.96
C PRO A 77 20.65 0.72 -0.80
N GLU A 78 21.22 -0.18 -0.01
CA GLU A 78 22.65 -0.17 0.24
C GLU A 78 23.02 0.96 1.18
N GLY A 79 22.80 2.18 0.71
CA GLY A 79 23.11 3.36 1.50
C GLY A 79 22.68 4.64 0.77
N ARG A 80 21.57 4.54 0.07
CA ARG A 80 21.05 5.68 -0.67
C ARG A 80 19.79 6.23 0.01
N ALA A 81 19.61 7.53 -0.14
CA ALA A 81 18.47 8.20 0.46
C ALA A 81 17.27 8.10 -0.50
N ASP A 82 17.53 8.45 -1.75
CA ASP A 82 16.49 8.42 -2.77
C ASP A 82 15.80 7.06 -2.74
N VAL A 83 16.56 6.06 -2.30
CA VAL A 83 16.03 4.70 -2.22
C VAL A 83 15.43 4.48 -0.83
N ARG A 84 16.23 4.74 0.18
CA ARG A 84 15.79 4.57 1.57
C ARG A 84 14.40 5.19 1.75
N GLN A 85 14.17 6.28 1.03
CA GLN A 85 12.90 6.97 1.12
C GLN A 85 11.82 6.18 0.38
N ALA A 86 12.06 5.98 -0.91
CA ALA A 86 11.12 5.25 -1.74
C ALA A 86 10.55 4.07 -0.94
N ARG A 87 11.46 3.35 -0.28
CA ARG A 87 11.06 2.21 0.51
C ARG A 87 10.05 2.63 1.58
N ARG A 88 10.54 3.35 2.57
CA ARG A 88 9.69 3.82 3.65
C ARG A 88 8.40 4.44 3.09
N ASP A 89 8.59 5.36 2.16
CA ASP A 89 7.45 6.02 1.53
C ASP A 89 6.54 4.98 0.89
N GLY A 90 7.17 3.99 0.27
CA GLY A 90 6.44 2.93 -0.39
C GLY A 90 5.64 2.10 0.62
N VAL A 91 6.39 1.42 1.48
CA VAL A 91 5.77 0.59 2.51
C VAL A 91 4.62 1.36 3.16
N ARG A 92 4.90 2.62 3.49
CA ARG A 92 3.91 3.46 4.12
C ARG A 92 2.60 3.42 3.33
N LYS A 93 2.69 3.76 2.05
CA LYS A 93 1.53 3.77 1.18
C LYS A 93 0.64 2.57 1.53
N VAL A 94 1.26 1.40 1.53
CA VAL A 94 0.54 0.18 1.84
C VAL A 94 -0.04 0.27 3.26
N GLN A 95 0.85 0.57 4.20
CA GLN A 95 0.45 0.69 5.60
C GLN A 95 -0.89 1.42 5.70
N THR A 96 -0.91 2.63 5.18
CA THR A 96 -2.11 3.44 5.21
C THR A 96 -3.31 2.64 4.69
N ILE A 97 -3.08 1.95 3.57
CA ILE A 97 -4.12 1.15 2.96
C ILE A 97 -4.57 0.07 3.95
N LEU A 98 -3.62 -0.44 4.71
CA LEU A 98 -3.91 -1.47 5.70
C LEU A 98 -4.81 -0.88 6.78
N GLU A 99 -4.33 0.20 7.39
CA GLU A 99 -5.08 0.87 8.44
C GLU A 99 -6.44 1.30 7.92
N LYS A 100 -6.55 1.39 6.60
CA LYS A 100 -7.79 1.79 5.97
C LYS A 100 -8.78 0.61 6.01
N LEU A 101 -8.50 -0.38 5.17
CA LEU A 101 -9.36 -1.55 5.10
C LEU A 101 -9.77 -1.97 6.52
N GLU A 102 -8.78 -2.00 7.40
CA GLU A 102 -9.02 -2.38 8.78
C GLU A 102 -10.09 -1.49 9.39
N GLN A 103 -9.97 -0.20 9.13
CA GLN A 103 -10.92 0.77 9.64
C GLN A 103 -12.03 1.02 8.62
N LYS A 104 -12.04 0.20 7.59
CA LYS A 104 -13.04 0.32 6.54
C LYS A 104 -14.11 -0.75 6.74
N ALA A 105 -13.65 -1.98 6.97
CA ALA A 105 -14.55 -3.09 7.17
C ALA A 105 -15.44 -2.80 8.38
N SER A 106 -14.79 -2.47 9.49
CA SER A 106 -15.51 -2.17 10.72
C SER A 106 -15.83 -0.67 10.78
N GLY A 107 -15.43 0.03 9.73
CA GLY A 107 -15.67 1.46 9.67
C GLY A 107 -17.17 1.76 9.56
N PRO A 108 -17.47 3.06 9.31
CA PRO A 108 -18.85 3.51 9.19
C PRO A 108 -19.44 3.07 7.84
N SER A 109 -18.63 3.21 6.80
CA SER A 109 -19.07 2.83 5.47
C SER A 109 -19.02 1.31 5.30
N SER A 110 -20.14 0.77 4.86
CA SER A 110 -20.24 -0.67 4.66
C SER A 110 -20.76 -0.97 3.25
N GLY A 111 -21.94 -0.44 2.96
CA GLY A 111 -22.56 -0.64 1.67
C GLY A 111 -23.80 0.24 1.51
N GLY A 1 3.46 -21.71 1.99
CA GLY A 1 2.43 -21.05 2.77
C GLY A 1 2.99 -19.87 3.54
N SER A 2 2.14 -18.88 3.77
CA SER A 2 2.54 -17.69 4.50
C SER A 2 1.31 -16.96 5.04
N SER A 3 1.52 -16.24 6.13
CA SER A 3 0.44 -15.50 6.76
C SER A 3 0.99 -14.67 7.93
N GLY A 4 0.22 -13.66 8.30
CA GLY A 4 0.61 -12.79 9.39
C GLY A 4 -0.31 -11.57 9.49
N SER A 5 -0.09 -10.77 10.51
CA SER A 5 -0.89 -9.58 10.73
C SER A 5 -0.27 -8.73 11.85
N SER A 6 -0.44 -7.42 11.70
CA SER A 6 0.10 -6.49 12.68
C SER A 6 -0.40 -5.08 12.39
N GLY A 7 -0.76 -4.37 13.45
CA GLY A 7 -1.25 -3.01 13.31
C GLY A 7 -0.95 -2.19 14.57
N ALA A 8 -0.70 -0.91 14.35
CA ALA A 8 -0.40 -0.01 15.46
C ALA A 8 -1.21 1.28 15.30
N PRO A 9 -1.51 1.92 16.46
CA PRO A 9 -2.27 3.15 16.47
C PRO A 9 -1.42 4.33 15.99
N ALA A 10 -2.07 5.48 15.87
CA ALA A 10 -1.39 6.68 15.42
C ALA A 10 -0.80 6.44 14.03
N GLU A 11 -1.32 7.19 13.07
CA GLU A 11 -0.86 7.07 11.71
C GLU A 11 -1.67 7.99 10.78
N PRO A 12 -1.08 9.18 10.49
CA PRO A 12 -1.74 10.15 9.64
C PRO A 12 -1.68 9.72 8.17
N ALA A 13 -2.68 10.15 7.41
CA ALA A 13 -2.74 9.82 6.00
C ALA A 13 -1.39 10.13 5.34
N ALA A 14 -1.26 9.67 4.11
CA ALA A 14 -0.03 9.89 3.35
C ALA A 14 -0.36 10.61 2.05
N PRO A 15 0.69 11.25 1.46
CA PRO A 15 0.53 11.97 0.21
C PRO A 15 0.40 11.01 -0.97
N LYS A 16 0.14 11.58 -2.13
CA LYS A 16 0.01 10.79 -3.34
C LYS A 16 0.81 11.43 -4.47
N SER A 17 0.78 10.79 -5.63
CA SER A 17 1.50 11.29 -6.79
C SER A 17 0.68 11.05 -8.06
N GLY A 18 0.86 11.94 -9.01
CA GLY A 18 0.15 11.83 -10.28
C GLY A 18 0.57 12.96 -11.24
N GLU A 19 1.78 12.83 -11.74
CA GLU A 19 2.31 13.82 -12.66
C GLU A 19 2.66 13.17 -14.00
N ALA A 20 2.84 14.01 -15.00
CA ALA A 20 3.18 13.53 -16.34
C ALA A 20 4.70 13.54 -16.51
N GLU A 21 5.13 12.96 -17.62
CA GLU A 21 6.55 12.89 -17.93
C GLU A 21 7.28 12.10 -16.85
N THR A 22 8.14 11.19 -17.30
CA THR A 22 8.90 10.35 -16.39
C THR A 22 10.25 9.98 -17.01
N PRO A 23 11.28 10.82 -16.71
CA PRO A 23 12.61 10.60 -17.23
C PRO A 23 13.29 9.44 -16.50
N PRO A 24 14.48 9.04 -17.03
CA PRO A 24 15.24 7.96 -16.43
C PRO A 24 15.94 8.42 -15.15
N LYS A 25 15.71 7.66 -14.09
CA LYS A 25 16.30 7.99 -12.81
C LYS A 25 17.01 6.74 -12.26
N HIS A 26 16.89 6.55 -10.95
CA HIS A 26 17.51 5.42 -10.30
C HIS A 26 16.54 4.23 -10.27
N PRO A 27 17.09 3.03 -10.56
CA PRO A 27 16.28 1.82 -10.57
C PRO A 27 15.95 1.37 -9.15
N GLY A 28 16.90 1.58 -8.26
CA GLY A 28 16.71 1.21 -6.86
C GLY A 28 15.43 1.81 -6.29
N VAL A 29 15.14 3.02 -6.76
CA VAL A 29 13.94 3.72 -6.32
C VAL A 29 12.71 3.11 -6.97
N LEU A 30 12.76 3.02 -8.29
CA LEU A 30 11.67 2.47 -9.06
C LEU A 30 11.22 1.14 -8.41
N LYS A 31 12.21 0.42 -7.89
CA LYS A 31 11.94 -0.85 -7.25
C LYS A 31 10.67 -0.73 -6.41
N VAL A 32 10.54 0.40 -5.74
CA VAL A 32 9.39 0.64 -4.89
C VAL A 32 8.19 1.03 -5.77
N GLU A 33 8.45 1.92 -6.71
CA GLU A 33 7.41 2.38 -7.62
C GLU A 33 6.78 1.17 -8.34
N ALA A 34 7.61 0.17 -8.59
CA ALA A 34 7.14 -1.04 -9.26
C ALA A 34 6.07 -1.71 -8.41
N ILE A 35 6.35 -1.80 -7.12
CA ILE A 35 5.43 -2.42 -6.18
C ILE A 35 4.23 -1.50 -5.96
N LEU A 36 4.55 -0.23 -5.69
CA LEU A 36 3.51 0.76 -5.45
C LEU A 36 2.51 0.73 -6.60
N GLU A 37 3.03 0.45 -7.79
CA GLU A 37 2.19 0.39 -8.97
C GLU A 37 1.11 -0.69 -8.81
N LYS A 38 1.49 -1.75 -8.13
CA LYS A 38 0.57 -2.86 -7.90
C LYS A 38 -0.28 -2.55 -6.66
N VAL A 39 0.38 -2.05 -5.63
CA VAL A 39 -0.30 -1.71 -4.39
C VAL A 39 -1.61 -0.98 -4.73
N GLN A 40 -1.49 0.00 -5.62
CA GLN A 40 -2.65 0.77 -6.03
C GLN A 40 -3.84 -0.15 -6.30
N GLY A 41 -3.57 -1.20 -7.05
CA GLY A 41 -4.61 -2.16 -7.40
C GLY A 41 -5.24 -2.76 -6.14
N LEU A 42 -4.43 -2.86 -5.10
CA LEU A 42 -4.90 -3.41 -3.84
C LEU A 42 -5.68 -2.32 -3.08
N GLU A 43 -5.29 -1.08 -3.31
CA GLU A 43 -5.95 0.04 -2.66
C GLU A 43 -7.40 0.16 -3.14
N GLN A 44 -7.58 -0.13 -4.42
CA GLN A 44 -8.90 -0.07 -5.01
C GLN A 44 -9.85 -1.04 -4.31
N ALA A 45 -9.32 -2.22 -4.01
CA ALA A 45 -10.11 -3.24 -3.34
C ALA A 45 -10.58 -2.71 -1.98
N VAL A 46 -9.62 -2.18 -1.23
CA VAL A 46 -9.92 -1.65 0.09
C VAL A 46 -10.96 -0.53 -0.05
N ASP A 47 -10.57 0.51 -0.78
CA ASP A 47 -11.45 1.64 -0.99
C ASP A 47 -12.81 1.15 -1.49
N SER A 48 -12.79 -0.02 -2.11
CA SER A 48 -14.00 -0.62 -2.63
C SER A 48 -14.27 -1.96 -1.94
N PHE A 49 -13.94 -2.00 -0.65
CA PHE A 49 -14.14 -3.20 0.13
C PHE A 49 -15.41 -3.10 0.99
N GLU A 50 -15.83 -4.24 1.50
CA GLU A 50 -17.02 -4.29 2.33
C GLU A 50 -17.06 -5.62 3.11
N GLY A 51 -17.08 -5.48 4.43
CA GLY A 51 -17.12 -6.64 5.30
C GLY A 51 -16.52 -6.33 6.67
N LYS A 52 -15.65 -7.21 7.11
CA LYS A 52 -14.99 -7.04 8.41
C LYS A 52 -13.57 -7.58 8.33
N LYS A 53 -12.95 -7.68 9.50
CA LYS A 53 -11.58 -8.17 9.58
C LYS A 53 -11.61 -9.71 9.59
N THR A 54 -12.80 -10.25 9.81
CA THR A 54 -12.96 -11.68 9.85
C THR A 54 -13.30 -12.22 8.46
N ASP A 55 -13.99 -11.40 7.69
CA ASP A 55 -14.38 -11.77 6.35
C ASP A 55 -13.14 -12.17 5.55
N LYS A 56 -13.33 -13.11 4.64
CA LYS A 56 -12.24 -13.58 3.80
C LYS A 56 -11.73 -12.44 2.92
N LYS A 57 -12.68 -11.73 2.32
CA LYS A 57 -12.36 -10.61 1.46
C LYS A 57 -11.25 -9.79 2.10
N TYR A 58 -11.26 -9.76 3.42
CA TYR A 58 -10.26 -9.02 4.17
C TYR A 58 -8.95 -9.80 4.29
N LEU A 59 -9.10 -11.10 4.51
CA LEU A 59 -7.95 -11.97 4.64
C LEU A 59 -7.17 -12.00 3.31
N MET A 60 -7.92 -12.28 2.25
CA MET A 60 -7.33 -12.34 0.92
C MET A 60 -6.64 -11.01 0.57
N ILE A 61 -7.19 -9.94 1.11
CA ILE A 61 -6.64 -8.62 0.86
C ILE A 61 -5.39 -8.42 1.72
N GLU A 62 -5.59 -8.46 3.03
CA GLU A 62 -4.48 -8.29 3.97
C GLU A 62 -3.21 -8.94 3.41
N GLU A 63 -3.37 -10.20 3.01
CA GLU A 63 -2.25 -10.94 2.46
C GLU A 63 -1.64 -10.20 1.27
N TYR A 64 -2.52 -9.74 0.39
CA TYR A 64 -2.08 -9.02 -0.79
C TYR A 64 -1.35 -7.72 -0.41
N LEU A 65 -1.95 -7.00 0.52
CA LEU A 65 -1.37 -5.75 0.99
C LEU A 65 0.05 -6.01 1.50
N THR A 66 0.10 -6.65 2.66
CA THR A 66 1.39 -6.97 3.27
C THR A 66 2.36 -7.52 2.22
N LYS A 67 1.84 -8.41 1.39
CA LYS A 67 2.65 -9.01 0.34
C LYS A 67 3.57 -7.95 -0.26
N GLU A 68 2.99 -6.80 -0.57
CA GLU A 68 3.74 -5.70 -1.15
C GLU A 68 4.86 -5.28 -0.20
N LEU A 69 4.50 -5.12 1.07
CA LEU A 69 5.47 -4.71 2.08
C LEU A 69 6.74 -5.55 1.91
N LEU A 70 6.56 -6.86 2.01
CA LEU A 70 7.69 -7.77 1.88
C LEU A 70 8.50 -7.41 0.63
N ALA A 71 7.77 -7.09 -0.44
CA ALA A 71 8.41 -6.72 -1.69
C ALA A 71 9.10 -5.37 -1.53
N LEU A 72 8.51 -4.55 -0.67
CA LEU A 72 9.06 -3.22 -0.41
C LEU A 72 10.34 -3.35 0.41
N ASP A 73 10.42 -4.44 1.16
CA ASP A 73 11.58 -4.69 1.99
C ASP A 73 12.57 -5.56 1.23
N SER A 74 12.02 -6.39 0.34
CA SER A 74 12.85 -7.28 -0.46
C SER A 74 13.93 -6.47 -1.18
N VAL A 75 13.52 -5.36 -1.76
CA VAL A 75 14.44 -4.50 -2.47
C VAL A 75 15.59 -4.11 -1.54
N ASP A 76 16.76 -3.92 -2.14
CA ASP A 76 17.94 -3.55 -1.39
C ASP A 76 18.38 -2.15 -1.81
N PRO A 77 18.33 -1.20 -0.83
CA PRO A 77 18.72 0.17 -1.08
C PRO A 77 20.24 0.30 -1.16
N GLU A 78 20.92 -0.66 -0.55
CA GLU A 78 22.37 -0.66 -0.54
C GLU A 78 22.90 0.51 0.28
N GLY A 79 21.99 1.17 0.97
CA GLY A 79 22.35 2.31 1.80
C GLY A 79 22.02 3.64 1.09
N ARG A 80 21.60 3.50 -0.16
CA ARG A 80 21.26 4.67 -0.95
C ARG A 80 20.00 5.34 -0.38
N ALA A 81 20.20 6.44 0.33
CA ALA A 81 19.10 7.17 0.92
C ALA A 81 17.99 7.34 -0.12
N ASP A 82 18.40 7.79 -1.31
CA ASP A 82 17.46 8.00 -2.39
C ASP A 82 16.50 6.81 -2.46
N VAL A 83 17.08 5.62 -2.51
CA VAL A 83 16.29 4.41 -2.58
C VAL A 83 15.58 4.18 -1.25
N ARG A 84 16.39 4.05 -0.20
CA ARG A 84 15.86 3.84 1.14
C ARG A 84 14.58 4.66 1.34
N GLN A 85 14.67 5.94 0.98
CA GLN A 85 13.54 6.85 1.12
C GLN A 85 12.31 6.26 0.43
N ALA A 86 12.46 6.00 -0.87
CA ALA A 86 11.37 5.45 -1.65
C ALA A 86 10.79 4.23 -0.91
N ARG A 87 11.67 3.32 -0.55
CA ARG A 87 11.26 2.11 0.15
C ARG A 87 10.36 2.47 1.33
N ARG A 88 10.71 3.57 1.99
CA ARG A 88 9.95 4.03 3.13
C ARG A 88 8.57 4.53 2.70
N ASP A 89 8.58 5.63 1.95
CA ASP A 89 7.35 6.21 1.46
C ASP A 89 6.42 5.09 0.97
N GLY A 90 6.95 4.29 0.05
CA GLY A 90 6.19 3.20 -0.51
C GLY A 90 5.55 2.35 0.60
N VAL A 91 6.35 2.05 1.60
CA VAL A 91 5.88 1.25 2.72
C VAL A 91 4.79 2.03 3.48
N ARG A 92 5.10 3.29 3.73
CA ARG A 92 4.15 4.15 4.45
C ARG A 92 2.84 4.25 3.67
N LYS A 93 2.95 4.15 2.36
CA LYS A 93 1.78 4.22 1.50
C LYS A 93 0.90 2.99 1.73
N VAL A 94 1.52 1.82 1.57
CA VAL A 94 0.81 0.57 1.76
C VAL A 94 0.17 0.55 3.16
N GLN A 95 1.01 0.84 4.15
CA GLN A 95 0.55 0.86 5.53
C GLN A 95 -0.77 1.62 5.64
N THR A 96 -0.81 2.78 5.01
CA THR A 96 -2.01 3.61 5.03
C THR A 96 -3.20 2.82 4.47
N ILE A 97 -2.91 1.91 3.56
CA ILE A 97 -3.95 1.10 2.95
C ILE A 97 -4.50 0.13 4.00
N LEU A 98 -3.60 -0.37 4.83
CA LEU A 98 -3.99 -1.30 5.87
C LEU A 98 -4.91 -0.59 6.87
N GLU A 99 -4.44 0.54 7.37
CA GLU A 99 -5.20 1.32 8.33
C GLU A 99 -6.56 1.71 7.73
N LYS A 100 -6.63 1.62 6.40
CA LYS A 100 -7.85 1.96 5.69
C LYS A 100 -8.79 0.76 5.70
N LEU A 101 -8.29 -0.34 5.14
CA LEU A 101 -9.08 -1.57 5.07
C LEU A 101 -9.74 -1.82 6.43
N GLU A 102 -8.91 -1.83 7.46
CA GLU A 102 -9.40 -2.06 8.81
C GLU A 102 -10.74 -1.35 9.02
N GLN A 103 -10.68 -0.03 9.05
CA GLN A 103 -11.87 0.77 9.24
C GLN A 103 -12.95 0.36 8.24
N LYS A 104 -12.52 0.16 7.01
CA LYS A 104 -13.44 -0.23 5.94
C LYS A 104 -14.25 -1.44 6.41
N ALA A 105 -13.56 -2.37 7.06
CA ALA A 105 -14.21 -3.56 7.57
C ALA A 105 -15.07 -3.21 8.78
N SER A 106 -14.49 -2.43 9.66
CA SER A 106 -15.18 -2.01 10.87
C SER A 106 -16.31 -1.03 10.51
N GLY A 107 -16.35 -0.67 9.23
CA GLY A 107 -17.36 0.25 8.75
C GLY A 107 -18.76 -0.35 8.91
N PRO A 108 -19.63 -0.05 7.90
CA PRO A 108 -20.99 -0.54 7.92
C PRO A 108 -21.04 -2.04 7.56
N SER A 109 -21.89 -2.75 8.27
CA SER A 109 -22.05 -4.18 8.05
C SER A 109 -22.87 -4.43 6.79
N SER A 110 -22.18 -4.78 5.71
CA SER A 110 -22.84 -5.05 4.44
C SER A 110 -23.77 -6.25 4.58
N GLY A 111 -23.18 -7.37 5.00
CA GLY A 111 -23.95 -8.59 5.18
C GLY A 111 -24.22 -8.85 6.66
N GLY A 1 -2.59 -9.25 11.31
CA GLY A 1 -2.61 -8.18 12.30
C GLY A 1 -1.90 -8.61 13.59
N SER A 2 -0.63 -8.26 13.67
CA SER A 2 0.17 -8.61 14.83
C SER A 2 1.33 -7.61 14.99
N SER A 3 1.84 -7.54 16.21
CA SER A 3 2.95 -6.64 16.50
C SER A 3 2.47 -5.19 16.42
N GLY A 4 2.79 -4.43 17.45
CA GLY A 4 2.40 -3.03 17.51
C GLY A 4 3.63 -2.13 17.69
N SER A 5 3.35 -0.86 17.95
CA SER A 5 4.42 0.11 18.15
C SER A 5 3.82 1.48 18.50
N SER A 6 4.65 2.30 19.14
CA SER A 6 4.22 3.63 19.53
C SER A 6 4.71 4.66 18.51
N GLY A 7 3.83 5.59 18.19
CA GLY A 7 4.16 6.63 17.23
C GLY A 7 4.02 6.14 15.80
N ALA A 8 3.05 6.71 15.10
CA ALA A 8 2.80 6.33 13.72
C ALA A 8 1.46 6.94 13.27
N PRO A 9 0.40 6.60 14.04
CA PRO A 9 -0.94 7.09 13.74
C PRO A 9 -1.08 8.56 14.12
N ALA A 10 -0.48 9.41 13.30
CA ALA A 10 -0.53 10.85 13.53
C ALA A 10 0.13 11.58 12.36
N GLU A 11 -0.48 11.42 11.19
CA GLU A 11 0.03 12.05 9.99
C GLU A 11 -1.04 12.07 8.91
N PRO A 12 -1.09 13.21 8.17
CA PRO A 12 -2.07 13.37 7.10
C PRO A 12 -1.67 12.55 5.86
N ALA A 13 -2.49 12.66 4.83
CA ALA A 13 -2.24 11.94 3.59
C ALA A 13 -1.64 12.89 2.55
N ALA A 14 -1.37 12.34 1.38
CA ALA A 14 -0.80 13.13 0.30
C ALA A 14 -1.68 13.00 -0.94
N PRO A 15 -1.64 14.07 -1.79
CA PRO A 15 -2.43 14.08 -3.01
C PRO A 15 -1.82 13.17 -4.07
N LYS A 16 -2.38 13.23 -5.27
CA LYS A 16 -1.90 12.42 -6.37
C LYS A 16 -1.57 13.32 -7.56
N SER A 17 -1.08 12.69 -8.62
CA SER A 17 -0.73 13.43 -9.82
C SER A 17 -1.78 13.21 -10.90
N GLY A 18 -1.73 14.04 -11.93
CA GLY A 18 -2.67 13.96 -13.03
C GLY A 18 -1.98 14.21 -14.37
N GLU A 19 -0.97 13.40 -14.64
CA GLU A 19 -0.21 13.53 -15.88
C GLU A 19 0.67 12.30 -16.09
N ALA A 20 1.05 12.10 -17.34
CA ALA A 20 1.90 10.98 -17.70
C ALA A 20 3.31 11.47 -18.00
N GLU A 21 4.26 11.01 -17.19
CA GLU A 21 5.64 11.39 -17.37
C GLU A 21 6.53 10.68 -16.35
N THR A 22 7.56 10.03 -16.87
CA THR A 22 8.48 9.30 -16.02
C THR A 22 9.84 9.13 -16.72
N PRO A 23 10.76 10.10 -16.44
CA PRO A 23 12.08 10.07 -17.03
C PRO A 23 12.95 8.99 -16.37
N PRO A 24 14.15 8.78 -16.96
CA PRO A 24 15.08 7.80 -16.45
C PRO A 24 15.76 8.30 -15.18
N LYS A 25 15.68 7.48 -14.14
CA LYS A 25 16.28 7.82 -12.87
C LYS A 25 17.03 6.61 -12.32
N HIS A 26 16.92 6.43 -11.00
CA HIS A 26 17.58 5.31 -10.34
C HIS A 26 16.65 4.11 -10.32
N PRO A 27 17.24 2.91 -10.60
CA PRO A 27 16.47 1.67 -10.61
C PRO A 27 16.14 1.23 -9.18
N GLY A 28 17.09 1.46 -8.29
CA GLY A 28 16.92 1.08 -6.90
C GLY A 28 15.61 1.65 -6.34
N VAL A 29 15.26 2.82 -6.83
CA VAL A 29 14.04 3.48 -6.39
C VAL A 29 12.83 2.83 -7.07
N LEU A 30 12.87 2.83 -8.40
CA LEU A 30 11.79 2.24 -9.17
C LEU A 30 11.36 0.93 -8.53
N LYS A 31 12.35 0.21 -8.00
CA LYS A 31 12.09 -1.07 -7.35
C LYS A 31 10.85 -0.94 -6.47
N VAL A 32 10.65 0.26 -5.94
CA VAL A 32 9.52 0.53 -5.07
C VAL A 32 8.31 0.89 -5.93
N GLU A 33 8.54 1.77 -6.89
CA GLU A 33 7.48 2.21 -7.79
C GLU A 33 6.82 1.00 -8.45
N ALA A 34 7.64 0.03 -8.79
CA ALA A 34 7.15 -1.18 -9.44
C ALA A 34 6.13 -1.86 -8.52
N ILE A 35 6.38 -1.73 -7.22
CA ILE A 35 5.49 -2.32 -6.24
C ILE A 35 4.30 -1.40 -5.99
N LEU A 36 4.63 -0.14 -5.69
CA LEU A 36 3.60 0.85 -5.42
C LEU A 36 2.52 0.76 -6.50
N GLU A 37 2.97 0.49 -7.72
CA GLU A 37 2.05 0.36 -8.84
C GLU A 37 0.98 -0.68 -8.54
N LYS A 38 1.41 -1.77 -7.93
CA LYS A 38 0.52 -2.85 -7.59
C LYS A 38 -0.31 -2.45 -6.36
N VAL A 39 0.36 -1.83 -5.41
CA VAL A 39 -0.29 -1.40 -4.19
C VAL A 39 -1.63 -0.74 -4.54
N GLN A 40 -1.56 0.20 -5.47
CA GLN A 40 -2.75 0.92 -5.90
C GLN A 40 -3.89 -0.08 -6.18
N GLY A 41 -3.54 -1.15 -6.87
CA GLY A 41 -4.51 -2.18 -7.21
C GLY A 41 -5.00 -2.89 -5.96
N LEU A 42 -4.17 -2.86 -4.92
CA LEU A 42 -4.53 -3.49 -3.66
C LEU A 42 -5.22 -2.48 -2.76
N GLU A 43 -5.02 -1.21 -3.08
CA GLU A 43 -5.62 -0.14 -2.31
C GLU A 43 -7.03 0.17 -2.84
N GLN A 44 -7.18 0.01 -4.14
CA GLN A 44 -8.46 0.27 -4.78
C GLN A 44 -9.54 -0.63 -4.19
N ALA A 45 -9.16 -1.88 -3.97
CA ALA A 45 -10.09 -2.86 -3.42
C ALA A 45 -10.54 -2.38 -2.03
N VAL A 46 -9.61 -1.80 -1.31
CA VAL A 46 -9.90 -1.30 0.03
C VAL A 46 -10.98 -0.22 -0.06
N ASP A 47 -10.59 0.93 -0.60
CA ASP A 47 -11.52 2.03 -0.74
C ASP A 47 -12.84 1.52 -1.30
N SER A 48 -12.75 0.42 -2.03
CA SER A 48 -13.93 -0.18 -2.63
C SER A 48 -14.12 -1.60 -2.09
N PHE A 49 -13.90 -1.74 -0.79
CA PHE A 49 -14.04 -3.04 -0.15
C PHE A 49 -15.39 -3.15 0.56
N GLU A 50 -15.67 -4.36 1.04
CA GLU A 50 -16.92 -4.61 1.73
C GLU A 50 -16.80 -5.87 2.59
N GLY A 51 -17.36 -5.78 3.80
CA GLY A 51 -17.33 -6.90 4.72
C GLY A 51 -16.81 -6.47 6.09
N LYS A 52 -16.05 -7.36 6.71
CA LYS A 52 -15.49 -7.09 8.02
C LYS A 52 -14.09 -7.72 8.11
N LYS A 53 -13.51 -7.60 9.29
CA LYS A 53 -12.19 -8.15 9.53
C LYS A 53 -12.28 -9.68 9.60
N THR A 54 -13.52 -10.17 9.55
CA THR A 54 -13.77 -11.60 9.61
C THR A 54 -13.83 -12.19 8.20
N ASP A 55 -14.66 -11.58 7.38
CA ASP A 55 -14.83 -12.03 6.01
C ASP A 55 -13.46 -12.43 5.44
N LYS A 56 -13.41 -13.63 4.88
CA LYS A 56 -12.18 -14.12 4.29
C LYS A 56 -11.66 -13.13 3.26
N LYS A 57 -12.58 -12.30 2.77
CA LYS A 57 -12.23 -11.29 1.78
C LYS A 57 -11.14 -10.38 2.34
N TYR A 58 -11.46 -9.79 3.48
CA TYR A 58 -10.52 -8.88 4.14
C TYR A 58 -9.14 -9.54 4.30
N LEU A 59 -9.16 -10.78 4.77
CA LEU A 59 -7.93 -11.52 4.97
C LEU A 59 -7.16 -11.58 3.66
N MET A 60 -7.87 -11.97 2.61
CA MET A 60 -7.26 -12.08 1.29
C MET A 60 -6.52 -10.79 0.93
N ILE A 61 -7.26 -9.70 0.91
CA ILE A 61 -6.69 -8.41 0.59
C ILE A 61 -5.47 -8.16 1.47
N GLU A 62 -5.70 -8.17 2.77
CA GLU A 62 -4.63 -7.95 3.72
C GLU A 62 -3.34 -8.62 3.25
N GLU A 63 -3.49 -9.86 2.82
CA GLU A 63 -2.34 -10.62 2.33
C GLU A 63 -1.73 -9.92 1.12
N TYR A 64 -2.57 -9.66 0.14
CA TYR A 64 -2.13 -8.99 -1.08
C TYR A 64 -1.36 -7.71 -0.76
N LEU A 65 -1.89 -6.96 0.20
CA LEU A 65 -1.26 -5.72 0.60
C LEU A 65 0.14 -6.01 1.14
N THR A 66 0.19 -6.57 2.33
CA THR A 66 1.45 -6.90 2.97
C THR A 66 2.43 -7.46 1.93
N LYS A 67 1.91 -8.31 1.06
CA LYS A 67 2.71 -8.91 0.02
C LYS A 67 3.68 -7.86 -0.55
N GLU A 68 3.12 -6.68 -0.82
CA GLU A 68 3.91 -5.60 -1.37
C GLU A 68 4.93 -5.12 -0.34
N LEU A 69 4.48 -5.03 0.91
CA LEU A 69 5.34 -4.59 1.99
C LEU A 69 6.63 -5.42 1.99
N LEU A 70 6.44 -6.74 2.01
CA LEU A 70 7.57 -7.65 2.00
C LEU A 70 8.44 -7.38 0.78
N ALA A 71 7.77 -7.12 -0.34
CA ALA A 71 8.47 -6.85 -1.59
C ALA A 71 9.17 -5.49 -1.48
N LEU A 72 8.63 -4.64 -0.62
CA LEU A 72 9.20 -3.32 -0.42
C LEU A 72 10.46 -3.44 0.45
N ASP A 73 10.52 -4.52 1.20
CA ASP A 73 11.65 -4.76 2.08
C ASP A 73 12.68 -5.63 1.35
N SER A 74 12.20 -6.29 0.31
CA SER A 74 13.07 -7.15 -0.48
C SER A 74 14.12 -6.31 -1.21
N VAL A 75 13.66 -5.20 -1.77
CA VAL A 75 14.55 -4.31 -2.50
C VAL A 75 15.65 -3.82 -1.55
N ASP A 76 16.84 -3.65 -2.11
CA ASP A 76 17.98 -3.19 -1.33
C ASP A 76 18.37 -1.79 -1.80
N PRO A 77 18.26 -0.81 -0.86
CA PRO A 77 18.61 0.56 -1.16
C PRO A 77 20.12 0.75 -1.22
N GLU A 78 20.82 0.04 -0.35
CA GLU A 78 22.26 0.11 -0.29
C GLU A 78 22.70 1.47 0.27
N GLY A 79 22.38 1.67 1.53
CA GLY A 79 22.74 2.91 2.20
C GLY A 79 22.49 4.11 1.29
N ARG A 80 21.36 4.09 0.61
CA ARG A 80 20.99 5.16 -0.30
C ARG A 80 19.62 5.72 0.07
N ALA A 81 19.65 6.85 0.76
CA ALA A 81 18.41 7.51 1.18
C ALA A 81 17.48 7.63 -0.02
N ASP A 82 18.07 7.95 -1.17
CA ASP A 82 17.30 8.10 -2.39
C ASP A 82 16.42 6.86 -2.59
N VAL A 83 17.04 5.70 -2.45
CA VAL A 83 16.33 4.45 -2.62
C VAL A 83 15.56 4.14 -1.33
N ARG A 84 16.29 4.17 -0.22
CA ARG A 84 15.70 3.89 1.08
C ARG A 84 14.39 4.69 1.25
N GLN A 85 14.53 6.00 1.14
CA GLN A 85 13.38 6.87 1.28
C GLN A 85 12.18 6.31 0.51
N ALA A 86 12.40 6.10 -0.78
CA ALA A 86 11.35 5.57 -1.63
C ALA A 86 10.75 4.31 -0.98
N ARG A 87 11.64 3.41 -0.60
CA ARG A 87 11.22 2.17 0.04
C ARG A 87 10.23 2.46 1.18
N ARG A 88 10.60 3.44 2.00
CA ARG A 88 9.78 3.82 3.12
C ARG A 88 8.49 4.52 2.62
N ASP A 89 8.69 5.49 1.74
CA ASP A 89 7.56 6.22 1.18
C ASP A 89 6.49 5.23 0.70
N GLY A 90 6.97 4.17 0.05
CA GLY A 90 6.07 3.16 -0.47
C GLY A 90 5.49 2.32 0.67
N VAL A 91 6.38 1.83 1.52
CA VAL A 91 5.96 1.01 2.64
C VAL A 91 4.90 1.77 3.46
N ARG A 92 5.08 3.08 3.53
CA ARG A 92 4.16 3.92 4.26
C ARG A 92 2.79 3.95 3.56
N LYS A 93 2.84 3.88 2.24
CA LYS A 93 1.63 3.90 1.45
C LYS A 93 0.77 2.68 1.81
N VAL A 94 1.40 1.52 1.80
CA VAL A 94 0.71 0.28 2.11
C VAL A 94 0.10 0.40 3.51
N GLN A 95 0.93 0.84 4.45
CA GLN A 95 0.47 1.00 5.82
C GLN A 95 -0.88 1.72 5.87
N THR A 96 -0.89 2.91 5.29
CA THR A 96 -2.10 3.70 5.25
C THR A 96 -3.28 2.86 4.76
N ILE A 97 -3.04 2.16 3.66
CA ILE A 97 -4.07 1.32 3.08
C ILE A 97 -4.54 0.30 4.12
N LEU A 98 -3.57 -0.26 4.84
CA LEU A 98 -3.86 -1.25 5.86
C LEU A 98 -4.76 -0.61 6.92
N GLU A 99 -4.65 0.70 7.05
CA GLU A 99 -5.45 1.42 8.02
C GLU A 99 -6.88 1.60 7.50
N LYS A 100 -6.99 1.71 6.19
CA LYS A 100 -8.29 1.88 5.56
C LYS A 100 -9.07 0.57 5.64
N LEU A 101 -8.46 -0.48 5.12
CA LEU A 101 -9.08 -1.79 5.13
C LEU A 101 -9.82 -1.99 6.46
N GLU A 102 -9.09 -1.78 7.54
CA GLU A 102 -9.66 -1.94 8.87
C GLU A 102 -11.07 -1.33 8.92
N GLN A 103 -11.10 0.00 8.98
CA GLN A 103 -12.36 0.72 9.03
C GLN A 103 -13.31 0.20 7.93
N LYS A 104 -12.71 -0.16 6.81
CA LYS A 104 -13.49 -0.66 5.68
C LYS A 104 -14.18 -1.96 6.09
N ALA A 105 -13.51 -2.69 6.98
CA ALA A 105 -14.04 -3.95 7.46
C ALA A 105 -14.57 -3.78 8.88
N SER A 106 -15.05 -2.57 9.16
CA SER A 106 -15.58 -2.25 10.47
C SER A 106 -16.79 -1.33 10.33
N GLY A 107 -17.29 -1.24 9.11
CA GLY A 107 -18.44 -0.39 8.83
C GLY A 107 -19.68 -1.23 8.53
N PRO A 108 -20.56 -0.68 7.65
CA PRO A 108 -21.78 -1.37 7.28
C PRO A 108 -21.48 -2.52 6.32
N SER A 109 -21.01 -3.61 6.87
CA SER A 109 -20.68 -4.79 6.07
C SER A 109 -21.93 -5.28 5.34
N SER A 110 -21.70 -6.19 4.40
CA SER A 110 -22.79 -6.74 3.62
C SER A 110 -22.72 -8.27 3.63
N GLY A 111 -23.89 -8.89 3.70
CA GLY A 111 -23.97 -10.34 3.73
C GLY A 111 -23.52 -10.93 2.39
N GLY A 1 -13.78 -15.44 16.84
CA GLY A 1 -13.29 -14.12 17.20
C GLY A 1 -12.19 -13.67 16.24
N SER A 2 -12.44 -12.55 15.58
CA SER A 2 -11.48 -12.01 14.63
C SER A 2 -10.53 -11.03 15.35
N SER A 3 -11.10 -9.92 15.76
CA SER A 3 -10.32 -8.90 16.46
C SER A 3 -11.24 -7.78 16.94
N GLY A 4 -10.66 -6.86 17.68
CA GLY A 4 -11.41 -5.73 18.22
C GLY A 4 -10.53 -4.47 18.31
N SER A 5 -11.13 -3.34 17.98
CA SER A 5 -10.43 -2.08 18.01
C SER A 5 -11.29 -0.98 17.40
N SER A 6 -11.04 0.25 17.85
CA SER A 6 -11.78 1.39 17.36
C SER A 6 -11.18 2.69 17.92
N GLY A 7 -11.31 3.75 17.13
CA GLY A 7 -10.78 5.04 17.52
C GLY A 7 -9.39 5.28 16.93
N ALA A 8 -9.35 6.13 15.92
CA ALA A 8 -8.10 6.44 15.26
C ALA A 8 -8.35 7.52 14.19
N PRO A 9 -7.31 8.37 13.98
CA PRO A 9 -7.40 9.44 13.00
C PRO A 9 -7.29 8.89 11.57
N ALA A 10 -7.30 9.80 10.62
CA ALA A 10 -7.21 9.42 9.22
C ALA A 10 -6.76 10.63 8.40
N GLU A 11 -6.17 10.35 7.24
CA GLU A 11 -5.70 11.40 6.37
C GLU A 11 -5.61 10.88 4.93
N PRO A 12 -6.44 11.49 4.04
CA PRO A 12 -6.46 11.11 2.65
C PRO A 12 -5.23 11.64 1.91
N ALA A 13 -5.26 11.51 0.60
CA ALA A 13 -4.16 11.98 -0.23
C ALA A 13 -4.71 12.42 -1.59
N ALA A 14 -3.80 12.50 -2.56
CA ALA A 14 -4.18 12.90 -3.90
C ALA A 14 -3.20 12.29 -4.91
N PRO A 15 -3.23 10.93 -4.99
CA PRO A 15 -2.35 10.22 -5.91
C PRO A 15 -2.84 10.35 -7.35
N LYS A 16 -2.33 9.46 -8.19
CA LYS A 16 -2.71 9.47 -9.59
C LYS A 16 -2.10 10.70 -10.28
N SER A 17 -2.63 11.86 -9.89
CA SER A 17 -2.15 13.11 -10.46
C SER A 17 -0.64 13.06 -10.65
N GLY A 18 -0.20 13.33 -11.86
CA GLY A 18 1.21 13.31 -12.18
C GLY A 18 1.48 12.51 -13.46
N GLU A 19 0.98 13.06 -14.57
CA GLU A 19 1.16 12.41 -15.86
C GLU A 19 1.86 13.36 -16.84
N ALA A 20 3.13 13.10 -17.06
CA ALA A 20 3.91 13.92 -17.97
C ALA A 20 5.25 13.24 -18.24
N GLU A 21 6.08 13.92 -19.01
CA GLU A 21 7.39 13.39 -19.35
C GLU A 21 8.05 12.78 -18.11
N THR A 22 8.68 11.63 -18.33
CA THR A 22 9.34 10.92 -17.24
C THR A 22 10.64 10.29 -17.74
N PRO A 23 11.78 10.96 -17.39
CA PRO A 23 13.08 10.47 -17.80
C PRO A 23 13.50 9.26 -16.96
N PRO A 24 14.66 8.66 -17.36
CA PRO A 24 15.17 7.49 -16.65
C PRO A 24 15.80 7.90 -15.32
N LYS A 25 15.48 7.12 -14.30
CA LYS A 25 16.01 7.38 -12.97
C LYS A 25 16.62 6.10 -12.41
N HIS A 26 16.96 6.15 -11.13
CA HIS A 26 17.56 5.00 -10.45
C HIS A 26 16.53 3.89 -10.34
N PRO A 27 17.01 2.64 -10.55
CA PRO A 27 16.13 1.47 -10.46
C PRO A 27 15.81 1.13 -9.01
N GLY A 28 16.81 1.36 -8.15
CA GLY A 28 16.64 1.08 -6.74
C GLY A 28 15.38 1.75 -6.19
N VAL A 29 15.00 2.84 -6.83
CA VAL A 29 13.82 3.59 -6.43
C VAL A 29 12.59 2.98 -7.09
N LEU A 30 12.73 2.72 -8.39
CA LEU A 30 11.64 2.14 -9.15
C LEU A 30 11.33 0.74 -8.62
N LYS A 31 12.37 0.11 -8.08
CA LYS A 31 12.23 -1.23 -7.55
C LYS A 31 11.01 -1.27 -6.60
N VAL A 32 10.69 -0.11 -6.06
CA VAL A 32 9.57 0.00 -5.14
C VAL A 32 8.30 0.33 -5.94
N GLU A 33 8.44 1.28 -6.85
CA GLU A 33 7.32 1.69 -7.69
C GLU A 33 6.69 0.47 -8.37
N ALA A 34 7.55 -0.45 -8.78
CA ALA A 34 7.10 -1.66 -9.45
C ALA A 34 6.21 -2.46 -8.49
N ILE A 35 6.56 -2.41 -7.21
CA ILE A 35 5.81 -3.11 -6.19
C ILE A 35 4.56 -2.31 -5.84
N LEU A 36 4.77 -1.04 -5.55
CA LEU A 36 3.67 -0.15 -5.19
C LEU A 36 2.53 -0.34 -6.18
N GLU A 37 2.91 -0.57 -7.43
CA GLU A 37 1.92 -0.77 -8.48
C GLU A 37 0.82 -1.72 -8.01
N LYS A 38 1.25 -2.81 -7.38
CA LYS A 38 0.31 -3.80 -6.87
C LYS A 38 -0.55 -3.17 -5.78
N VAL A 39 0.12 -2.49 -4.85
CA VAL A 39 -0.56 -1.84 -3.75
C VAL A 39 -1.77 -1.08 -4.30
N GLN A 40 -1.57 -0.48 -5.47
CA GLN A 40 -2.63 0.28 -6.10
C GLN A 40 -3.89 -0.58 -6.27
N GLY A 41 -3.66 -1.87 -6.46
CA GLY A 41 -4.75 -2.81 -6.63
C GLY A 41 -5.47 -3.06 -5.30
N LEU A 42 -4.72 -2.88 -4.22
CA LEU A 42 -5.28 -3.09 -2.90
C LEU A 42 -5.86 -1.78 -2.38
N GLU A 43 -5.30 -0.68 -2.86
CA GLU A 43 -5.75 0.65 -2.47
C GLU A 43 -7.17 0.89 -2.96
N GLN A 44 -7.37 0.63 -4.25
CA GLN A 44 -8.67 0.83 -4.86
C GLN A 44 -9.65 -0.23 -4.35
N ALA A 45 -9.11 -1.41 -4.05
CA ALA A 45 -9.93 -2.50 -3.56
C ALA A 45 -10.46 -2.15 -2.17
N VAL A 46 -9.64 -1.43 -1.42
CA VAL A 46 -10.00 -1.02 -0.07
C VAL A 46 -11.10 0.04 -0.15
N ASP A 47 -10.73 1.20 -0.67
CA ASP A 47 -11.67 2.30 -0.81
C ASP A 47 -13.00 1.76 -1.34
N SER A 48 -12.91 0.66 -2.08
CA SER A 48 -14.09 0.04 -2.64
C SER A 48 -14.22 -1.40 -2.13
N PHE A 49 -14.03 -1.56 -0.84
CA PHE A 49 -14.13 -2.86 -0.21
C PHE A 49 -15.46 -3.03 0.53
N GLU A 50 -15.69 -4.25 0.97
CA GLU A 50 -16.92 -4.55 1.69
C GLU A 50 -16.73 -5.78 2.58
N GLY A 51 -17.29 -5.70 3.77
CA GLY A 51 -17.18 -6.80 4.72
C GLY A 51 -16.59 -6.32 6.06
N LYS A 52 -15.98 -7.25 6.76
CA LYS A 52 -15.37 -6.94 8.05
C LYS A 52 -13.94 -7.49 8.09
N LYS A 53 -13.46 -7.72 9.30
CA LYS A 53 -12.12 -8.25 9.49
C LYS A 53 -12.17 -9.78 9.45
N THR A 54 -13.31 -10.30 9.02
CA THR A 54 -13.50 -11.73 8.94
C THR A 54 -13.65 -12.17 7.48
N ASP A 55 -14.51 -11.46 6.77
CA ASP A 55 -14.76 -11.76 5.36
C ASP A 55 -13.43 -12.08 4.68
N LYS A 56 -13.43 -13.19 3.96
CA LYS A 56 -12.24 -13.62 3.25
C LYS A 56 -11.65 -12.43 2.47
N LYS A 57 -12.55 -11.64 1.90
CA LYS A 57 -12.15 -10.48 1.13
C LYS A 57 -11.05 -9.72 1.90
N TYR A 58 -11.40 -9.30 3.11
CA TYR A 58 -10.46 -8.57 3.94
C TYR A 58 -9.11 -9.28 3.99
N LEU A 59 -9.16 -10.59 4.22
CA LEU A 59 -7.95 -11.39 4.28
C LEU A 59 -7.19 -11.27 2.95
N MET A 60 -7.91 -11.53 1.88
CA MET A 60 -7.32 -11.46 0.55
C MET A 60 -6.48 -10.19 0.39
N ILE A 61 -7.15 -9.06 0.45
CA ILE A 61 -6.49 -7.78 0.31
C ILE A 61 -5.27 -7.74 1.25
N GLU A 62 -5.52 -8.03 2.51
CA GLU A 62 -4.47 -8.03 3.51
C GLU A 62 -3.21 -8.69 2.95
N GLU A 63 -3.32 -9.99 2.70
CA GLU A 63 -2.20 -10.75 2.16
C GLU A 63 -1.44 -9.91 1.12
N TYR A 64 -2.13 -9.59 0.05
CA TYR A 64 -1.53 -8.79 -1.01
C TYR A 64 -0.80 -7.57 -0.44
N LEU A 65 -1.58 -6.70 0.20
CA LEU A 65 -1.02 -5.50 0.79
C LEU A 65 0.35 -5.82 1.39
N THR A 66 0.36 -6.78 2.30
CA THR A 66 1.60 -7.18 2.95
C THR A 66 2.59 -7.73 1.92
N LYS A 67 2.09 -8.62 1.08
CA LYS A 67 2.91 -9.23 0.04
C LYS A 67 3.79 -8.15 -0.59
N GLU A 68 3.15 -7.05 -0.97
CA GLU A 68 3.86 -5.94 -1.59
C GLU A 68 4.90 -5.38 -0.62
N LEU A 69 4.51 -5.29 0.64
CA LEU A 69 5.39 -4.77 1.67
C LEU A 69 6.68 -5.59 1.69
N LEU A 70 6.52 -6.90 1.74
CA LEU A 70 7.66 -7.80 1.77
C LEU A 70 8.55 -7.51 0.56
N ALA A 71 7.91 -7.15 -0.54
CA ALA A 71 8.63 -6.85 -1.76
C ALA A 71 9.36 -5.51 -1.60
N LEU A 72 8.82 -4.69 -0.70
CA LEU A 72 9.42 -3.39 -0.45
C LEU A 72 10.61 -3.55 0.49
N ASP A 73 10.55 -4.59 1.31
CA ASP A 73 11.62 -4.86 2.26
C ASP A 73 12.80 -5.48 1.52
N SER A 74 12.48 -6.31 0.54
CA SER A 74 13.51 -6.97 -0.25
C SER A 74 14.44 -5.93 -0.88
N VAL A 75 13.94 -4.70 -0.93
CA VAL A 75 14.71 -3.61 -1.50
C VAL A 75 15.70 -3.09 -0.45
N ASP A 76 16.97 -3.11 -0.83
CA ASP A 76 18.02 -2.64 0.06
C ASP A 76 18.65 -1.38 -0.52
N PRO A 77 18.32 -0.23 0.13
CA PRO A 77 18.84 1.06 -0.30
C PRO A 77 20.30 1.22 0.10
N GLU A 78 20.63 0.68 1.26
CA GLU A 78 22.00 0.75 1.76
C GLU A 78 22.25 2.13 2.37
N GLY A 79 22.10 3.15 1.55
CA GLY A 79 22.32 4.51 1.98
C GLY A 79 22.26 5.49 0.81
N ARG A 80 21.33 5.21 -0.09
CA ARG A 80 21.15 6.06 -1.26
C ARG A 80 20.19 7.22 -0.93
N ALA A 81 19.44 7.04 0.14
CA ALA A 81 18.49 8.05 0.56
C ALA A 81 17.29 8.05 -0.38
N ASP A 82 17.56 8.39 -1.64
CA ASP A 82 16.51 8.42 -2.64
C ASP A 82 15.71 7.12 -2.59
N VAL A 83 16.44 6.02 -2.49
CA VAL A 83 15.82 4.71 -2.42
C VAL A 83 15.19 4.51 -1.05
N ARG A 84 15.87 5.06 -0.04
CA ARG A 84 15.40 4.95 1.32
C ARG A 84 14.04 5.64 1.47
N GLN A 85 13.90 6.77 0.81
CA GLN A 85 12.68 7.54 0.87
C GLN A 85 11.55 6.77 0.17
N ALA A 86 11.75 6.55 -1.12
CA ALA A 86 10.77 5.82 -1.91
C ALA A 86 10.25 4.62 -1.12
N ARG A 87 11.20 3.91 -0.51
CA ARG A 87 10.86 2.74 0.27
C ARG A 87 9.97 3.12 1.45
N ARG A 88 10.51 4.00 2.30
CA ARG A 88 9.77 4.45 3.46
C ARG A 88 8.41 5.03 3.04
N ASP A 89 8.38 5.53 1.82
CA ASP A 89 7.16 6.11 1.28
C ASP A 89 6.27 5.00 0.72
N GLY A 90 6.92 3.99 0.18
CA GLY A 90 6.21 2.86 -0.39
C GLY A 90 5.59 1.99 0.70
N VAL A 91 6.41 1.63 1.67
CA VAL A 91 5.95 0.81 2.78
C VAL A 91 4.86 1.56 3.55
N ARG A 92 5.11 2.83 3.77
CA ARG A 92 4.15 3.67 4.49
C ARG A 92 2.82 3.72 3.73
N LYS A 93 2.92 3.81 2.42
CA LYS A 93 1.75 3.86 1.57
C LYS A 93 0.82 2.70 1.92
N VAL A 94 1.36 1.50 1.82
CA VAL A 94 0.59 0.30 2.12
C VAL A 94 0.10 0.36 3.56
N GLN A 95 1.05 0.53 4.47
CA GLN A 95 0.73 0.61 5.90
C GLN A 95 -0.57 1.38 6.10
N THR A 96 -0.56 2.63 5.66
CA THR A 96 -1.73 3.48 5.80
C THR A 96 -2.96 2.77 5.24
N ILE A 97 -2.81 2.24 4.03
CA ILE A 97 -3.90 1.54 3.38
C ILE A 97 -4.34 0.35 4.24
N LEU A 98 -3.34 -0.37 4.74
CA LEU A 98 -3.60 -1.52 5.58
C LEU A 98 -4.45 -1.10 6.79
N GLU A 99 -4.27 0.16 7.18
CA GLU A 99 -5.00 0.70 8.31
C GLU A 99 -6.35 1.25 7.84
N LYS A 100 -6.39 1.64 6.58
CA LYS A 100 -7.61 2.19 6.01
C LYS A 100 -8.61 1.05 5.75
N LEU A 101 -8.05 -0.10 5.38
CA LEU A 101 -8.89 -1.27 5.11
C LEU A 101 -9.65 -1.64 6.38
N GLU A 102 -8.91 -1.83 7.45
CA GLU A 102 -9.51 -2.19 8.73
C GLU A 102 -10.82 -1.43 8.93
N GLN A 103 -10.73 -0.11 8.81
CA GLN A 103 -11.90 0.73 8.97
C GLN A 103 -12.99 0.32 7.99
N LYS A 104 -12.58 0.06 6.76
CA LYS A 104 -13.51 -0.34 5.72
C LYS A 104 -14.20 -1.64 6.14
N ALA A 105 -13.45 -2.47 6.85
CA ALA A 105 -13.98 -3.74 7.31
C ALA A 105 -14.34 -3.62 8.79
N SER A 106 -14.85 -2.46 9.16
CA SER A 106 -15.25 -2.21 10.53
C SER A 106 -16.68 -1.66 10.57
N GLY A 107 -17.28 -1.59 9.40
CA GLY A 107 -18.64 -1.09 9.28
C GLY A 107 -19.02 -0.87 7.81
N PRO A 108 -19.37 0.42 7.51
CA PRO A 108 -19.76 0.78 6.15
C PRO A 108 -18.54 0.86 5.24
N SER A 109 -18.80 0.73 3.94
CA SER A 109 -17.73 0.79 2.96
C SER A 109 -18.30 0.53 1.56
N SER A 110 -18.14 1.51 0.69
CA SER A 110 -18.62 1.40 -0.67
C SER A 110 -18.25 2.64 -1.47
N GLY A 111 -18.38 2.53 -2.78
CA GLY A 111 -18.06 3.65 -3.66
C GLY A 111 -19.31 4.12 -4.42
N GLY A 1 -55.15 -7.61 -15.90
CA GLY A 1 -53.92 -8.18 -16.43
C GLY A 1 -52.72 -7.82 -15.55
N SER A 2 -51.65 -8.56 -15.74
CA SER A 2 -50.42 -8.33 -14.98
C SER A 2 -49.29 -9.22 -15.51
N SER A 3 -48.10 -8.64 -15.55
CA SER A 3 -46.94 -9.37 -16.03
C SER A 3 -45.73 -8.44 -16.06
N GLY A 4 -44.58 -9.01 -15.71
CA GLY A 4 -43.35 -8.24 -15.69
C GLY A 4 -42.32 -8.89 -14.75
N SER A 5 -41.05 -8.59 -15.02
CA SER A 5 -39.97 -9.13 -14.22
C SER A 5 -38.62 -8.74 -14.83
N SER A 6 -37.79 -8.12 -14.00
CA SER A 6 -36.47 -7.69 -14.45
C SER A 6 -35.74 -6.99 -13.30
N GLY A 7 -34.47 -6.72 -13.54
CA GLY A 7 -33.65 -6.05 -12.55
C GLY A 7 -32.15 -6.28 -12.82
N ALA A 8 -31.40 -5.21 -12.76
CA ALA A 8 -29.96 -5.27 -12.99
C ALA A 8 -29.35 -3.89 -12.78
N PRO A 9 -28.86 -3.67 -11.53
CA PRO A 9 -28.24 -2.40 -11.19
C PRO A 9 -26.85 -2.28 -11.80
N ALA A 10 -26.22 -1.14 -11.55
CA ALA A 10 -24.89 -0.89 -12.07
C ALA A 10 -24.42 0.50 -11.64
N GLU A 11 -23.12 0.70 -11.70
CA GLU A 11 -22.53 1.98 -11.31
C GLU A 11 -21.02 1.94 -11.46
N PRO A 12 -20.57 1.95 -12.75
CA PRO A 12 -19.15 1.92 -13.04
C PRO A 12 -18.50 3.28 -12.77
N ALA A 13 -17.23 3.22 -12.37
CA ALA A 13 -16.48 4.43 -12.07
C ALA A 13 -15.01 4.08 -11.87
N ALA A 14 -14.16 4.93 -12.43
CA ALA A 14 -12.73 4.73 -12.32
C ALA A 14 -11.99 5.82 -13.11
N PRO A 15 -11.15 6.58 -12.37
CA PRO A 15 -10.39 7.66 -12.98
C PRO A 15 -9.23 7.11 -13.82
N LYS A 16 -8.81 7.91 -14.79
CA LYS A 16 -7.71 7.52 -15.65
C LYS A 16 -6.95 8.77 -16.10
N SER A 17 -5.76 8.94 -15.52
CA SER A 17 -4.93 10.08 -15.86
C SER A 17 -3.58 9.97 -15.14
N GLY A 18 -2.57 10.55 -15.77
CA GLY A 18 -1.23 10.53 -15.21
C GLY A 18 -0.18 10.34 -16.31
N GLU A 19 -0.05 11.36 -17.13
CA GLU A 19 0.92 11.33 -18.22
C GLU A 19 1.57 12.71 -18.40
N ALA A 20 2.86 12.67 -18.73
CA ALA A 20 3.60 13.89 -18.93
C ALA A 20 5.04 13.55 -19.31
N GLU A 21 5.79 14.58 -19.69
CA GLU A 21 7.18 14.39 -20.09
C GLU A 21 8.09 14.51 -18.87
N THR A 22 9.09 13.65 -18.84
CA THR A 22 10.05 13.63 -17.74
C THR A 22 11.17 12.64 -18.01
N PRO A 23 12.41 13.03 -17.58
CA PRO A 23 13.57 12.18 -17.77
C PRO A 23 13.55 11.00 -16.80
N PRO A 24 14.48 10.03 -17.04
CA PRO A 24 14.58 8.86 -16.18
C PRO A 24 15.25 9.21 -14.86
N LYS A 25 14.59 8.83 -13.79
CA LYS A 25 15.11 9.09 -12.45
C LYS A 25 16.04 7.94 -12.04
N HIS A 26 15.88 7.51 -10.79
CA HIS A 26 16.69 6.43 -10.27
C HIS A 26 15.89 5.13 -10.28
N PRO A 27 16.58 4.04 -10.68
CA PRO A 27 15.94 2.72 -10.74
C PRO A 27 15.76 2.15 -9.33
N GLY A 28 16.74 2.41 -8.49
CA GLY A 28 16.71 1.91 -7.12
C GLY A 28 15.40 2.32 -6.43
N VAL A 29 14.97 3.53 -6.72
CA VAL A 29 13.73 4.04 -6.14
C VAL A 29 12.54 3.34 -6.77
N LEU A 30 12.45 3.46 -8.09
CA LEU A 30 11.36 2.83 -8.83
C LEU A 30 11.13 1.43 -8.27
N LYS A 31 12.20 0.79 -7.84
CA LYS A 31 12.12 -0.55 -7.29
C LYS A 31 10.84 -0.68 -6.47
N VAL A 32 10.56 0.34 -5.69
CA VAL A 32 9.37 0.36 -4.85
C VAL A 32 8.16 0.70 -5.71
N GLU A 33 8.33 1.72 -6.55
CA GLU A 33 7.26 2.15 -7.42
C GLU A 33 6.75 0.98 -8.27
N ALA A 34 7.68 0.11 -8.64
CA ALA A 34 7.35 -1.04 -9.44
C ALA A 34 6.31 -1.89 -8.70
N ILE A 35 6.46 -1.93 -7.38
CA ILE A 35 5.55 -2.70 -6.55
C ILE A 35 4.30 -1.87 -6.26
N LEU A 36 4.54 -0.64 -5.82
CA LEU A 36 3.44 0.26 -5.52
C LEU A 36 2.35 0.12 -6.59
N GLU A 37 2.78 0.21 -7.83
CA GLU A 37 1.85 0.09 -8.95
C GLU A 37 0.84 -1.01 -8.68
N LYS A 38 1.32 -2.11 -8.12
CA LYS A 38 0.47 -3.24 -7.81
C LYS A 38 -0.39 -2.90 -6.58
N VAL A 39 0.26 -2.30 -5.58
CA VAL A 39 -0.42 -1.92 -4.37
C VAL A 39 -1.71 -1.17 -4.72
N GLN A 40 -1.57 -0.19 -5.60
CA GLN A 40 -2.71 0.60 -6.02
C GLN A 40 -3.93 -0.30 -6.25
N GLY A 41 -3.69 -1.41 -6.92
CA GLY A 41 -4.75 -2.36 -7.19
C GLY A 41 -5.37 -2.89 -5.91
N LEU A 42 -4.50 -3.16 -4.94
CA LEU A 42 -4.95 -3.67 -3.65
C LEU A 42 -5.68 -2.56 -2.89
N GLU A 43 -5.36 -1.33 -3.25
CA GLU A 43 -5.98 -0.18 -2.62
C GLU A 43 -7.43 -0.03 -3.10
N GLN A 44 -7.59 0.03 -4.41
CA GLN A 44 -8.91 0.17 -4.99
C GLN A 44 -9.90 -0.78 -4.32
N ALA A 45 -9.43 -2.00 -4.08
CA ALA A 45 -10.25 -3.00 -3.45
C ALA A 45 -10.73 -2.49 -2.08
N VAL A 46 -9.81 -1.85 -1.38
CA VAL A 46 -10.12 -1.30 -0.07
C VAL A 46 -11.14 -0.17 -0.22
N ASP A 47 -10.71 0.89 -0.87
CA ASP A 47 -11.58 2.03 -1.08
C ASP A 47 -12.93 1.55 -1.62
N SER A 48 -12.90 0.38 -2.24
CA SER A 48 -14.11 -0.20 -2.79
C SER A 48 -14.41 -1.54 -2.11
N PHE A 49 -14.12 -1.59 -0.82
CA PHE A 49 -14.35 -2.81 -0.05
C PHE A 49 -15.67 -2.72 0.73
N GLU A 50 -16.03 -3.83 1.32
CA GLU A 50 -17.26 -3.90 2.10
C GLU A 50 -17.30 -5.18 2.94
N GLY A 51 -17.54 -4.99 4.23
CA GLY A 51 -17.60 -6.11 5.16
C GLY A 51 -16.94 -5.76 6.49
N LYS A 52 -16.36 -6.78 7.10
CA LYS A 52 -15.68 -6.60 8.38
C LYS A 52 -14.23 -7.03 8.24
N LYS A 53 -13.63 -7.35 9.38
CA LYS A 53 -12.24 -7.78 9.40
C LYS A 53 -12.19 -9.30 9.58
N THR A 54 -13.24 -9.97 9.12
CA THR A 54 -13.32 -11.41 9.23
C THR A 54 -13.50 -12.04 7.84
N ASP A 55 -14.37 -11.42 7.06
CA ASP A 55 -14.64 -11.90 5.71
C ASP A 55 -13.33 -12.33 5.06
N LYS A 56 -13.37 -13.50 4.43
CA LYS A 56 -12.19 -14.02 3.76
C LYS A 56 -11.62 -12.97 2.81
N LYS A 57 -12.53 -12.17 2.27
CA LYS A 57 -12.14 -11.11 1.35
C LYS A 57 -11.15 -10.17 2.05
N TYR A 58 -11.56 -9.72 3.23
CA TYR A 58 -10.73 -8.82 4.01
C TYR A 58 -9.31 -9.37 4.18
N LEU A 59 -9.25 -10.65 4.55
CA LEU A 59 -7.97 -11.31 4.74
C LEU A 59 -7.16 -11.22 3.44
N MET A 60 -7.78 -11.66 2.36
CA MET A 60 -7.13 -11.63 1.06
C MET A 60 -6.36 -10.32 0.85
N ILE A 61 -7.10 -9.23 0.97
CA ILE A 61 -6.51 -7.91 0.80
C ILE A 61 -5.39 -7.71 1.81
N GLU A 62 -5.65 -8.17 3.03
CA GLU A 62 -4.68 -8.06 4.10
C GLU A 62 -3.34 -8.66 3.66
N GLU A 63 -3.38 -9.95 3.35
CA GLU A 63 -2.18 -10.65 2.91
C GLU A 63 -1.63 -10.02 1.63
N TYR A 64 -2.54 -9.73 0.72
CA TYR A 64 -2.16 -9.13 -0.55
C TYR A 64 -1.37 -7.83 -0.33
N LEU A 65 -1.83 -7.06 0.65
CA LEU A 65 -1.18 -5.80 0.97
C LEU A 65 0.24 -6.07 1.47
N THR A 66 0.33 -7.02 2.40
CA THR A 66 1.62 -7.39 2.97
C THR A 66 2.56 -7.90 1.87
N LYS A 67 2.01 -8.75 1.03
CA LYS A 67 2.79 -9.33 -0.06
C LYS A 67 3.68 -8.23 -0.67
N GLU A 68 3.10 -7.05 -0.80
CA GLU A 68 3.82 -5.92 -1.36
C GLU A 68 4.87 -5.41 -0.36
N LEU A 69 4.45 -5.30 0.89
CA LEU A 69 5.34 -4.83 1.94
C LEU A 69 6.69 -5.53 1.81
N LEU A 70 6.64 -6.86 1.80
CA LEU A 70 7.85 -7.65 1.67
C LEU A 70 8.63 -7.22 0.44
N ALA A 71 7.88 -6.97 -0.64
CA ALA A 71 8.48 -6.55 -1.88
C ALA A 71 9.03 -5.12 -1.72
N LEU A 72 8.51 -4.43 -0.71
CA LEU A 72 8.94 -3.07 -0.45
C LEU A 72 9.97 -3.08 0.69
N ASP A 73 10.33 -4.29 1.10
CA ASP A 73 11.30 -4.44 2.16
C ASP A 73 12.49 -5.28 1.66
N SER A 74 12.16 -6.28 0.86
CA SER A 74 13.18 -7.15 0.30
C SER A 74 14.23 -6.33 -0.43
N VAL A 75 13.89 -5.07 -0.66
CA VAL A 75 14.80 -4.16 -1.36
C VAL A 75 15.81 -3.60 -0.35
N ASP A 76 17.08 -3.72 -0.71
CA ASP A 76 18.14 -3.21 0.15
C ASP A 76 18.96 -2.17 -0.60
N PRO A 77 18.79 -0.89 -0.19
CA PRO A 77 19.50 0.20 -0.82
C PRO A 77 20.97 0.23 -0.40
N GLU A 78 21.17 0.34 0.91
CA GLU A 78 22.52 0.36 1.46
C GLU A 78 23.48 1.07 0.49
N GLY A 79 23.59 2.38 0.66
CA GLY A 79 24.46 3.17 -0.19
C GLY A 79 23.74 4.45 -0.66
N ARG A 80 22.65 4.25 -1.39
CA ARG A 80 21.88 5.36 -1.90
C ARG A 80 20.74 5.71 -0.93
N ALA A 81 20.54 7.01 -0.75
CA ALA A 81 19.50 7.49 0.15
C ALA A 81 18.18 7.56 -0.62
N ASP A 82 18.22 8.24 -1.75
CA ASP A 82 17.04 8.38 -2.59
C ASP A 82 16.26 7.07 -2.61
N VAL A 83 17.01 5.98 -2.64
CA VAL A 83 16.41 4.66 -2.66
C VAL A 83 15.72 4.40 -1.33
N ARG A 84 16.49 4.49 -0.26
CA ARG A 84 15.97 4.27 1.08
C ARG A 84 14.64 5.01 1.26
N GLN A 85 14.66 6.28 0.88
CA GLN A 85 13.46 7.11 1.00
C GLN A 85 12.24 6.34 0.49
N ALA A 86 12.27 6.01 -0.79
CA ALA A 86 11.18 5.29 -1.41
C ALA A 86 10.71 4.18 -0.46
N ARG A 87 11.66 3.38 -0.01
CA ARG A 87 11.36 2.29 0.90
C ARG A 87 10.32 2.73 1.93
N ARG A 88 10.75 3.61 2.82
CA ARG A 88 9.86 4.12 3.86
C ARG A 88 8.58 4.68 3.24
N ASP A 89 8.68 5.00 1.96
CA ASP A 89 7.53 5.53 1.24
C ASP A 89 6.59 4.39 0.85
N GLY A 90 7.04 3.61 -0.13
CA GLY A 90 6.25 2.49 -0.60
C GLY A 90 5.53 1.80 0.56
N VAL A 91 6.32 1.27 1.47
CA VAL A 91 5.77 0.57 2.63
C VAL A 91 4.67 1.43 3.26
N ARG A 92 5.04 2.67 3.56
CA ARG A 92 4.10 3.60 4.16
C ARG A 92 2.77 3.57 3.41
N LYS A 93 2.86 3.82 2.10
CA LYS A 93 1.67 3.83 1.26
C LYS A 93 0.79 2.63 1.62
N VAL A 94 1.38 1.45 1.48
CA VAL A 94 0.65 0.23 1.78
C VAL A 94 0.11 0.29 3.22
N GLN A 95 1.04 0.50 4.15
CA GLN A 95 0.66 0.59 5.56
C GLN A 95 -0.67 1.32 5.71
N THR A 96 -0.69 2.57 5.26
CA THR A 96 -1.88 3.38 5.34
C THR A 96 -3.09 2.60 4.82
N ILE A 97 -2.91 1.99 3.65
CA ILE A 97 -3.96 1.22 3.03
C ILE A 97 -4.34 0.06 3.95
N LEU A 98 -3.33 -0.48 4.62
CA LEU A 98 -3.54 -1.60 5.53
C LEU A 98 -4.38 -1.12 6.73
N GLU A 99 -4.20 0.14 7.07
CA GLU A 99 -4.93 0.72 8.18
C GLU A 99 -6.28 1.26 7.71
N LYS A 100 -6.34 1.58 6.44
CA LYS A 100 -7.56 2.10 5.85
C LYS A 100 -8.56 0.95 5.66
N LEU A 101 -8.02 -0.20 5.28
CA LEU A 101 -8.85 -1.38 5.07
C LEU A 101 -9.60 -1.71 6.36
N GLU A 102 -8.82 -1.91 7.42
CA GLU A 102 -9.40 -2.24 8.71
C GLU A 102 -10.59 -1.32 9.01
N GLN A 103 -10.33 -0.03 8.91
CA GLN A 103 -11.36 0.97 9.17
C GLN A 103 -12.56 0.73 8.25
N LYS A 104 -12.26 0.60 6.96
CA LYS A 104 -13.30 0.38 5.97
C LYS A 104 -14.32 -0.62 6.52
N ALA A 105 -13.84 -1.83 6.75
CA ALA A 105 -14.69 -2.88 7.28
C ALA A 105 -15.66 -2.28 8.31
N SER A 106 -15.07 -1.75 9.37
CA SER A 106 -15.86 -1.15 10.44
C SER A 106 -16.32 -2.23 11.42
N GLY A 107 -17.51 -2.01 11.97
CA GLY A 107 -18.08 -2.96 12.92
C GLY A 107 -19.60 -2.83 12.96
N PRO A 108 -20.14 -2.64 14.19
CA PRO A 108 -21.57 -2.51 14.38
C PRO A 108 -22.06 -1.14 13.91
N SER A 109 -21.94 -0.91 12.61
CA SER A 109 -22.36 0.35 12.03
C SER A 109 -23.39 0.09 10.94
N SER A 110 -24.26 1.08 10.73
CA SER A 110 -25.29 0.97 9.73
C SER A 110 -26.05 2.30 9.60
N GLY A 111 -26.10 2.80 8.38
CA GLY A 111 -26.78 4.06 8.11
C GLY A 111 -28.16 4.08 8.76
N GLY A 1 -18.73 -14.94 15.41
CA GLY A 1 -19.14 -13.56 15.18
C GLY A 1 -18.33 -12.59 16.02
N SER A 2 -19.00 -11.55 16.51
CA SER A 2 -18.35 -10.55 17.32
C SER A 2 -17.29 -9.81 16.50
N SER A 3 -17.44 -8.49 16.47
CA SER A 3 -16.51 -7.65 15.72
C SER A 3 -16.72 -6.18 16.10
N GLY A 4 -15.73 -5.38 15.75
CA GLY A 4 -15.79 -3.95 16.04
C GLY A 4 -15.19 -3.65 17.41
N SER A 5 -14.37 -2.60 17.46
CA SER A 5 -13.74 -2.20 18.70
C SER A 5 -12.79 -1.03 18.44
N SER A 6 -12.27 -0.49 19.53
CA SER A 6 -11.34 0.64 19.43
C SER A 6 -12.05 1.84 18.81
N GLY A 7 -11.57 3.02 19.16
CA GLY A 7 -12.14 4.25 18.64
C GLY A 7 -11.07 5.33 18.50
N ALA A 8 -11.20 6.11 17.44
CA ALA A 8 -10.26 7.19 17.18
C ALA A 8 -10.69 7.95 15.93
N PRO A 9 -10.04 9.13 15.71
CA PRO A 9 -10.35 9.95 14.56
C PRO A 9 -9.75 9.35 13.29
N ALA A 10 -10.42 9.63 12.17
CA ALA A 10 -9.98 9.13 10.89
C ALA A 10 -9.56 10.30 10.00
N GLU A 11 -9.09 9.97 8.80
CA GLU A 11 -8.65 10.98 7.86
C GLU A 11 -8.80 10.47 6.43
N PRO A 12 -9.49 11.30 5.60
CA PRO A 12 -9.71 10.94 4.21
C PRO A 12 -8.43 11.13 3.38
N ALA A 13 -8.32 10.32 2.34
CA ALA A 13 -7.15 10.38 1.47
C ALA A 13 -7.33 9.40 0.31
N ALA A 14 -6.59 9.66 -0.76
CA ALA A 14 -6.66 8.82 -1.94
C ALA A 14 -5.92 9.49 -3.09
N PRO A 15 -6.34 10.75 -3.38
CA PRO A 15 -5.73 11.51 -4.46
C PRO A 15 -4.35 12.03 -4.04
N LYS A 16 -3.38 11.85 -4.94
CA LYS A 16 -2.03 12.30 -4.67
C LYS A 16 -1.20 12.22 -5.96
N SER A 17 -0.74 13.37 -6.40
CA SER A 17 0.06 13.44 -7.62
C SER A 17 -0.73 12.86 -8.78
N GLY A 18 -0.16 13.02 -9.97
CA GLY A 18 -0.80 12.52 -11.18
C GLY A 18 0.14 12.64 -12.38
N GLU A 19 0.20 13.84 -12.94
CA GLU A 19 1.04 14.10 -14.09
C GLU A 19 0.68 13.15 -15.23
N ALA A 20 1.25 13.44 -16.40
CA ALA A 20 1.00 12.63 -17.57
C ALA A 20 2.34 12.23 -18.21
N GLU A 21 3.40 12.51 -17.48
CA GLU A 21 4.74 12.18 -17.95
C GLU A 21 5.54 11.47 -16.85
N THR A 22 6.55 10.74 -17.29
CA THR A 22 7.39 10.01 -16.36
C THR A 22 8.76 9.73 -16.98
N PRO A 23 9.72 10.66 -16.69
CA PRO A 23 11.07 10.53 -17.22
C PRO A 23 11.85 9.44 -16.47
N PRO A 24 13.05 9.12 -17.01
CA PRO A 24 13.91 8.11 -16.40
C PRO A 24 14.57 8.65 -15.14
N LYS A 25 14.47 7.87 -14.08
CA LYS A 25 15.06 8.24 -12.81
C LYS A 25 15.93 7.10 -12.28
N HIS A 26 15.86 6.89 -10.98
CA HIS A 26 16.63 5.84 -10.35
C HIS A 26 15.84 4.52 -10.39
N PRO A 27 16.57 3.42 -10.69
CA PRO A 27 15.95 2.11 -10.75
C PRO A 27 15.64 1.57 -9.36
N GLY A 28 16.54 1.87 -8.43
CA GLY A 28 16.38 1.43 -7.06
C GLY A 28 15.03 1.88 -6.49
N VAL A 29 14.59 3.05 -6.95
CA VAL A 29 13.33 3.59 -6.50
C VAL A 29 12.18 2.87 -7.20
N LEU A 30 12.22 2.91 -8.53
CA LEU A 30 11.19 2.27 -9.32
C LEU A 30 10.88 0.89 -8.73
N LYS A 31 11.93 0.25 -8.22
CA LYS A 31 11.78 -1.07 -7.63
C LYS A 31 10.61 -1.05 -6.64
N VAL A 32 10.48 0.07 -5.94
CA VAL A 32 9.40 0.23 -4.97
C VAL A 32 8.09 0.51 -5.71
N GLU A 33 8.16 1.46 -6.63
CA GLU A 33 6.99 1.82 -7.41
C GLU A 33 6.37 0.57 -8.05
N ALA A 34 7.22 -0.23 -8.66
CA ALA A 34 6.77 -1.45 -9.31
C ALA A 34 6.07 -2.34 -8.28
N ILE A 35 6.54 -2.23 -7.04
CA ILE A 35 5.98 -3.02 -5.96
C ILE A 35 4.68 -2.38 -5.47
N LEU A 36 4.79 -1.09 -5.14
CA LEU A 36 3.63 -0.35 -4.67
C LEU A 36 2.57 -0.29 -5.77
N GLU A 37 3.02 -0.59 -6.98
CA GLU A 37 2.13 -0.57 -8.13
C GLU A 37 1.00 -1.57 -7.94
N LYS A 38 1.33 -2.68 -7.30
CA LYS A 38 0.35 -3.73 -7.05
C LYS A 38 -0.60 -3.27 -5.93
N VAL A 39 -0.02 -3.10 -4.75
CA VAL A 39 -0.79 -2.67 -3.60
C VAL A 39 -1.86 -1.66 -4.05
N GLN A 40 -1.40 -0.67 -4.80
CA GLN A 40 -2.29 0.36 -5.30
C GLN A 40 -3.61 -0.25 -5.78
N GLY A 41 -3.48 -1.19 -6.71
CA GLY A 41 -4.65 -1.86 -7.26
C GLY A 41 -5.49 -2.48 -6.14
N LEU A 42 -4.80 -2.95 -5.11
CA LEU A 42 -5.47 -3.57 -3.98
C LEU A 42 -5.99 -2.49 -3.05
N GLU A 43 -5.41 -1.30 -3.19
CA GLU A 43 -5.81 -0.18 -2.37
C GLU A 43 -7.10 0.45 -2.90
N GLN A 44 -7.27 0.36 -4.20
CA GLN A 44 -8.46 0.91 -4.85
C GLN A 44 -9.69 0.08 -4.49
N ALA A 45 -9.45 -1.21 -4.28
CA ALA A 45 -10.54 -2.12 -3.93
C ALA A 45 -10.99 -1.83 -2.50
N VAL A 46 -10.06 -1.33 -1.71
CA VAL A 46 -10.35 -1.00 -0.32
C VAL A 46 -11.41 0.10 -0.27
N ASP A 47 -11.12 1.19 -0.98
CA ASP A 47 -12.04 2.31 -1.02
C ASP A 47 -13.40 1.84 -1.55
N SER A 48 -13.36 0.70 -2.22
CA SER A 48 -14.58 0.13 -2.79
C SER A 48 -14.78 -1.29 -2.27
N PHE A 49 -14.31 -1.51 -1.05
CA PHE A 49 -14.44 -2.82 -0.43
C PHE A 49 -15.54 -2.83 0.63
N GLU A 50 -15.90 -4.03 1.05
CA GLU A 50 -16.95 -4.20 2.05
C GLU A 50 -16.79 -5.54 2.76
N GLY A 51 -16.97 -5.50 4.08
CA GLY A 51 -16.86 -6.71 4.89
C GLY A 51 -16.30 -6.38 6.27
N LYS A 52 -15.53 -7.32 6.80
CA LYS A 52 -14.92 -7.15 8.10
C LYS A 52 -13.50 -7.71 8.08
N LYS A 53 -12.93 -7.82 9.27
CA LYS A 53 -11.57 -8.34 9.40
C LYS A 53 -11.62 -9.87 9.40
N THR A 54 -12.81 -10.40 9.15
CA THR A 54 -13.01 -11.84 9.13
C THR A 54 -13.32 -12.31 7.71
N ASP A 55 -14.05 -11.47 6.99
CA ASP A 55 -14.42 -11.79 5.62
C ASP A 55 -13.17 -12.26 4.86
N LYS A 56 -13.30 -13.44 4.25
CA LYS A 56 -12.20 -14.02 3.50
C LYS A 56 -11.74 -13.01 2.45
N LYS A 57 -12.65 -12.14 2.06
CA LYS A 57 -12.34 -11.12 1.07
C LYS A 57 -11.26 -10.18 1.63
N TYR A 58 -11.50 -9.73 2.85
CA TYR A 58 -10.57 -8.83 3.51
C TYR A 58 -9.15 -9.42 3.54
N LEU A 59 -9.09 -10.69 3.95
CA LEU A 59 -7.81 -11.38 4.03
C LEU A 59 -7.08 -11.25 2.70
N MET A 60 -7.80 -11.57 1.64
CA MET A 60 -7.23 -11.50 0.30
C MET A 60 -6.50 -10.17 0.09
N ILE A 61 -7.21 -9.09 0.38
CA ILE A 61 -6.65 -7.76 0.23
C ILE A 61 -5.51 -7.56 1.24
N GLU A 62 -5.81 -7.91 2.49
CA GLU A 62 -4.83 -7.78 3.56
C GLU A 62 -3.47 -8.31 3.10
N GLU A 63 -3.43 -9.61 2.85
CA GLU A 63 -2.21 -10.25 2.40
C GLU A 63 -1.69 -9.57 1.13
N TYR A 64 -2.61 -9.33 0.21
CA TYR A 64 -2.25 -8.69 -1.05
C TYR A 64 -1.48 -7.39 -0.80
N LEU A 65 -1.87 -6.70 0.25
CA LEU A 65 -1.22 -5.44 0.61
C LEU A 65 0.19 -5.73 1.13
N THR A 66 0.23 -6.26 2.35
CA THR A 66 1.51 -6.58 2.98
C THR A 66 2.47 -7.16 1.95
N LYS A 67 1.92 -7.92 1.01
CA LYS A 67 2.72 -8.53 -0.04
C LYS A 67 3.80 -7.54 -0.49
N GLU A 68 3.38 -6.31 -0.71
CA GLU A 68 4.29 -5.27 -1.14
C GLU A 68 5.30 -4.94 -0.03
N LEU A 69 4.78 -4.90 1.19
CA LEU A 69 5.62 -4.60 2.33
C LEU A 69 6.89 -5.44 2.27
N LEU A 70 6.69 -6.75 2.14
CA LEU A 70 7.81 -7.67 2.06
C LEU A 70 8.70 -7.29 0.87
N ALA A 71 8.03 -6.90 -0.22
CA ALA A 71 8.74 -6.51 -1.42
C ALA A 71 9.47 -5.19 -1.18
N LEU A 72 9.06 -4.50 -0.12
CA LEU A 72 9.66 -3.23 0.23
C LEU A 72 10.87 -3.48 1.13
N ASP A 73 10.86 -4.64 1.79
CA ASP A 73 11.95 -5.00 2.67
C ASP A 73 13.06 -5.68 1.86
N SER A 74 12.64 -6.52 0.93
CA SER A 74 13.58 -7.24 0.09
C SER A 74 14.52 -6.26 -0.60
N VAL A 75 14.01 -5.05 -0.82
CA VAL A 75 14.79 -4.02 -1.47
C VAL A 75 15.80 -3.45 -0.48
N ASP A 76 17.07 -3.68 -0.78
CA ASP A 76 18.15 -3.21 0.08
C ASP A 76 18.80 -1.99 -0.57
N PRO A 77 18.62 -0.82 0.09
CA PRO A 77 19.19 0.42 -0.41
C PRO A 77 20.70 0.48 -0.15
N GLU A 78 21.12 -0.29 0.84
CA GLU A 78 22.53 -0.34 1.19
C GLU A 78 22.97 0.99 1.81
N GLY A 79 22.84 2.05 1.01
CA GLY A 79 23.21 3.37 1.46
C GLY A 79 22.77 4.44 0.46
N ARG A 80 21.61 4.19 -0.15
CA ARG A 80 21.06 5.11 -1.12
C ARG A 80 19.80 5.78 -0.57
N ALA A 81 19.84 7.10 -0.52
CA ALA A 81 18.71 7.86 -0.02
C ALA A 81 17.54 7.73 -1.00
N ASP A 82 17.80 8.09 -2.24
CA ASP A 82 16.78 8.02 -3.28
C ASP A 82 15.93 6.76 -3.06
N VAL A 83 16.63 5.66 -2.85
CA VAL A 83 15.95 4.38 -2.63
C VAL A 83 15.29 4.39 -1.25
N ARG A 84 16.11 4.55 -0.23
CA ARG A 84 15.62 4.59 1.13
C ARG A 84 14.32 5.41 1.22
N GLN A 85 14.27 6.45 0.38
CA GLN A 85 13.11 7.32 0.35
C GLN A 85 11.89 6.54 -0.13
N ALA A 86 11.89 6.23 -1.42
CA ALA A 86 10.79 5.49 -2.02
C ALA A 86 10.36 4.38 -1.07
N ARG A 87 11.32 3.54 -0.72
CA ARG A 87 11.06 2.42 0.17
C ARG A 87 10.27 2.90 1.39
N ARG A 88 10.78 3.95 2.02
CA ARG A 88 10.13 4.51 3.19
C ARG A 88 8.70 4.93 2.86
N ASP A 89 8.57 5.64 1.75
CA ASP A 89 7.26 6.11 1.31
C ASP A 89 6.36 4.91 1.04
N GLY A 90 6.88 3.98 0.25
CA GLY A 90 6.13 2.78 -0.10
C GLY A 90 5.66 2.06 1.16
N VAL A 91 6.59 1.83 2.07
CA VAL A 91 6.28 1.15 3.32
C VAL A 91 5.14 1.89 4.02
N ARG A 92 5.21 3.21 3.97
CA ARG A 92 4.20 4.05 4.60
C ARG A 92 2.89 3.99 3.80
N LYS A 93 3.04 3.79 2.50
CA LYS A 93 1.89 3.71 1.62
C LYS A 93 1.05 2.48 1.98
N VAL A 94 1.64 1.32 1.77
CA VAL A 94 0.96 0.07 2.08
C VAL A 94 0.35 0.15 3.48
N GLN A 95 1.23 0.32 4.46
CA GLN A 95 0.80 0.42 5.84
C GLN A 95 -0.50 1.21 5.93
N THR A 96 -0.45 2.45 5.47
CA THR A 96 -1.61 3.32 5.49
C THR A 96 -2.85 2.56 5.02
N ILE A 97 -2.74 2.00 3.82
CA ILE A 97 -3.84 1.24 3.25
C ILE A 97 -4.34 0.22 4.27
N LEU A 98 -3.40 -0.57 4.77
CA LEU A 98 -3.73 -1.59 5.74
C LEU A 98 -4.61 -0.98 6.84
N GLU A 99 -4.28 0.24 7.22
CA GLU A 99 -5.03 0.94 8.24
C GLU A 99 -6.38 1.41 7.69
N LYS A 100 -6.40 1.64 6.39
CA LYS A 100 -7.61 2.09 5.73
C LYS A 100 -8.53 0.89 5.50
N LEU A 101 -7.91 -0.23 5.14
CA LEU A 101 -8.66 -1.44 4.88
C LEU A 101 -9.44 -1.82 6.14
N GLU A 102 -8.69 -2.09 7.21
CA GLU A 102 -9.30 -2.47 8.47
C GLU A 102 -10.59 -1.69 8.71
N GLN A 103 -10.42 -0.39 8.96
CA GLN A 103 -11.56 0.47 9.19
C GLN A 103 -12.72 0.09 8.27
N LYS A 104 -12.41 0.02 6.99
CA LYS A 104 -13.42 -0.34 6.00
C LYS A 104 -14.17 -1.59 6.47
N ALA A 105 -13.40 -2.60 6.85
CA ALA A 105 -13.98 -3.85 7.31
C ALA A 105 -14.74 -3.59 8.62
N SER A 106 -14.17 -2.73 9.44
CA SER A 106 -14.78 -2.38 10.71
C SER A 106 -15.98 -1.47 10.49
N GLY A 107 -16.22 -1.15 9.22
CA GLY A 107 -17.32 -0.28 8.87
C GLY A 107 -17.00 0.52 7.60
N PRO A 108 -17.93 0.43 6.62
CA PRO A 108 -17.76 1.14 5.36
C PRO A 108 -18.03 2.64 5.53
N SER A 109 -17.81 3.36 4.45
CA SER A 109 -18.02 4.80 4.46
C SER A 109 -18.50 5.28 3.09
N SER A 110 -19.69 5.85 3.07
CA SER A 110 -20.26 6.35 1.83
C SER A 110 -19.22 7.18 1.07
N GLY A 111 -18.92 6.72 -0.13
CA GLY A 111 -17.94 7.40 -0.97
C GLY A 111 -17.87 6.76 -2.36
N GLY A 1 8.88 -19.32 3.73
CA GLY A 1 8.05 -18.24 4.24
C GLY A 1 8.05 -18.23 5.76
N SER A 2 8.11 -17.02 6.31
CA SER A 2 8.11 -16.86 7.76
C SER A 2 7.51 -15.49 8.13
N SER A 3 6.36 -15.55 8.79
CA SER A 3 5.68 -14.33 9.21
C SER A 3 4.35 -14.68 9.88
N GLY A 4 3.85 -13.74 10.66
CA GLY A 4 2.59 -13.92 11.36
C GLY A 4 2.02 -12.59 11.83
N SER A 5 2.29 -11.56 11.04
CA SER A 5 1.80 -10.23 11.36
C SER A 5 2.71 -9.58 12.42
N SER A 6 2.56 -8.28 12.55
CA SER A 6 3.35 -7.52 13.51
C SER A 6 2.93 -6.05 13.50
N GLY A 7 2.26 -5.66 14.58
CA GLY A 7 1.80 -4.28 14.72
C GLY A 7 0.60 -4.02 13.79
N ALA A 8 0.00 -2.85 13.99
CA ALA A 8 -1.15 -2.47 13.18
C ALA A 8 -1.88 -1.32 13.88
N PRO A 9 -2.22 -1.55 15.18
CA PRO A 9 -2.92 -0.55 15.96
C PRO A 9 -1.98 0.59 16.36
N ALA A 10 -1.39 1.22 15.36
CA ALA A 10 -0.46 2.32 15.59
C ALA A 10 0.15 2.76 14.27
N GLU A 11 -0.70 3.32 13.41
CA GLU A 11 -0.26 3.79 12.12
C GLU A 11 -0.96 5.10 11.75
N PRO A 12 -0.26 5.93 10.94
CA PRO A 12 -0.81 7.19 10.51
C PRO A 12 -1.88 7.00 9.44
N ALA A 13 -2.19 8.10 8.75
CA ALA A 13 -3.20 8.05 7.71
C ALA A 13 -2.93 9.19 6.72
N ALA A 14 -2.77 8.81 5.46
CA ALA A 14 -2.53 9.78 4.40
C ALA A 14 -2.28 9.05 3.08
N PRO A 15 -3.39 8.86 2.32
CA PRO A 15 -3.31 8.17 1.05
C PRO A 15 -2.70 9.08 -0.02
N LYS A 16 -1.58 8.62 -0.57
CA LYS A 16 -0.89 9.37 -1.60
C LYS A 16 -1.45 8.99 -2.97
N SER A 17 -0.99 9.71 -3.99
CA SER A 17 -1.43 9.47 -5.34
C SER A 17 -0.73 10.41 -6.31
N GLY A 18 -0.55 9.94 -7.53
CA GLY A 18 0.11 10.73 -8.55
C GLY A 18 -0.19 10.19 -9.95
N GLU A 19 0.59 9.20 -10.35
CA GLU A 19 0.42 8.58 -11.66
C GLU A 19 0.65 9.61 -12.76
N ALA A 20 1.80 9.47 -13.42
CA ALA A 20 2.16 10.38 -14.50
C ALA A 20 3.45 9.88 -15.16
N GLU A 21 3.90 10.65 -16.13
CA GLU A 21 5.12 10.31 -16.86
C GLU A 21 6.18 9.79 -15.88
N THR A 22 7.06 8.95 -16.41
CA THR A 22 8.12 8.37 -15.61
C THR A 22 9.47 8.58 -16.29
N PRO A 23 10.13 9.71 -15.91
CA PRO A 23 11.43 10.04 -16.47
C PRO A 23 12.52 9.17 -15.87
N PRO A 24 13.75 9.30 -16.44
CA PRO A 24 14.89 8.54 -15.97
C PRO A 24 15.41 9.09 -14.64
N LYS A 25 15.44 8.22 -13.64
CA LYS A 25 15.92 8.60 -12.32
C LYS A 25 16.77 7.47 -11.75
N HIS A 26 16.43 7.07 -10.53
CA HIS A 26 17.16 6.01 -9.86
C HIS A 26 16.35 4.72 -9.92
N PRO A 27 17.08 3.60 -10.17
CA PRO A 27 16.43 2.30 -10.26
C PRO A 27 16.06 1.78 -8.87
N GLY A 28 16.93 2.08 -7.91
CA GLY A 28 16.71 1.65 -6.54
C GLY A 28 15.33 2.10 -6.04
N VAL A 29 14.92 3.26 -6.52
CA VAL A 29 13.63 3.81 -6.13
C VAL A 29 12.52 3.09 -6.89
N LEU A 30 12.65 3.10 -8.21
CA LEU A 30 11.66 2.45 -9.06
C LEU A 30 11.36 1.06 -8.52
N LYS A 31 12.39 0.44 -7.98
CA LYS A 31 12.25 -0.90 -7.41
C LYS A 31 10.98 -0.95 -6.56
N VAL A 32 10.67 0.17 -5.94
CA VAL A 32 9.49 0.25 -5.10
C VAL A 32 8.26 0.53 -5.98
N GLU A 33 8.41 1.51 -6.86
CA GLU A 33 7.33 1.88 -7.76
C GLU A 33 6.74 0.63 -8.42
N ALA A 34 7.63 -0.28 -8.78
CA ALA A 34 7.22 -1.51 -9.43
C ALA A 34 6.29 -2.29 -8.49
N ILE A 35 6.55 -2.14 -7.19
CA ILE A 35 5.75 -2.82 -6.19
C ILE A 35 4.44 -2.04 -5.98
N LEU A 36 4.59 -0.79 -5.59
CA LEU A 36 3.44 0.06 -5.35
C LEU A 36 2.47 -0.06 -6.52
N GLU A 37 3.04 -0.35 -7.69
CA GLU A 37 2.24 -0.50 -8.90
C GLU A 37 1.29 -1.68 -8.77
N LYS A 38 1.53 -2.48 -7.74
CA LYS A 38 0.70 -3.66 -7.50
C LYS A 38 -0.08 -3.46 -6.20
N VAL A 39 0.26 -2.38 -5.50
CA VAL A 39 -0.40 -2.07 -4.24
C VAL A 39 -1.61 -1.18 -4.52
N GLN A 40 -1.39 -0.19 -5.38
CA GLN A 40 -2.45 0.74 -5.74
C GLN A 40 -3.73 -0.02 -6.06
N GLY A 41 -3.57 -1.15 -6.73
CA GLY A 41 -4.70 -1.98 -7.11
C GLY A 41 -5.37 -2.58 -5.86
N LEU A 42 -4.57 -2.76 -4.82
CA LEU A 42 -5.07 -3.32 -3.58
C LEU A 42 -5.67 -2.19 -2.73
N GLU A 43 -5.23 -0.98 -3.02
CA GLU A 43 -5.70 0.18 -2.29
C GLU A 43 -7.10 0.58 -2.77
N GLN A 44 -7.28 0.50 -4.09
CA GLN A 44 -8.55 0.85 -4.68
C GLN A 44 -9.67 -0.01 -4.10
N ALA A 45 -9.36 -1.29 -3.93
CA ALA A 45 -10.34 -2.22 -3.40
C ALA A 45 -10.69 -1.80 -1.96
N VAL A 46 -9.68 -1.35 -1.24
CA VAL A 46 -9.88 -0.92 0.13
C VAL A 46 -10.89 0.23 0.15
N ASP A 47 -10.45 1.39 -0.32
CA ASP A 47 -11.30 2.56 -0.36
C ASP A 47 -12.71 2.15 -0.78
N SER A 48 -12.77 1.09 -1.57
CA SER A 48 -14.04 0.58 -2.04
C SER A 48 -14.21 -0.89 -1.65
N PHE A 49 -13.92 -1.16 -0.39
CA PHE A 49 -14.04 -2.52 0.12
C PHE A 49 -15.26 -2.67 1.02
N GLU A 50 -15.76 -3.89 1.09
CA GLU A 50 -16.93 -4.17 1.91
C GLU A 50 -16.76 -5.51 2.63
N GLY A 51 -17.02 -5.49 3.92
CA GLY A 51 -16.90 -6.69 4.73
C GLY A 51 -16.52 -6.34 6.18
N LYS A 52 -15.57 -7.11 6.71
CA LYS A 52 -15.11 -6.89 8.06
C LYS A 52 -13.66 -7.37 8.19
N LYS A 53 -13.18 -7.38 9.43
CA LYS A 53 -11.82 -7.82 9.70
C LYS A 53 -11.81 -9.34 9.87
N THR A 54 -13.00 -9.91 9.91
CA THR A 54 -13.13 -11.35 10.08
C THR A 54 -13.48 -12.01 8.74
N ASP A 55 -13.96 -11.19 7.82
CA ASP A 55 -14.33 -11.69 6.51
C ASP A 55 -13.07 -12.19 5.77
N LYS A 56 -13.30 -13.11 4.86
CA LYS A 56 -12.20 -13.67 4.09
C LYS A 56 -11.72 -12.64 3.07
N LYS A 57 -12.67 -12.05 2.37
CA LYS A 57 -12.35 -11.04 1.36
C LYS A 57 -11.31 -10.07 1.94
N TYR A 58 -11.51 -9.72 3.20
CA TYR A 58 -10.60 -8.80 3.86
C TYR A 58 -9.20 -9.41 3.97
N LEU A 59 -9.17 -10.68 4.36
CA LEU A 59 -7.90 -11.38 4.50
C LEU A 59 -7.16 -11.39 3.17
N MET A 60 -7.94 -11.44 2.10
CA MET A 60 -7.37 -11.44 0.76
C MET A 60 -6.58 -10.16 0.50
N ILE A 61 -7.25 -9.04 0.72
CA ILE A 61 -6.63 -7.74 0.52
C ILE A 61 -5.49 -7.56 1.52
N GLU A 62 -5.74 -8.00 2.74
CA GLU A 62 -4.74 -7.90 3.80
C GLU A 62 -3.46 -8.62 3.39
N GLU A 63 -3.62 -9.88 3.02
CA GLU A 63 -2.47 -10.68 2.60
C GLU A 63 -1.85 -10.11 1.32
N TYR A 64 -2.74 -9.75 0.39
CA TYR A 64 -2.29 -9.19 -0.87
C TYR A 64 -1.47 -7.91 -0.65
N LEU A 65 -1.80 -7.21 0.42
CA LEU A 65 -1.11 -5.98 0.76
C LEU A 65 0.29 -6.32 1.27
N THR A 66 0.32 -6.98 2.42
CA THR A 66 1.57 -7.36 3.03
C THR A 66 2.53 -7.92 1.98
N LYS A 67 1.99 -8.81 1.15
CA LYS A 67 2.79 -9.43 0.11
C LYS A 67 3.69 -8.37 -0.53
N GLU A 68 3.11 -7.20 -0.75
CA GLU A 68 3.85 -6.10 -1.36
C GLU A 68 4.90 -5.57 -0.38
N LEU A 69 4.48 -5.42 0.87
CA LEU A 69 5.36 -4.92 1.91
C LEU A 69 6.69 -5.68 1.85
N LEU A 70 6.59 -7.00 1.98
CA LEU A 70 7.77 -7.84 1.94
C LEU A 70 8.57 -7.53 0.67
N ALA A 71 7.84 -7.23 -0.38
CA ALA A 71 8.46 -6.92 -1.66
C ALA A 71 9.19 -5.58 -1.55
N LEU A 72 8.73 -4.76 -0.62
CA LEU A 72 9.33 -3.46 -0.41
C LEU A 72 10.60 -3.61 0.43
N ASP A 73 10.45 -4.30 1.55
CA ASP A 73 11.57 -4.53 2.45
C ASP A 73 12.63 -5.37 1.73
N SER A 74 12.22 -5.93 0.59
CA SER A 74 13.13 -6.76 -0.19
C SER A 74 14.13 -5.88 -0.93
N VAL A 75 13.97 -4.57 -0.76
CA VAL A 75 14.85 -3.61 -1.40
C VAL A 75 15.94 -3.19 -0.41
N ASP A 76 17.18 -3.24 -0.90
CA ASP A 76 18.32 -2.88 -0.07
C ASP A 76 18.89 -1.55 -0.58
N PRO A 77 18.55 -0.46 0.15
CA PRO A 77 19.01 0.86 -0.22
C PRO A 77 20.49 1.04 0.16
N GLU A 78 20.93 0.22 1.11
CA GLU A 78 22.30 0.27 1.57
C GLU A 78 22.53 1.55 2.39
N GLY A 79 22.38 2.68 1.72
CA GLY A 79 22.57 3.97 2.36
C GLY A 79 22.21 5.11 1.42
N ARG A 80 21.22 4.86 0.58
CA ARG A 80 20.78 5.86 -0.38
C ARG A 80 19.47 6.51 0.11
N ALA A 81 19.54 7.81 0.31
CA ALA A 81 18.39 8.57 0.77
C ALA A 81 17.23 8.36 -0.20
N ASP A 82 17.48 8.73 -1.45
CA ASP A 82 16.47 8.59 -2.49
C ASP A 82 15.77 7.24 -2.33
N VAL A 83 16.57 6.19 -2.35
CA VAL A 83 16.04 4.84 -2.21
C VAL A 83 15.35 4.71 -0.85
N ARG A 84 16.10 5.05 0.19
CA ARG A 84 15.57 4.97 1.54
C ARG A 84 14.15 5.51 1.59
N GLN A 85 13.98 6.71 1.05
CA GLN A 85 12.68 7.35 1.03
C GLN A 85 11.67 6.48 0.29
N ALA A 86 12.01 6.16 -0.95
CA ALA A 86 11.15 5.33 -1.77
C ALA A 86 10.61 4.17 -0.93
N ARG A 87 11.53 3.41 -0.36
CA ARG A 87 11.17 2.27 0.47
C ARG A 87 10.17 2.70 1.55
N ARG A 88 10.54 3.74 2.28
CA ARG A 88 9.68 4.26 3.33
C ARG A 88 8.33 4.68 2.77
N ASP A 89 8.39 5.40 1.66
CA ASP A 89 7.18 5.86 1.01
C ASP A 89 6.35 4.66 0.55
N GLY A 90 7.03 3.72 -0.08
CA GLY A 90 6.37 2.52 -0.57
C GLY A 90 5.60 1.82 0.55
N VAL A 91 6.35 1.36 1.54
CA VAL A 91 5.75 0.67 2.67
C VAL A 91 4.66 1.56 3.28
N ARG A 92 4.99 2.83 3.44
CA ARG A 92 4.05 3.78 4.01
C ARG A 92 2.78 3.83 3.16
N LYS A 93 2.96 4.11 1.88
CA LYS A 93 1.85 4.20 0.97
C LYS A 93 0.99 2.93 1.08
N VAL A 94 1.67 1.83 1.39
CA VAL A 94 0.99 0.55 1.54
C VAL A 94 0.32 0.50 2.91
N GLN A 95 1.12 0.72 3.94
CA GLN A 95 0.62 0.70 5.30
C GLN A 95 -0.75 1.37 5.38
N THR A 96 -0.79 2.60 4.89
CA THR A 96 -2.03 3.37 4.90
C THR A 96 -3.19 2.49 4.43
N ILE A 97 -2.91 1.67 3.44
CA ILE A 97 -3.91 0.78 2.89
C ILE A 97 -4.41 -0.17 3.98
N LEU A 98 -3.45 -0.82 4.64
CA LEU A 98 -3.77 -1.74 5.71
C LEU A 98 -4.67 -1.04 6.74
N GLU A 99 -4.24 0.15 7.12
CA GLU A 99 -4.99 0.93 8.10
C GLU A 99 -6.39 1.25 7.56
N LYS A 100 -6.45 1.45 6.24
CA LYS A 100 -7.71 1.76 5.60
C LYS A 100 -8.64 0.55 5.69
N LEU A 101 -8.16 -0.55 5.13
CA LEU A 101 -8.94 -1.78 5.13
C LEU A 101 -9.63 -1.94 6.49
N GLU A 102 -8.82 -1.83 7.53
CA GLU A 102 -9.34 -1.96 8.89
C GLU A 102 -10.69 -1.25 9.00
N GLN A 103 -10.63 0.07 9.11
CA GLN A 103 -11.82 0.87 9.24
C GLN A 103 -12.85 0.46 8.17
N LYS A 104 -12.34 0.13 7.00
CA LYS A 104 -13.19 -0.28 5.90
C LYS A 104 -13.92 -1.58 6.28
N ALA A 105 -13.24 -2.38 7.09
CA ALA A 105 -13.81 -3.65 7.53
C ALA A 105 -14.20 -3.54 9.00
N SER A 106 -14.74 -2.38 9.36
CA SER A 106 -15.14 -2.13 10.73
C SER A 106 -16.47 -1.36 10.75
N GLY A 107 -17.08 -1.27 9.58
CA GLY A 107 -18.34 -0.56 9.45
C GLY A 107 -18.24 0.84 10.05
N PRO A 108 -19.40 1.57 10.02
CA PRO A 108 -19.45 2.91 10.56
C PRO A 108 -19.47 2.89 12.09
N SER A 109 -18.74 3.83 12.66
CA SER A 109 -18.66 3.94 14.12
C SER A 109 -18.34 5.37 14.52
N SER A 110 -17.13 5.80 14.17
CA SER A 110 -16.69 7.15 14.50
C SER A 110 -16.41 7.93 13.21
N GLY A 111 -15.45 7.42 12.46
CA GLY A 111 -15.07 8.05 11.20
C GLY A 111 -13.75 7.50 10.68
N GLY A 1 -7.75 5.65 11.25
CA GLY A 1 -8.00 6.73 10.29
C GLY A 1 -9.00 6.28 9.22
N SER A 2 -9.23 7.17 8.27
CA SER A 2 -10.16 6.89 7.19
C SER A 2 -9.92 7.85 6.03
N SER A 3 -9.99 7.31 4.82
CA SER A 3 -9.78 8.10 3.63
C SER A 3 -8.34 8.63 3.59
N GLY A 4 -7.69 8.44 2.45
CA GLY A 4 -6.33 8.90 2.28
C GLY A 4 -5.88 8.78 0.82
N SER A 5 -4.57 8.79 0.63
CA SER A 5 -4.01 8.68 -0.71
C SER A 5 -4.54 9.82 -1.59
N SER A 6 -3.72 10.85 -1.73
CA SER A 6 -4.08 12.00 -2.53
C SER A 6 -2.81 12.65 -3.11
N GLY A 7 -2.33 12.07 -4.20
CA GLY A 7 -1.14 12.59 -4.86
C GLY A 7 -1.04 12.08 -6.29
N ALA A 8 -1.31 12.98 -7.22
CA ALA A 8 -1.26 12.65 -8.63
C ALA A 8 -1.32 13.93 -9.47
N PRO A 9 -0.12 14.47 -9.79
CA PRO A 9 -0.03 15.69 -10.57
C PRO A 9 -0.34 15.41 -12.05
N ALA A 10 0.44 14.52 -12.63
CA ALA A 10 0.26 14.16 -14.02
C ALA A 10 1.22 13.03 -14.38
N GLU A 11 0.88 12.30 -15.44
CA GLU A 11 1.70 11.20 -15.89
C GLU A 11 1.78 11.19 -17.42
N PRO A 12 2.71 12.03 -17.95
CA PRO A 12 2.89 12.13 -19.39
C PRO A 12 3.65 10.91 -19.92
N ALA A 13 3.95 9.99 -19.02
CA ALA A 13 4.68 8.78 -19.39
C ALA A 13 6.08 9.15 -19.86
N ALA A 14 6.86 8.11 -20.15
CA ALA A 14 8.22 8.31 -20.62
C ALA A 14 8.87 9.45 -19.81
N PRO A 15 9.50 9.05 -18.68
CA PRO A 15 10.16 10.02 -17.82
C PRO A 15 11.48 10.49 -18.44
N LYS A 16 11.36 11.12 -19.59
CA LYS A 16 12.54 11.61 -20.30
C LYS A 16 13.47 10.45 -20.63
N SER A 17 14.31 10.68 -21.63
CA SER A 17 15.25 9.65 -22.05
C SER A 17 16.02 10.13 -23.29
N GLY A 18 15.32 10.15 -24.40
CA GLY A 18 15.91 10.58 -25.66
C GLY A 18 16.30 12.06 -25.60
N GLU A 19 17.48 12.32 -25.05
CA GLU A 19 17.98 13.67 -24.93
C GLU A 19 16.83 14.63 -24.55
N ALA A 20 16.15 14.29 -23.47
CA ALA A 20 15.04 15.10 -23.00
C ALA A 20 15.49 15.93 -21.80
N GLU A 21 16.79 15.91 -21.56
CA GLU A 21 17.36 16.64 -20.44
C GLU A 21 17.21 15.85 -19.14
N THR A 22 18.15 16.07 -18.24
CA THR A 22 18.14 15.38 -16.96
C THR A 22 18.24 13.87 -17.16
N PRO A 23 18.78 13.18 -16.12
CA PRO A 23 18.93 11.74 -16.18
C PRO A 23 17.59 11.04 -16.00
N PRO A 24 17.59 9.70 -16.26
CA PRO A 24 16.38 8.91 -16.13
C PRO A 24 16.05 8.64 -14.66
N LYS A 25 15.07 7.78 -14.46
CA LYS A 25 14.65 7.44 -13.11
C LYS A 25 15.58 6.35 -12.55
N HIS A 26 15.61 6.26 -11.23
CA HIS A 26 16.44 5.28 -10.56
C HIS A 26 15.72 3.93 -10.53
N PRO A 27 16.52 2.85 -10.76
CA PRO A 27 15.97 1.51 -10.76
C PRO A 27 15.68 1.03 -9.34
N GLY A 28 16.55 1.43 -8.42
CA GLY A 28 16.39 1.06 -7.03
C GLY A 28 15.07 1.57 -6.46
N VAL A 29 14.63 2.70 -7.01
CA VAL A 29 13.38 3.31 -6.57
C VAL A 29 12.21 2.61 -7.27
N LEU A 30 12.25 2.65 -8.59
CA LEU A 30 11.20 2.04 -9.39
C LEU A 30 10.86 0.67 -8.79
N LYS A 31 11.88 0.00 -8.29
CA LYS A 31 11.71 -1.31 -7.71
C LYS A 31 10.55 -1.27 -6.70
N VAL A 32 10.45 -0.16 -6.00
CA VAL A 32 9.40 0.04 -5.02
C VAL A 32 8.08 0.34 -5.74
N GLU A 33 8.18 1.20 -6.74
CA GLU A 33 7.01 1.57 -7.52
C GLU A 33 6.35 0.34 -8.12
N ALA A 34 7.19 -0.56 -8.62
CA ALA A 34 6.71 -1.78 -9.22
C ALA A 34 6.02 -2.64 -8.15
N ILE A 35 6.62 -2.66 -6.98
CA ILE A 35 6.08 -3.43 -5.87
C ILE A 35 4.86 -2.70 -5.29
N LEU A 36 4.84 -1.39 -5.50
CA LEU A 36 3.75 -0.57 -5.01
C LEU A 36 2.68 -0.45 -6.09
N GLU A 37 3.04 -0.91 -7.28
CA GLU A 37 2.13 -0.86 -8.41
C GLU A 37 0.97 -1.84 -8.20
N LYS A 38 1.29 -2.95 -7.56
CA LYS A 38 0.30 -3.97 -7.28
C LYS A 38 -0.62 -3.49 -6.17
N VAL A 39 -0.02 -3.19 -5.03
CA VAL A 39 -0.78 -2.72 -3.88
C VAL A 39 -1.83 -1.73 -4.35
N GLN A 40 -1.39 -0.75 -5.12
CA GLN A 40 -2.29 0.27 -5.64
C GLN A 40 -3.62 -0.35 -6.03
N GLY A 41 -3.54 -1.44 -6.78
CA GLY A 41 -4.72 -2.14 -7.24
C GLY A 41 -5.53 -2.67 -6.04
N LEU A 42 -4.81 -3.18 -5.07
CA LEU A 42 -5.45 -3.72 -3.87
C LEU A 42 -5.93 -2.56 -2.99
N GLU A 43 -5.31 -1.41 -3.20
CA GLU A 43 -5.65 -0.23 -2.43
C GLU A 43 -7.01 0.33 -2.89
N GLN A 44 -7.16 0.44 -4.20
CA GLN A 44 -8.38 0.95 -4.78
C GLN A 44 -9.58 0.11 -4.31
N ALA A 45 -9.30 -1.17 -4.06
CA ALA A 45 -10.34 -2.08 -3.60
C ALA A 45 -10.76 -1.70 -2.18
N VAL A 46 -9.77 -1.28 -1.41
CA VAL A 46 -10.02 -0.89 -0.03
C VAL A 46 -10.98 0.30 0.00
N ASP A 47 -10.49 1.43 -0.50
CA ASP A 47 -11.29 2.63 -0.53
C ASP A 47 -12.73 2.28 -0.93
N SER A 48 -12.85 1.22 -1.72
CA SER A 48 -14.15 0.77 -2.18
C SER A 48 -14.32 -0.72 -1.87
N PHE A 49 -13.98 -1.08 -0.64
CA PHE A 49 -14.09 -2.47 -0.21
C PHE A 49 -15.37 -2.68 0.60
N GLU A 50 -15.63 -3.95 0.91
CA GLU A 50 -16.81 -4.30 1.68
C GLU A 50 -16.85 -5.81 1.90
N GLY A 51 -17.09 -6.18 3.15
CA GLY A 51 -17.17 -7.59 3.52
C GLY A 51 -16.78 -7.80 4.98
N LYS A 52 -16.09 -6.81 5.53
CA LYS A 52 -15.66 -6.87 6.92
C LYS A 52 -14.34 -7.63 6.99
N LYS A 53 -13.91 -7.88 8.22
CA LYS A 53 -12.66 -8.58 8.46
C LYS A 53 -12.92 -10.10 8.38
N THR A 54 -14.14 -10.43 8.00
CA THR A 54 -14.53 -11.83 7.87
C THR A 54 -14.56 -12.25 6.40
N ASP A 55 -14.80 -11.26 5.54
CA ASP A 55 -14.86 -11.52 4.12
C ASP A 55 -13.48 -11.96 3.62
N LYS A 56 -13.49 -12.99 2.79
CA LYS A 56 -12.26 -13.51 2.23
C LYS A 56 -11.51 -12.40 1.51
N LYS A 57 -12.23 -11.34 1.21
CA LYS A 57 -11.66 -10.20 0.51
C LYS A 57 -10.63 -9.53 1.43
N TYR A 58 -11.11 -9.13 2.60
CA TYR A 58 -10.25 -8.47 3.57
C TYR A 58 -8.97 -9.28 3.81
N LEU A 59 -9.17 -10.58 4.01
CA LEU A 59 -8.05 -11.48 4.26
C LEU A 59 -7.05 -11.36 3.10
N MET A 60 -7.58 -11.49 1.90
CA MET A 60 -6.74 -11.41 0.71
C MET A 60 -6.07 -10.04 0.61
N ILE A 61 -6.90 -9.01 0.52
CA ILE A 61 -6.40 -7.65 0.41
C ILE A 61 -5.28 -7.45 1.44
N GLU A 62 -5.59 -7.78 2.68
CA GLU A 62 -4.62 -7.65 3.76
C GLU A 62 -3.24 -8.11 3.30
N GLU A 63 -3.11 -9.42 3.16
CA GLU A 63 -1.85 -10.01 2.72
C GLU A 63 -1.39 -9.37 1.42
N TYR A 64 -2.33 -9.24 0.49
CA TYR A 64 -2.03 -8.64 -0.80
C TYR A 64 -1.31 -7.31 -0.63
N LEU A 65 -1.66 -6.61 0.42
CA LEU A 65 -1.05 -5.31 0.71
C LEU A 65 0.39 -5.53 1.17
N THR A 66 0.55 -6.46 2.09
CA THR A 66 1.87 -6.77 2.62
C THR A 66 2.78 -7.28 1.51
N LYS A 67 2.20 -8.08 0.62
CA LYS A 67 2.95 -8.63 -0.49
C LYS A 67 3.98 -7.61 -0.97
N GLU A 68 3.54 -6.37 -1.07
CA GLU A 68 4.42 -5.30 -1.51
C GLU A 68 5.38 -4.91 -0.39
N LEU A 69 4.83 -4.75 0.80
CA LEU A 69 5.62 -4.38 1.96
C LEU A 69 6.75 -5.39 2.15
N LEU A 70 6.36 -6.66 2.11
CA LEU A 70 7.33 -7.74 2.28
C LEU A 70 8.36 -7.67 1.16
N ALA A 71 7.86 -7.47 -0.06
CA ALA A 71 8.73 -7.37 -1.21
C ALA A 71 9.48 -6.04 -1.18
N LEU A 72 8.99 -5.14 -0.34
CA LEU A 72 9.61 -3.82 -0.21
C LEU A 72 10.77 -3.91 0.78
N ASP A 73 10.76 -4.97 1.57
CA ASP A 73 11.81 -5.18 2.56
C ASP A 73 13.05 -5.75 1.86
N SER A 74 12.81 -6.36 0.71
CA SER A 74 13.89 -6.95 -0.06
C SER A 74 14.69 -5.85 -0.78
N VAL A 75 14.05 -4.69 -0.88
CA VAL A 75 14.69 -3.56 -1.55
C VAL A 75 15.74 -2.96 -0.63
N ASP A 76 16.99 -3.09 -1.05
CA ASP A 76 18.11 -2.57 -0.28
C ASP A 76 18.69 -1.34 -0.98
N PRO A 77 18.52 -0.16 -0.32
CA PRO A 77 19.01 1.09 -0.87
C PRO A 77 20.53 1.18 -0.73
N GLU A 78 21.03 0.54 0.32
CA GLU A 78 22.47 0.55 0.58
C GLU A 78 22.91 1.94 0.99
N GLY A 79 21.95 2.79 1.29
CA GLY A 79 22.23 4.15 1.70
C GLY A 79 21.47 5.16 0.83
N ARG A 80 21.23 4.76 -0.41
CA ARG A 80 20.51 5.61 -1.34
C ARG A 80 19.28 6.22 -0.68
N ALA A 81 19.28 7.54 -0.60
CA ALA A 81 18.18 8.25 0.01
C ALA A 81 16.94 8.13 -0.88
N ASP A 82 17.12 8.51 -2.14
CA ASP A 82 16.02 8.44 -3.10
C ASP A 82 15.34 7.08 -3.01
N VAL A 83 16.16 6.07 -2.71
CA VAL A 83 15.65 4.71 -2.59
C VAL A 83 15.13 4.49 -1.16
N ARG A 84 15.99 4.80 -0.20
CA ARG A 84 15.64 4.64 1.20
C ARG A 84 14.28 5.28 1.47
N GLN A 85 14.05 6.42 0.83
CA GLN A 85 12.80 7.15 1.00
C GLN A 85 11.66 6.41 0.28
N ALA A 86 11.82 6.28 -1.03
CA ALA A 86 10.82 5.61 -1.84
C ALA A 86 10.30 4.38 -1.10
N ARG A 87 11.18 3.81 -0.29
CA ARG A 87 10.83 2.63 0.48
C ARG A 87 9.92 3.01 1.65
N ARG A 88 10.44 3.86 2.51
CA ARG A 88 9.69 4.32 3.67
C ARG A 88 8.41 5.03 3.21
N ASP A 89 8.51 5.72 2.09
CA ASP A 89 7.38 6.45 1.55
C ASP A 89 6.39 5.46 0.94
N GLY A 90 6.94 4.46 0.25
CA GLY A 90 6.11 3.45 -0.38
C GLY A 90 5.43 2.56 0.67
N VAL A 91 6.26 1.89 1.46
CA VAL A 91 5.75 1.01 2.50
C VAL A 91 4.67 1.74 3.30
N ARG A 92 4.91 3.02 3.52
CA ARG A 92 3.97 3.84 4.27
C ARG A 92 2.60 3.82 3.58
N LYS A 93 2.59 4.24 2.33
CA LYS A 93 1.35 4.27 1.57
C LYS A 93 0.52 3.03 1.89
N VAL A 94 1.18 1.88 1.78
CA VAL A 94 0.51 0.62 2.06
C VAL A 94 0.11 0.56 3.53
N GLN A 95 1.10 0.78 4.39
CA GLN A 95 0.85 0.77 5.82
C GLN A 95 -0.51 1.38 6.14
N THR A 96 -0.66 2.65 5.80
CA THR A 96 -1.90 3.36 6.04
C THR A 96 -3.07 2.60 5.42
N ILE A 97 -2.97 2.38 4.11
CA ILE A 97 -4.01 1.67 3.39
C ILE A 97 -4.37 0.39 4.14
N LEU A 98 -3.34 -0.27 4.64
CA LEU A 98 -3.52 -1.51 5.38
C LEU A 98 -4.40 -1.24 6.61
N GLU A 99 -4.01 -0.21 7.36
CA GLU A 99 -4.75 0.16 8.56
C GLU A 99 -6.11 0.74 8.17
N LYS A 100 -6.19 1.24 6.94
CA LYS A 100 -7.42 1.84 6.45
C LYS A 100 -8.43 0.72 6.16
N LEU A 101 -7.93 -0.34 5.53
CA LEU A 101 -8.79 -1.46 5.19
C LEU A 101 -9.66 -1.82 6.40
N GLU A 102 -8.98 -2.08 7.52
CA GLU A 102 -9.68 -2.44 8.74
C GLU A 102 -10.97 -1.62 8.87
N GLN A 103 -10.78 -0.32 9.06
CA GLN A 103 -11.91 0.58 9.20
C GLN A 103 -12.98 0.27 8.15
N LYS A 104 -12.51 -0.09 6.96
CA LYS A 104 -13.41 -0.41 5.87
C LYS A 104 -14.15 -1.71 6.20
N ALA A 105 -13.43 -2.63 6.83
CA ALA A 105 -14.02 -3.91 7.20
C ALA A 105 -14.53 -3.83 8.64
N SER A 106 -14.94 -2.63 9.02
CA SER A 106 -15.46 -2.40 10.36
C SER A 106 -16.74 -1.56 10.29
N GLY A 107 -17.21 -1.37 9.07
CA GLY A 107 -18.43 -0.60 8.85
C GLY A 107 -18.92 -0.75 7.42
N PRO A 108 -20.23 -0.44 7.23
CA PRO A 108 -20.84 -0.53 5.90
C PRO A 108 -20.40 0.63 5.01
N SER A 109 -20.52 1.83 5.55
CA SER A 109 -20.15 3.02 4.82
C SER A 109 -21.02 3.17 3.58
N SER A 110 -21.01 4.38 3.01
CA SER A 110 -21.78 4.66 1.82
C SER A 110 -21.31 3.79 0.66
N GLY A 111 -22.21 3.57 -0.29
CA GLY A 111 -21.90 2.76 -1.45
C GLY A 111 -23.06 2.76 -2.44
N GLY A 1 -8.85 -23.33 11.88
CA GLY A 1 -8.14 -22.55 12.87
C GLY A 1 -7.74 -21.18 12.31
N SER A 2 -7.92 -20.16 13.13
CA SER A 2 -7.59 -18.81 12.73
C SER A 2 -7.89 -17.83 13.87
N SER A 3 -6.89 -17.03 14.20
CA SER A 3 -7.04 -16.05 15.25
C SER A 3 -6.48 -14.70 14.81
N GLY A 4 -7.14 -13.64 15.25
CA GLY A 4 -6.73 -12.29 14.90
C GLY A 4 -7.92 -11.32 14.92
N SER A 5 -7.60 -10.06 15.14
CA SER A 5 -8.63 -9.03 15.19
C SER A 5 -7.97 -7.64 15.16
N SER A 6 -7.05 -7.44 16.08
CA SER A 6 -6.36 -6.16 16.18
C SER A 6 -7.36 -5.03 16.35
N GLY A 7 -6.83 -3.84 16.62
CA GLY A 7 -7.67 -2.67 16.79
C GLY A 7 -7.92 -1.97 15.46
N ALA A 8 -7.49 -0.72 15.40
CA ALA A 8 -7.66 0.08 14.20
C ALA A 8 -7.33 1.53 14.50
N PRO A 9 -6.02 1.88 14.32
CA PRO A 9 -5.57 3.24 14.58
C PRO A 9 -6.01 4.18 13.46
N ALA A 10 -6.04 5.46 13.78
CA ALA A 10 -6.45 6.48 12.81
C ALA A 10 -5.21 6.98 12.07
N GLU A 11 -5.38 7.17 10.77
CA GLU A 11 -4.29 7.65 9.94
C GLU A 11 -4.80 8.00 8.54
N PRO A 12 -5.06 9.32 8.33
CA PRO A 12 -5.55 9.79 7.06
C PRO A 12 -4.44 9.81 6.01
N ALA A 13 -4.84 10.02 4.76
CA ALA A 13 -3.89 10.07 3.67
C ALA A 13 -4.64 10.31 2.36
N ALA A 14 -3.90 10.24 1.26
CA ALA A 14 -4.47 10.45 -0.06
C ALA A 14 -3.40 10.23 -1.12
N PRO A 15 -3.86 10.08 -2.39
CA PRO A 15 -2.95 9.87 -3.51
C PRO A 15 -2.23 11.16 -3.88
N LYS A 16 -1.17 11.01 -4.66
CA LYS A 16 -0.40 12.16 -5.09
C LYS A 16 -0.70 12.45 -6.56
N SER A 17 -1.08 11.39 -7.28
CA SER A 17 -1.40 11.51 -8.68
C SER A 17 -0.28 12.24 -9.42
N GLY A 18 -0.49 12.46 -10.71
CA GLY A 18 0.50 13.14 -11.53
C GLY A 18 1.25 12.14 -12.42
N GLU A 19 0.57 11.68 -13.45
CA GLU A 19 1.16 10.73 -14.37
C GLU A 19 1.39 11.39 -15.74
N ALA A 20 2.54 11.07 -16.32
CA ALA A 20 2.90 11.63 -17.61
C ALA A 20 4.38 11.33 -17.90
N GLU A 21 4.92 12.06 -18.87
CA GLU A 21 6.31 11.89 -19.24
C GLU A 21 7.17 11.63 -18.00
N THR A 22 8.06 10.66 -18.13
CA THR A 22 8.94 10.30 -17.03
C THR A 22 10.33 9.93 -17.57
N PRO A 23 11.35 10.73 -17.12
CA PRO A 23 12.72 10.49 -17.55
C PRO A 23 13.31 9.27 -16.83
N PRO A 24 14.54 8.89 -17.27
CA PRO A 24 15.22 7.75 -16.68
C PRO A 24 15.80 8.10 -15.31
N LYS A 25 15.36 7.34 -14.31
CA LYS A 25 15.82 7.57 -12.95
C LYS A 25 16.47 6.29 -12.42
N HIS A 26 16.73 6.29 -11.12
CA HIS A 26 17.34 5.14 -10.48
C HIS A 26 16.32 4.00 -10.38
N PRO A 27 16.83 2.76 -10.60
CA PRO A 27 15.99 1.58 -10.55
C PRO A 27 15.64 1.22 -9.10
N GLY A 28 16.61 1.46 -8.22
CA GLY A 28 16.43 1.16 -6.82
C GLY A 28 15.14 1.78 -6.29
N VAL A 29 14.72 2.86 -6.95
CA VAL A 29 13.50 3.55 -6.56
C VAL A 29 12.31 2.92 -7.28
N LEU A 30 12.47 2.71 -8.58
CA LEU A 30 11.42 2.13 -9.39
C LEU A 30 11.12 0.72 -8.87
N LYS A 31 12.15 0.09 -8.32
CA LYS A 31 12.02 -1.26 -7.79
C LYS A 31 10.82 -1.30 -6.83
N VAL A 32 10.61 -0.19 -6.14
CA VAL A 32 9.52 -0.09 -5.19
C VAL A 32 8.24 0.26 -5.94
N GLU A 33 8.37 1.15 -6.92
CA GLU A 33 7.24 1.57 -7.72
C GLU A 33 6.53 0.35 -8.33
N ALA A 34 7.35 -0.54 -8.88
CA ALA A 34 6.82 -1.74 -9.50
C ALA A 34 6.06 -2.56 -8.45
N ILE A 35 6.64 -2.62 -7.26
CA ILE A 35 6.03 -3.36 -6.16
C ILE A 35 4.78 -2.62 -5.69
N LEU A 36 4.91 -1.30 -5.60
CA LEU A 36 3.80 -0.47 -5.15
C LEU A 36 2.76 -0.40 -6.26
N GLU A 37 3.16 -0.81 -7.45
CA GLU A 37 2.27 -0.79 -8.60
C GLU A 37 1.09 -1.73 -8.38
N LYS A 38 1.37 -2.83 -7.68
CA LYS A 38 0.34 -3.81 -7.39
C LYS A 38 -0.58 -3.27 -6.30
N VAL A 39 0.00 -3.03 -5.14
CA VAL A 39 -0.76 -2.51 -4.01
C VAL A 39 -1.78 -1.49 -4.51
N GLN A 40 -1.31 -0.59 -5.37
CA GLN A 40 -2.16 0.44 -5.93
C GLN A 40 -3.52 -0.15 -6.32
N GLY A 41 -3.46 -1.21 -7.11
CA GLY A 41 -4.66 -1.88 -7.57
C GLY A 41 -5.43 -2.49 -6.39
N LEU A 42 -4.67 -2.87 -5.37
CA LEU A 42 -5.26 -3.47 -4.18
C LEU A 42 -5.81 -2.37 -3.28
N GLU A 43 -5.30 -1.15 -3.50
CA GLU A 43 -5.73 -0.01 -2.72
C GLU A 43 -7.17 0.36 -3.06
N GLN A 44 -7.41 0.51 -4.36
CA GLN A 44 -8.73 0.86 -4.84
C GLN A 44 -9.78 -0.09 -4.27
N ALA A 45 -9.36 -1.34 -4.09
CA ALA A 45 -10.26 -2.35 -3.56
C ALA A 45 -10.62 -1.99 -2.11
N VAL A 46 -9.64 -1.44 -1.41
CA VAL A 46 -9.85 -1.06 -0.02
C VAL A 46 -10.84 0.11 0.03
N ASP A 47 -10.41 1.25 -0.50
CA ASP A 47 -11.23 2.44 -0.52
C ASP A 47 -12.66 2.05 -0.92
N SER A 48 -12.75 0.97 -1.70
CA SER A 48 -14.04 0.50 -2.16
C SER A 48 -14.23 -0.97 -1.75
N PHE A 49 -13.89 -1.25 -0.50
CA PHE A 49 -14.02 -2.60 0.03
C PHE A 49 -15.30 -2.75 0.84
N GLU A 50 -15.58 -3.98 1.21
CA GLU A 50 -16.78 -4.28 1.98
C GLU A 50 -16.58 -5.57 2.79
N GLY A 51 -17.00 -5.52 4.04
CA GLY A 51 -16.88 -6.66 4.93
C GLY A 51 -16.36 -6.25 6.30
N LYS A 52 -15.68 -7.18 6.95
CA LYS A 52 -15.14 -6.93 8.27
C LYS A 52 -13.67 -7.39 8.30
N LYS A 53 -13.21 -7.70 9.51
CA LYS A 53 -11.84 -8.15 9.69
C LYS A 53 -11.82 -9.68 9.70
N THR A 54 -12.90 -10.26 9.22
CA THR A 54 -13.02 -11.71 9.17
C THR A 54 -13.26 -12.17 7.74
N ASP A 55 -14.12 -11.45 7.04
CA ASP A 55 -14.45 -11.77 5.66
C ASP A 55 -13.18 -12.23 4.94
N LYS A 56 -13.33 -13.28 4.17
CA LYS A 56 -12.21 -13.83 3.42
C LYS A 56 -11.61 -12.73 2.53
N LYS A 57 -12.46 -11.79 2.16
CA LYS A 57 -12.04 -10.68 1.32
C LYS A 57 -10.98 -9.86 2.06
N TYR A 58 -11.33 -9.45 3.27
CA TYR A 58 -10.43 -8.67 4.09
C TYR A 58 -9.02 -9.28 4.11
N LEU A 59 -8.99 -10.59 4.29
CA LEU A 59 -7.72 -11.31 4.33
C LEU A 59 -7.07 -11.25 2.95
N MET A 60 -7.83 -11.67 1.94
CA MET A 60 -7.33 -11.67 0.58
C MET A 60 -6.59 -10.37 0.27
N ILE A 61 -7.14 -9.28 0.77
CA ILE A 61 -6.55 -7.97 0.55
C ILE A 61 -5.35 -7.80 1.49
N GLU A 62 -5.61 -8.01 2.77
CA GLU A 62 -4.58 -7.89 3.78
C GLU A 62 -3.24 -8.39 3.23
N GLU A 63 -3.30 -9.56 2.62
CA GLU A 63 -2.11 -10.17 2.04
C GLU A 63 -1.64 -9.38 0.82
N TYR A 64 -2.60 -9.07 -0.04
CA TYR A 64 -2.31 -8.32 -1.25
C TYR A 64 -1.50 -7.05 -0.93
N LEU A 65 -1.94 -6.36 0.11
CA LEU A 65 -1.28 -5.13 0.52
C LEU A 65 0.12 -5.46 1.04
N THR A 66 0.17 -5.97 2.26
CA THR A 66 1.43 -6.34 2.87
C THR A 66 2.39 -6.91 1.83
N LYS A 67 1.83 -7.71 0.93
CA LYS A 67 2.62 -8.31 -0.13
C LYS A 67 3.71 -7.34 -0.57
N GLU A 68 3.28 -6.12 -0.86
CA GLU A 68 4.21 -5.08 -1.30
C GLU A 68 5.12 -4.66 -0.14
N LEU A 69 4.50 -4.45 1.01
CA LEU A 69 5.23 -4.05 2.20
C LEU A 69 6.52 -4.87 2.29
N LEU A 70 6.37 -6.17 2.13
CA LEU A 70 7.52 -7.07 2.20
C LEU A 70 8.43 -6.81 1.00
N ALA A 71 7.82 -6.81 -0.17
CA ALA A 71 8.57 -6.58 -1.40
C ALA A 71 9.29 -5.22 -1.30
N LEU A 72 8.82 -4.40 -0.38
CA LEU A 72 9.40 -3.09 -0.17
C LEU A 72 10.65 -3.21 0.70
N ASP A 73 10.65 -4.28 1.50
CA ASP A 73 11.77 -4.53 2.41
C ASP A 73 12.83 -5.34 1.67
N SER A 74 12.36 -6.17 0.74
CA SER A 74 13.26 -7.01 -0.04
C SER A 74 14.24 -6.14 -0.82
N VAL A 75 13.88 -4.87 -0.95
CA VAL A 75 14.72 -3.92 -1.68
C VAL A 75 15.85 -3.45 -0.76
N ASP A 76 17.07 -3.55 -1.28
CA ASP A 76 18.23 -3.13 -0.51
C ASP A 76 18.81 -1.85 -1.13
N PRO A 77 18.53 -0.72 -0.45
CA PRO A 77 19.01 0.58 -0.92
C PRO A 77 20.51 0.73 -0.64
N GLU A 78 20.97 0.01 0.36
CA GLU A 78 22.38 0.07 0.74
C GLU A 78 22.66 1.34 1.52
N GLY A 79 22.49 2.46 0.85
CA GLY A 79 22.73 3.76 1.47
C GLY A 79 22.28 4.90 0.57
N ARG A 80 21.24 4.62 -0.21
CA ARG A 80 20.70 5.61 -1.12
C ARG A 80 19.46 6.28 -0.50
N ALA A 81 19.53 7.60 -0.42
CA ALA A 81 18.43 8.37 0.14
C ALA A 81 17.23 8.30 -0.80
N ASP A 82 17.44 8.75 -2.02
CA ASP A 82 16.38 8.74 -3.02
C ASP A 82 15.62 7.41 -2.94
N VAL A 83 16.37 6.35 -2.67
CA VAL A 83 15.79 5.03 -2.56
C VAL A 83 15.20 4.85 -1.16
N ARG A 84 16.06 5.01 -0.16
CA ARG A 84 15.63 4.86 1.21
C ARG A 84 14.26 5.50 1.42
N GLN A 85 14.05 6.61 0.73
CA GLN A 85 12.79 7.33 0.82
C GLN A 85 11.66 6.49 0.20
N ALA A 86 11.77 6.26 -1.10
CA ALA A 86 10.78 5.48 -1.81
C ALA A 86 10.35 4.30 -0.94
N ARG A 87 11.32 3.51 -0.53
CA ARG A 87 11.05 2.35 0.29
C ARG A 87 10.16 2.74 1.47
N ARG A 88 10.70 3.61 2.32
CA ARG A 88 9.96 4.07 3.48
C ARG A 88 8.53 4.45 3.09
N ASP A 89 8.43 5.38 2.14
CA ASP A 89 7.14 5.84 1.67
C ASP A 89 6.30 4.63 1.26
N GLY A 90 6.91 3.77 0.47
CA GLY A 90 6.23 2.57 0.00
C GLY A 90 5.70 1.74 1.17
N VAL A 91 6.59 1.46 2.11
CA VAL A 91 6.23 0.68 3.28
C VAL A 91 5.09 1.39 4.02
N ARG A 92 5.27 2.69 4.22
CA ARG A 92 4.27 3.47 4.91
C ARG A 92 2.97 3.51 4.12
N LYS A 93 3.12 3.50 2.80
CA LYS A 93 1.96 3.52 1.92
C LYS A 93 1.04 2.33 2.26
N VAL A 94 1.55 1.14 1.99
CA VAL A 94 0.79 -0.07 2.25
C VAL A 94 0.18 0.02 3.66
N GLN A 95 1.05 0.24 4.64
CA GLN A 95 0.62 0.34 6.02
C GLN A 95 -0.71 1.10 6.09
N THR A 96 -0.72 2.29 5.53
CA THR A 96 -1.92 3.11 5.53
C THR A 96 -3.08 2.37 4.88
N ILE A 97 -2.77 1.69 3.78
CA ILE A 97 -3.78 0.93 3.06
C ILE A 97 -4.25 -0.23 3.93
N LEU A 98 -3.30 -0.83 4.64
CA LEU A 98 -3.61 -1.95 5.51
C LEU A 98 -4.45 -1.46 6.69
N GLU A 99 -4.13 -0.26 7.15
CA GLU A 99 -4.85 0.33 8.26
C GLU A 99 -6.20 0.87 7.81
N LYS A 100 -6.26 1.20 6.52
CA LYS A 100 -7.49 1.72 5.94
C LYS A 100 -8.53 0.60 5.86
N LEU A 101 -8.14 -0.46 5.16
CA LEU A 101 -9.02 -1.60 4.99
C LEU A 101 -9.73 -1.89 6.31
N GLU A 102 -8.94 -1.95 7.37
CA GLU A 102 -9.49 -2.22 8.70
C GLU A 102 -10.79 -1.44 8.90
N GLN A 103 -10.64 -0.13 9.03
CA GLN A 103 -11.80 0.74 9.23
C GLN A 103 -12.84 0.48 8.15
N LYS A 104 -12.35 0.18 6.95
CA LYS A 104 -13.23 -0.08 5.83
C LYS A 104 -14.11 -1.30 6.14
N ALA A 105 -13.56 -2.19 6.95
CA ALA A 105 -14.29 -3.38 7.34
C ALA A 105 -15.03 -3.12 8.64
N SER A 106 -14.35 -2.45 9.56
CA SER A 106 -14.94 -2.14 10.85
C SER A 106 -15.86 -0.92 10.73
N GLY A 107 -16.02 -0.46 9.48
CA GLY A 107 -16.87 0.68 9.21
C GLY A 107 -18.14 0.63 10.07
N PRO A 108 -18.79 1.82 10.20
CA PRO A 108 -20.00 1.93 10.98
C PRO A 108 -21.19 1.33 10.23
N SER A 109 -21.52 1.96 9.11
CA SER A 109 -22.64 1.49 8.29
C SER A 109 -22.28 1.61 6.81
N SER A 110 -21.73 0.53 6.28
CA SER A 110 -21.34 0.50 4.88
C SER A 110 -22.49 -0.04 4.03
N GLY A 111 -22.42 0.27 2.74
CA GLY A 111 -23.45 -0.17 1.81
C GLY A 111 -22.93 -0.15 0.37
N GLY A 1 -17.49 -21.38 8.60
CA GLY A 1 -16.09 -21.32 8.95
C GLY A 1 -15.90 -20.71 10.35
N SER A 2 -14.72 -20.16 10.58
CA SER A 2 -14.40 -19.55 11.86
C SER A 2 -13.42 -18.40 11.65
N SER A 3 -13.86 -17.21 12.07
CA SER A 3 -13.03 -16.02 11.94
C SER A 3 -13.38 -15.02 13.04
N GLY A 4 -12.49 -14.07 13.24
CA GLY A 4 -12.69 -13.05 14.25
C GLY A 4 -11.87 -13.37 15.51
N SER A 5 -11.54 -12.32 16.25
CA SER A 5 -10.77 -12.47 17.46
C SER A 5 -11.06 -11.30 18.41
N SER A 6 -10.74 -10.10 17.95
CA SER A 6 -10.97 -8.90 18.73
C SER A 6 -10.92 -7.66 17.84
N GLY A 7 -9.75 -7.43 17.26
CA GLY A 7 -9.57 -6.30 16.38
C GLY A 7 -9.10 -5.07 17.16
N ALA A 8 -9.12 -3.93 16.49
CA ALA A 8 -8.70 -2.68 17.10
C ALA A 8 -9.03 -1.52 16.17
N PRO A 9 -9.13 -0.31 16.78
CA PRO A 9 -9.43 0.89 16.01
C PRO A 9 -8.22 1.36 15.21
N ALA A 10 -8.49 2.10 14.14
CA ALA A 10 -7.43 2.61 13.29
C ALA A 10 -7.72 4.08 12.96
N GLU A 11 -6.73 4.71 12.33
CA GLU A 11 -6.86 6.11 11.96
C GLU A 11 -7.32 6.23 10.51
N PRO A 12 -8.22 7.22 10.27
CA PRO A 12 -8.75 7.45 8.94
C PRO A 12 -7.71 8.15 8.05
N ALA A 13 -8.09 8.36 6.80
CA ALA A 13 -7.21 9.02 5.86
C ALA A 13 -7.75 10.41 5.55
N ALA A 14 -7.57 10.82 4.30
CA ALA A 14 -8.03 12.12 3.86
C ALA A 14 -7.45 12.43 2.48
N PRO A 15 -6.10 12.34 2.40
CA PRO A 15 -5.41 12.61 1.14
C PRO A 15 -5.58 11.45 0.16
N LYS A 16 -5.71 11.80 -1.11
CA LYS A 16 -5.88 10.80 -2.15
C LYS A 16 -4.91 11.09 -3.29
N SER A 17 -4.80 10.11 -4.19
CA SER A 17 -3.90 10.24 -5.32
C SER A 17 -4.12 9.08 -6.30
N GLY A 18 -3.60 9.25 -7.50
CA GLY A 18 -3.73 8.23 -8.52
C GLY A 18 -2.38 7.56 -8.81
N GLU A 19 -1.49 8.34 -9.40
CA GLU A 19 -0.17 7.84 -9.72
C GLU A 19 -0.27 6.55 -10.54
N ALA A 20 -0.34 6.72 -11.86
CA ALA A 20 -0.44 5.59 -12.75
C ALA A 20 0.67 5.67 -13.80
N GLU A 21 1.59 6.58 -13.56
CA GLU A 21 2.71 6.77 -14.48
C GLU A 21 4.02 6.36 -13.80
N THR A 22 4.97 5.97 -14.63
CA THR A 22 6.27 5.53 -14.14
C THR A 22 7.38 5.94 -15.12
N PRO A 23 7.94 7.15 -14.88
CA PRO A 23 9.01 7.66 -15.73
C PRO A 23 10.33 6.94 -15.45
N PRO A 24 11.27 7.07 -16.42
CA PRO A 24 12.58 6.44 -16.29
C PRO A 24 13.45 7.20 -15.29
N LYS A 25 14.03 6.45 -14.37
CA LYS A 25 14.90 7.04 -13.36
C LYS A 25 15.79 5.96 -12.76
N HIS A 26 15.86 5.95 -11.44
CA HIS A 26 16.68 4.97 -10.74
C HIS A 26 15.89 3.66 -10.60
N PRO A 27 16.63 2.53 -10.79
CA PRO A 27 16.02 1.22 -10.69
C PRO A 27 15.78 0.85 -9.22
N GLY A 28 16.70 1.27 -8.38
CA GLY A 28 16.60 0.98 -6.96
C GLY A 28 15.31 1.53 -6.38
N VAL A 29 14.88 2.67 -6.92
CA VAL A 29 13.66 3.30 -6.47
C VAL A 29 12.45 2.57 -7.05
N LEU A 30 12.45 2.46 -8.38
CA LEU A 30 11.37 1.78 -9.06
C LEU A 30 11.04 0.48 -8.33
N LYS A 31 12.08 -0.14 -7.80
CA LYS A 31 11.92 -1.39 -7.08
C LYS A 31 10.66 -1.31 -6.21
N VAL A 32 10.41 -0.10 -5.71
CA VAL A 32 9.25 0.12 -4.86
C VAL A 32 8.04 0.46 -5.73
N GLU A 33 8.28 1.32 -6.71
CA GLU A 33 7.22 1.73 -7.62
C GLU A 33 6.51 0.51 -8.20
N ALA A 34 7.30 -0.53 -8.44
CA ALA A 34 6.77 -1.77 -9.00
C ALA A 34 5.75 -2.36 -8.02
N ILE A 35 6.03 -2.15 -6.75
CA ILE A 35 5.15 -2.66 -5.70
C ILE A 35 3.98 -1.70 -5.50
N LEU A 36 4.32 -0.45 -5.21
CA LEU A 36 3.31 0.56 -5.00
C LEU A 36 2.24 0.46 -6.09
N GLU A 37 2.70 0.14 -7.30
CA GLU A 37 1.81 0.00 -8.43
C GLU A 37 0.69 -1.00 -8.11
N LYS A 38 1.09 -2.12 -7.53
CA LYS A 38 0.14 -3.16 -7.18
C LYS A 38 -0.69 -2.68 -5.97
N VAL A 39 0.01 -2.14 -4.99
CA VAL A 39 -0.63 -1.65 -3.79
C VAL A 39 -1.88 -0.86 -4.18
N GLN A 40 -1.66 0.20 -4.94
CA GLN A 40 -2.75 1.05 -5.38
C GLN A 40 -3.98 0.20 -5.74
N GLY A 41 -3.71 -0.87 -6.48
CA GLY A 41 -4.78 -1.77 -6.89
C GLY A 41 -5.55 -2.29 -5.68
N LEU A 42 -4.79 -2.68 -4.65
CA LEU A 42 -5.38 -3.22 -3.44
C LEU A 42 -6.21 -2.12 -2.76
N GLU A 43 -5.56 -0.98 -2.54
CA GLU A 43 -6.22 0.15 -1.90
C GLU A 43 -7.48 0.53 -2.69
N GLN A 44 -7.43 0.29 -3.99
CA GLN A 44 -8.56 0.60 -4.85
C GLN A 44 -9.75 -0.31 -4.52
N ALA A 45 -9.43 -1.50 -4.03
CA ALA A 45 -10.46 -2.46 -3.67
C ALA A 45 -10.91 -2.21 -2.23
N VAL A 46 -9.97 -1.77 -1.41
CA VAL A 46 -10.26 -1.48 -0.02
C VAL A 46 -11.07 -0.19 0.07
N ASP A 47 -10.57 0.83 -0.62
CA ASP A 47 -11.25 2.12 -0.63
C ASP A 47 -12.72 1.93 -0.96
N SER A 48 -13.01 0.83 -1.65
CA SER A 48 -14.36 0.51 -2.03
C SER A 48 -14.67 -0.96 -1.72
N PHE A 49 -14.20 -1.40 -0.57
CA PHE A 49 -14.41 -2.78 -0.15
C PHE A 49 -15.64 -2.88 0.75
N GLU A 50 -16.05 -4.12 0.99
CA GLU A 50 -17.21 -4.38 1.82
C GLU A 50 -17.05 -5.72 2.56
N GLY A 51 -17.35 -5.69 3.85
CA GLY A 51 -17.25 -6.88 4.67
C GLY A 51 -16.64 -6.56 6.03
N LYS A 52 -16.08 -7.58 6.66
CA LYS A 52 -15.47 -7.42 7.96
C LYS A 52 -14.11 -8.11 7.98
N LYS A 53 -13.69 -8.51 9.17
CA LYS A 53 -12.41 -9.18 9.33
C LYS A 53 -12.62 -10.69 9.24
N THR A 54 -13.78 -11.07 8.72
CA THR A 54 -14.12 -12.47 8.57
C THR A 54 -14.21 -12.85 7.09
N ASP A 55 -14.83 -11.97 6.33
CA ASP A 55 -15.00 -12.20 4.90
C ASP A 55 -13.64 -12.52 4.29
N LYS A 56 -13.58 -13.69 3.67
CA LYS A 56 -12.34 -14.14 3.03
C LYS A 56 -11.80 -13.01 2.15
N LYS A 57 -12.69 -12.39 1.40
CA LYS A 57 -12.31 -11.29 0.53
C LYS A 57 -11.30 -10.40 1.24
N TYR A 58 -11.73 -9.82 2.34
CA TYR A 58 -10.88 -8.95 3.12
C TYR A 58 -9.49 -9.57 3.30
N LEU A 59 -9.47 -10.81 3.72
CA LEU A 59 -8.22 -11.52 3.93
C LEU A 59 -7.37 -11.42 2.66
N MET A 60 -7.99 -11.76 1.54
CA MET A 60 -7.30 -11.73 0.26
C MET A 60 -6.52 -10.42 0.10
N ILE A 61 -7.20 -9.32 0.44
CA ILE A 61 -6.58 -8.00 0.33
C ILE A 61 -5.39 -7.93 1.28
N GLU A 62 -5.69 -7.99 2.56
CA GLU A 62 -4.65 -7.93 3.58
C GLU A 62 -3.38 -8.62 3.09
N GLU A 63 -3.51 -9.92 2.83
CA GLU A 63 -2.38 -10.70 2.35
C GLU A 63 -1.57 -9.90 1.33
N TYR A 64 -2.23 -9.55 0.25
CA TYR A 64 -1.58 -8.78 -0.81
C TYR A 64 -0.90 -7.54 -0.24
N LEU A 65 -1.66 -6.80 0.55
CA LEU A 65 -1.16 -5.59 1.17
C LEU A 65 0.22 -5.87 1.78
N THR A 66 0.18 -6.57 2.90
CA THR A 66 1.42 -6.92 3.60
C THR A 66 2.42 -7.54 2.64
N LYS A 67 1.93 -8.49 1.84
CA LYS A 67 2.77 -9.17 0.87
C LYS A 67 3.66 -8.14 0.16
N GLU A 68 3.05 -6.99 -0.12
CA GLU A 68 3.77 -5.92 -0.80
C GLU A 68 4.79 -5.28 0.16
N LEU A 69 4.36 -5.12 1.40
CA LEU A 69 5.22 -4.52 2.41
C LEU A 69 6.56 -5.26 2.44
N LEU A 70 6.47 -6.58 2.57
CA LEU A 70 7.67 -7.41 2.61
C LEU A 70 8.48 -7.18 1.34
N ALA A 71 7.78 -6.84 0.27
CA ALA A 71 8.42 -6.59 -1.01
C ALA A 71 9.01 -5.18 -1.02
N LEU A 72 8.55 -4.37 -0.06
CA LEU A 72 9.02 -3.00 0.05
C LEU A 72 10.32 -2.98 0.84
N ASP A 73 10.47 -3.97 1.71
CA ASP A 73 11.66 -4.07 2.53
C ASP A 73 12.64 -5.06 1.89
N SER A 74 12.10 -5.86 0.97
CA SER A 74 12.91 -6.85 0.28
C SER A 74 13.97 -6.14 -0.57
N VAL A 75 13.58 -5.02 -1.14
CA VAL A 75 14.49 -4.26 -1.98
C VAL A 75 15.67 -3.77 -1.13
N ASP A 76 16.82 -3.70 -1.77
CA ASP A 76 18.03 -3.26 -1.09
C ASP A 76 18.46 -1.90 -1.65
N PRO A 77 18.45 -0.88 -0.74
CA PRO A 77 18.83 0.47 -1.12
C PRO A 77 20.34 0.58 -1.30
N GLU A 78 21.06 -0.29 -0.60
CA GLU A 78 22.51 -0.30 -0.67
C GLU A 78 23.07 1.00 -0.08
N GLY A 79 22.20 1.75 0.56
CA GLY A 79 22.60 3.00 1.18
C GLY A 79 22.01 4.20 0.41
N ARG A 80 21.77 3.98 -0.87
CA ARG A 80 21.22 5.02 -1.72
C ARG A 80 19.94 5.59 -1.09
N ALA A 81 20.05 6.84 -0.65
CA ALA A 81 18.91 7.51 -0.04
C ALA A 81 17.71 7.45 -0.99
N ASP A 82 17.95 7.92 -2.20
CA ASP A 82 16.90 7.93 -3.22
C ASP A 82 16.10 6.64 -3.12
N VAL A 83 16.82 5.53 -3.11
CA VAL A 83 16.18 4.22 -3.03
C VAL A 83 15.42 4.12 -1.70
N ARG A 84 16.15 4.24 -0.62
CA ARG A 84 15.55 4.17 0.70
C ARG A 84 14.29 5.03 0.77
N GLN A 85 14.42 6.25 0.26
CA GLN A 85 13.30 7.17 0.25
C GLN A 85 12.02 6.46 -0.18
N ALA A 86 12.03 5.97 -1.41
CA ALA A 86 10.88 5.26 -1.95
C ALA A 86 10.58 4.04 -1.07
N ARG A 87 11.62 3.26 -0.83
CA ARG A 87 11.49 2.06 -0.01
C ARG A 87 10.85 2.42 1.34
N ARG A 88 10.95 3.69 1.69
CA ARG A 88 10.40 4.16 2.95
C ARG A 88 9.02 4.78 2.72
N ASP A 89 8.98 5.78 1.86
CA ASP A 89 7.74 6.46 1.54
C ASP A 89 6.70 5.42 1.10
N GLY A 90 7.13 4.55 0.20
CA GLY A 90 6.25 3.51 -0.31
C GLY A 90 5.65 2.69 0.83
N VAL A 91 6.53 2.32 1.76
CA VAL A 91 6.10 1.53 2.91
C VAL A 91 4.99 2.27 3.65
N ARG A 92 5.19 3.57 3.81
CA ARG A 92 4.21 4.40 4.49
C ARG A 92 2.91 4.48 3.68
N LYS A 93 3.07 4.44 2.37
CA LYS A 93 1.92 4.50 1.47
C LYS A 93 1.07 3.25 1.65
N VAL A 94 1.74 2.10 1.56
CA VAL A 94 1.06 0.83 1.72
C VAL A 94 0.45 0.74 3.11
N GLN A 95 1.29 0.97 4.11
CA GLN A 95 0.84 0.92 5.50
C GLN A 95 -0.51 1.62 5.63
N THR A 96 -0.52 2.90 5.27
CA THR A 96 -1.74 3.69 5.35
C THR A 96 -2.94 2.87 4.89
N ILE A 97 -2.77 2.23 3.74
CA ILE A 97 -3.83 1.41 3.18
C ILE A 97 -4.22 0.33 4.18
N LEU A 98 -3.21 -0.40 4.65
CA LEU A 98 -3.44 -1.47 5.61
C LEU A 98 -4.33 -0.95 6.74
N GLU A 99 -4.25 0.36 6.95
CA GLU A 99 -5.04 0.99 8.00
C GLU A 99 -6.41 1.40 7.46
N LYS A 100 -6.46 1.65 6.17
CA LYS A 100 -7.69 2.04 5.52
C LYS A 100 -8.56 0.79 5.29
N LEU A 101 -7.93 -0.25 4.77
CA LEU A 101 -8.62 -1.49 4.51
C LEU A 101 -9.10 -2.09 5.83
N GLU A 102 -8.14 -2.41 6.68
CA GLU A 102 -8.45 -2.99 7.98
C GLU A 102 -9.72 -2.36 8.55
N GLN A 103 -9.83 -1.05 8.38
CA GLN A 103 -10.98 -0.32 8.87
C GLN A 103 -12.22 -0.65 8.03
N LYS A 104 -12.02 -0.65 6.72
CA LYS A 104 -13.10 -0.93 5.79
C LYS A 104 -13.93 -2.10 6.34
N ALA A 105 -13.22 -3.15 6.75
CA ALA A 105 -13.88 -4.33 7.28
C ALA A 105 -14.57 -3.96 8.60
N SER A 106 -13.80 -3.33 9.48
CA SER A 106 -14.33 -2.92 10.77
C SER A 106 -15.39 -1.83 10.59
N GLY A 107 -16.63 -2.21 10.86
CA GLY A 107 -17.74 -1.28 10.74
C GLY A 107 -18.48 -1.48 9.41
N PRO A 108 -19.83 -1.54 9.51
CA PRO A 108 -20.66 -1.73 8.34
C PRO A 108 -20.74 -0.45 7.50
N SER A 109 -20.26 -0.55 6.27
CA SER A 109 -20.27 0.58 5.37
C SER A 109 -20.88 0.18 4.04
N SER A 110 -21.46 1.17 3.36
CA SER A 110 -22.08 0.93 2.07
C SER A 110 -21.00 0.72 1.00
N GLY A 111 -20.12 1.70 0.89
CA GLY A 111 -19.04 1.63 -0.08
C GLY A 111 -18.97 2.92 -0.91
N GLY A 1 2.78 -18.56 -0.57
CA GLY A 1 2.78 -18.48 0.88
C GLY A 1 1.67 -17.55 1.38
N SER A 2 1.63 -17.36 2.69
CA SER A 2 0.63 -16.50 3.30
C SER A 2 1.04 -16.17 4.74
N SER A 3 1.08 -14.88 5.03
CA SER A 3 1.45 -14.41 6.35
C SER A 3 1.33 -12.90 6.43
N GLY A 4 1.08 -12.41 7.64
CA GLY A 4 0.95 -10.98 7.86
C GLY A 4 2.24 -10.39 8.44
N SER A 5 2.18 -9.09 8.73
CA SER A 5 3.34 -8.41 9.28
C SER A 5 2.97 -6.95 9.57
N SER A 6 3.82 -6.31 10.37
CA SER A 6 3.60 -4.92 10.74
C SER A 6 4.94 -4.24 11.03
N GLY A 7 4.99 -2.95 10.72
CA GLY A 7 6.20 -2.17 10.95
C GLY A 7 5.87 -0.80 11.53
N ALA A 8 6.85 0.08 11.48
CA ALA A 8 6.68 1.43 12.00
C ALA A 8 7.03 2.44 10.91
N PRO A 9 5.96 3.05 10.34
CA PRO A 9 6.14 4.04 9.28
C PRO A 9 6.65 5.38 9.86
N ALA A 10 6.99 6.28 8.96
CA ALA A 10 7.48 7.59 9.36
C ALA A 10 7.66 8.46 8.12
N GLU A 11 7.94 9.73 8.36
CA GLU A 11 8.14 10.68 7.29
C GLU A 11 6.96 10.61 6.30
N PRO A 12 5.95 11.49 6.55
CA PRO A 12 4.78 11.54 5.70
C PRO A 12 5.08 12.22 4.36
N ALA A 13 4.56 11.63 3.31
CA ALA A 13 4.78 12.18 1.97
C ALA A 13 4.09 11.28 0.94
N ALA A 14 3.40 11.92 0.01
CA ALA A 14 2.69 11.20 -1.03
C ALA A 14 1.67 12.14 -1.69
N PRO A 15 2.20 13.04 -2.56
CA PRO A 15 1.34 13.99 -3.26
C PRO A 15 0.58 13.31 -4.38
N LYS A 16 -0.15 12.26 -4.01
CA LYS A 16 -0.94 11.52 -4.98
C LYS A 16 -0.13 11.36 -6.28
N SER A 17 0.65 10.29 -6.32
CA SER A 17 1.47 10.01 -7.48
C SER A 17 1.36 8.53 -7.86
N GLY A 18 1.10 8.30 -9.13
CA GLY A 18 0.96 6.94 -9.63
C GLY A 18 0.66 6.94 -11.13
N GLU A 19 -0.59 7.23 -11.47
CA GLU A 19 -1.00 7.28 -12.85
C GLU A 19 -0.24 8.36 -13.61
N ALA A 20 0.90 7.97 -14.15
CA ALA A 20 1.74 8.90 -14.90
C ALA A 20 2.90 8.13 -15.53
N GLU A 21 3.30 8.58 -16.72
CA GLU A 21 4.39 7.95 -17.42
C GLU A 21 5.53 7.61 -16.46
N THR A 22 6.42 6.75 -16.92
CA THR A 22 7.55 6.33 -16.12
C THR A 22 8.86 6.55 -16.88
N PRO A 23 9.44 7.75 -16.68
CA PRO A 23 10.69 8.11 -17.34
C PRO A 23 11.88 7.39 -16.69
N PRO A 24 13.07 7.53 -17.33
CA PRO A 24 14.27 6.91 -16.83
C PRO A 24 14.81 7.66 -15.60
N LYS A 25 14.96 6.92 -14.52
CA LYS A 25 15.46 7.50 -13.28
C LYS A 25 16.36 6.49 -12.58
N HIS A 26 16.05 6.22 -11.32
CA HIS A 26 16.83 5.28 -10.54
C HIS A 26 16.09 3.94 -10.46
N PRO A 27 16.89 2.84 -10.64
CA PRO A 27 16.33 1.51 -10.60
C PRO A 27 16.00 1.08 -9.17
N GLY A 28 16.88 1.48 -8.26
CA GLY A 28 16.69 1.14 -6.86
C GLY A 28 15.35 1.65 -6.34
N VAL A 29 14.86 2.68 -7.00
CA VAL A 29 13.57 3.27 -6.64
C VAL A 29 12.45 2.51 -7.32
N LEU A 30 12.55 2.42 -8.64
CA LEU A 30 11.55 1.72 -9.43
C LEU A 30 11.19 0.40 -8.74
N LYS A 31 12.20 -0.20 -8.12
CA LYS A 31 12.01 -1.46 -7.42
C LYS A 31 10.81 -1.33 -6.46
N VAL A 32 10.69 -0.13 -5.89
CA VAL A 32 9.60 0.13 -4.95
C VAL A 32 8.37 0.58 -5.74
N GLU A 33 8.60 1.51 -6.66
CA GLU A 33 7.52 2.03 -7.47
C GLU A 33 6.78 0.89 -8.19
N ALA A 34 7.55 -0.13 -8.54
CA ALA A 34 6.99 -1.29 -9.22
C ALA A 34 5.96 -1.95 -8.31
N ILE A 35 6.24 -1.93 -7.03
CA ILE A 35 5.35 -2.53 -6.05
C ILE A 35 4.21 -1.55 -5.74
N LEU A 36 4.59 -0.30 -5.51
CA LEU A 36 3.62 0.73 -5.21
C LEU A 36 2.47 0.66 -6.22
N GLU A 37 2.85 0.62 -7.49
CA GLU A 37 1.87 0.56 -8.56
C GLU A 37 0.83 -0.51 -8.25
N LYS A 38 1.29 -1.60 -7.66
CA LYS A 38 0.41 -2.70 -7.31
C LYS A 38 -0.41 -2.31 -6.08
N VAL A 39 0.27 -1.74 -5.11
CA VAL A 39 -0.39 -1.32 -3.87
C VAL A 39 -1.70 -0.61 -4.22
N GLN A 40 -1.57 0.48 -4.95
CA GLN A 40 -2.73 1.26 -5.35
C GLN A 40 -3.90 0.34 -5.69
N GLY A 41 -3.60 -0.65 -6.51
CA GLY A 41 -4.62 -1.62 -6.93
C GLY A 41 -5.32 -2.21 -5.71
N LEU A 42 -4.52 -2.59 -4.72
CA LEU A 42 -5.06 -3.17 -3.50
C LEU A 42 -5.95 -2.15 -2.80
N GLU A 43 -5.37 -0.99 -2.53
CA GLU A 43 -6.09 0.08 -1.85
C GLU A 43 -7.37 0.42 -2.63
N GLN A 44 -7.28 0.28 -3.95
CA GLN A 44 -8.41 0.57 -4.81
C GLN A 44 -9.56 -0.39 -4.50
N ALA A 45 -9.20 -1.57 -4.03
CA ALA A 45 -10.19 -2.58 -3.70
C ALA A 45 -10.73 -2.31 -2.29
N VAL A 46 -9.82 -1.94 -1.40
CA VAL A 46 -10.20 -1.65 -0.02
C VAL A 46 -11.09 -0.42 0.01
N ASP A 47 -10.62 0.64 -0.63
CA ASP A 47 -11.37 1.89 -0.68
C ASP A 47 -12.74 1.63 -1.29
N SER A 48 -12.83 0.54 -2.05
CA SER A 48 -14.08 0.17 -2.69
C SER A 48 -14.45 -1.27 -2.31
N PHE A 49 -14.08 -1.64 -1.10
CA PHE A 49 -14.36 -2.99 -0.61
C PHE A 49 -15.60 -2.98 0.28
N GLU A 50 -16.07 -4.19 0.58
CA GLU A 50 -17.25 -4.34 1.42
C GLU A 50 -17.18 -5.66 2.20
N GLY A 51 -17.34 -5.56 3.50
CA GLY A 51 -17.30 -6.72 4.37
C GLY A 51 -16.82 -6.35 5.77
N LYS A 52 -16.26 -7.35 6.44
CA LYS A 52 -15.75 -7.14 7.79
C LYS A 52 -14.35 -7.75 7.90
N LYS A 53 -13.91 -7.91 9.14
CA LYS A 53 -12.59 -8.47 9.39
C LYS A 53 -12.66 -10.00 9.30
N THR A 54 -13.84 -10.48 8.93
CA THR A 54 -14.05 -11.91 8.80
C THR A 54 -14.18 -12.29 7.32
N ASP A 55 -14.62 -11.33 6.52
CA ASP A 55 -14.79 -11.56 5.10
C ASP A 55 -13.50 -12.13 4.52
N LYS A 56 -13.64 -13.23 3.81
CA LYS A 56 -12.49 -13.88 3.20
C LYS A 56 -11.76 -12.89 2.30
N LYS A 57 -12.55 -12.00 1.70
CA LYS A 57 -12.00 -10.99 0.81
C LYS A 57 -11.00 -10.13 1.58
N TYR A 58 -11.48 -9.59 2.69
CA TYR A 58 -10.64 -8.73 3.52
C TYR A 58 -9.27 -9.37 3.76
N LEU A 59 -9.30 -10.63 4.17
CA LEU A 59 -8.07 -11.36 4.42
C LEU A 59 -7.17 -11.29 3.19
N MET A 60 -7.74 -11.65 2.05
CA MET A 60 -7.00 -11.62 0.81
C MET A 60 -6.26 -10.30 0.63
N ILE A 61 -6.99 -9.21 0.85
CA ILE A 61 -6.42 -7.89 0.72
C ILE A 61 -5.37 -7.68 1.80
N GLU A 62 -5.72 -8.07 3.01
CA GLU A 62 -4.82 -7.94 4.14
C GLU A 62 -3.48 -8.61 3.83
N GLU A 63 -3.56 -9.89 3.47
CA GLU A 63 -2.37 -10.65 3.15
C GLU A 63 -1.65 -10.02 1.95
N TYR A 64 -2.44 -9.53 1.02
CA TYR A 64 -1.89 -8.90 -0.17
C TYR A 64 -1.06 -7.66 0.19
N LEU A 65 -1.72 -6.71 0.83
CA LEU A 65 -1.05 -5.48 1.23
C LEU A 65 0.36 -5.82 1.71
N THR A 66 0.47 -6.91 2.45
CA THR A 66 1.75 -7.34 2.97
C THR A 66 2.70 -7.71 1.83
N LYS A 67 2.20 -8.54 0.93
CA LYS A 67 2.98 -8.97 -0.22
C LYS A 67 3.82 -7.79 -0.72
N GLU A 68 3.20 -6.62 -0.71
CA GLU A 68 3.88 -5.42 -1.16
C GLU A 68 4.75 -4.84 -0.04
N LEU A 69 4.21 -4.89 1.17
CA LEU A 69 4.92 -4.38 2.32
C LEU A 69 6.20 -5.20 2.54
N LEU A 70 6.05 -6.51 2.45
CA LEU A 70 7.17 -7.41 2.62
C LEU A 70 8.07 -7.34 1.39
N ALA A 71 7.44 -7.13 0.24
CA ALA A 71 8.18 -7.04 -1.01
C ALA A 71 8.95 -5.72 -1.05
N LEU A 72 8.70 -4.90 -0.04
CA LEU A 72 9.37 -3.61 0.04
C LEU A 72 10.59 -3.74 0.96
N ASP A 73 10.57 -4.77 1.79
CA ASP A 73 11.67 -5.02 2.70
C ASP A 73 12.79 -5.73 1.97
N SER A 74 12.42 -6.45 0.92
CA SER A 74 13.38 -7.19 0.13
C SER A 74 14.29 -6.21 -0.63
N VAL A 75 13.87 -4.96 -0.64
CA VAL A 75 14.63 -3.92 -1.32
C VAL A 75 15.77 -3.47 -0.41
N ASP A 76 16.97 -3.43 -1.00
CA ASP A 76 18.15 -3.02 -0.25
C ASP A 76 18.77 -1.80 -0.93
N PRO A 77 18.69 -0.64 -0.20
CA PRO A 77 19.24 0.60 -0.72
C PRO A 77 20.77 0.60 -0.65
N GLU A 78 21.28 -0.01 0.41
CA GLU A 78 22.72 -0.08 0.61
C GLU A 78 23.28 1.28 0.98
N GLY A 79 22.36 2.21 1.23
CA GLY A 79 22.76 3.56 1.60
C GLY A 79 22.45 4.54 0.47
N ARG A 80 21.18 4.61 0.10
CA ARG A 80 20.75 5.50 -0.96
C ARG A 80 19.41 6.14 -0.60
N ALA A 81 19.48 7.41 -0.22
CA ALA A 81 18.28 8.14 0.15
C ALA A 81 17.19 7.89 -0.89
N ASP A 82 17.53 8.17 -2.14
CA ASP A 82 16.59 7.97 -3.23
C ASP A 82 15.83 6.66 -3.02
N VAL A 83 16.57 5.57 -3.00
CA VAL A 83 15.98 4.27 -2.80
C VAL A 83 15.27 4.22 -1.44
N ARG A 84 16.04 4.52 -0.41
CA ARG A 84 15.48 4.53 0.94
C ARG A 84 14.12 5.22 0.96
N GLN A 85 14.16 6.53 0.74
CA GLN A 85 12.93 7.31 0.73
C GLN A 85 11.81 6.53 0.05
N ALA A 86 12.04 6.17 -1.20
CA ALA A 86 11.07 5.42 -1.96
C ALA A 86 10.68 4.15 -1.20
N ARG A 87 11.71 3.51 -0.64
CA ARG A 87 11.50 2.29 0.12
C ARG A 87 10.54 2.53 1.28
N ARG A 88 10.62 3.74 1.81
CA ARG A 88 9.76 4.12 2.93
C ARG A 88 8.43 4.68 2.41
N ASP A 89 8.53 5.67 1.53
CA ASP A 89 7.36 6.29 0.95
C ASP A 89 6.33 5.20 0.61
N GLY A 90 6.76 4.27 -0.23
CA GLY A 90 5.90 3.18 -0.65
C GLY A 90 5.33 2.43 0.56
N VAL A 91 6.25 1.94 1.39
CA VAL A 91 5.85 1.20 2.59
C VAL A 91 4.83 2.04 3.37
N ARG A 92 5.10 3.32 3.44
CA ARG A 92 4.23 4.24 4.16
C ARG A 92 2.83 4.23 3.53
N LYS A 93 2.82 4.03 2.23
CA LYS A 93 1.56 4.01 1.50
C LYS A 93 0.80 2.72 1.82
N VAL A 94 1.49 1.60 1.58
CA VAL A 94 0.90 0.30 1.85
C VAL A 94 0.43 0.24 3.31
N GLN A 95 1.28 0.73 4.19
CA GLN A 95 0.96 0.75 5.61
C GLN A 95 -0.40 1.40 5.84
N THR A 96 -0.51 2.63 5.38
CA THR A 96 -1.75 3.38 5.53
C THR A 96 -2.94 2.56 5.01
N ILE A 97 -2.76 2.03 3.81
CA ILE A 97 -3.80 1.23 3.18
C ILE A 97 -4.19 0.08 4.13
N LEU A 98 -3.18 -0.64 4.58
CA LEU A 98 -3.40 -1.75 5.49
C LEU A 98 -4.35 -1.32 6.61
N GLU A 99 -4.14 -0.10 7.07
CA GLU A 99 -4.97 0.46 8.13
C GLU A 99 -6.35 0.84 7.58
N LYS A 100 -6.38 1.14 6.29
CA LYS A 100 -7.61 1.53 5.63
C LYS A 100 -8.54 0.32 5.53
N LEU A 101 -8.11 -0.64 4.72
CA LEU A 101 -8.88 -1.85 4.52
C LEU A 101 -9.53 -2.25 5.85
N GLU A 102 -8.73 -2.25 6.90
CA GLU A 102 -9.21 -2.61 8.23
C GLU A 102 -10.52 -1.87 8.53
N GLN A 103 -10.40 -0.56 8.65
CA GLN A 103 -11.57 0.27 8.94
C GLN A 103 -12.65 0.04 7.88
N LYS A 104 -12.20 -0.21 6.67
CA LYS A 104 -13.11 -0.45 5.56
C LYS A 104 -13.98 -1.67 5.87
N ALA A 105 -13.37 -2.64 6.54
CA ALA A 105 -14.07 -3.86 6.90
C ALA A 105 -14.61 -3.72 8.32
N SER A 106 -15.21 -2.57 8.58
CA SER A 106 -15.78 -2.30 9.90
C SER A 106 -17.09 -1.51 9.74
N GLY A 107 -17.57 -1.46 8.50
CA GLY A 107 -18.80 -0.75 8.22
C GLY A 107 -19.20 -0.92 6.75
N PRO A 108 -20.44 -0.47 6.43
CA PRO A 108 -20.96 -0.57 5.08
C PRO A 108 -20.30 0.46 4.16
N SER A 109 -20.31 1.71 4.63
CA SER A 109 -19.73 2.80 3.86
C SER A 109 -19.78 4.09 4.67
N SER A 110 -18.69 4.85 4.60
CA SER A 110 -18.61 6.11 5.32
C SER A 110 -18.11 7.21 4.38
N GLY A 111 -19.07 7.94 3.82
CA GLY A 111 -18.75 9.03 2.90
C GLY A 111 -17.58 8.65 2.00
#